data_4CYH
# 
_entry.id   4CYH 
# 
_audit_conform.dict_name       mmcif_pdbx.dic 
_audit_conform.dict_version    5.387 
_audit_conform.dict_location   http://mmcif.pdb.org/dictionaries/ascii/mmcif_pdbx.dic 
# 
loop_
_database_2.database_id 
_database_2.database_code 
_database_2.pdbx_database_accession 
_database_2.pdbx_DOI 
PDB   4CYH         pdb_00004cyh 10.2210/pdb4cyh/pdb 
WWPDB D_1000179295 ?            ?                   
# 
loop_
_pdbx_audit_revision_history.ordinal 
_pdbx_audit_revision_history.data_content_type 
_pdbx_audit_revision_history.major_revision 
_pdbx_audit_revision_history.minor_revision 
_pdbx_audit_revision_history.revision_date 
1 'Structure model' 1 0 1996-07-11 
2 'Structure model' 1 1 2008-03-25 
3 'Structure model' 1 2 2011-07-13 
4 'Structure model' 1 3 2017-11-29 
5 'Structure model' 1 4 2024-02-28 
# 
_pdbx_audit_revision_details.ordinal             1 
_pdbx_audit_revision_details.revision_ordinal    1 
_pdbx_audit_revision_details.data_content_type   'Structure model' 
_pdbx_audit_revision_details.provider            repository 
_pdbx_audit_revision_details.type                'Initial release' 
_pdbx_audit_revision_details.description         ? 
_pdbx_audit_revision_details.details             ? 
# 
loop_
_pdbx_audit_revision_group.ordinal 
_pdbx_audit_revision_group.revision_ordinal 
_pdbx_audit_revision_group.data_content_type 
_pdbx_audit_revision_group.group 
1 2 'Structure model' 'Version format compliance' 
2 3 'Structure model' 'Version format compliance' 
3 4 'Structure model' 'Derived calculations'      
4 4 'Structure model' Other                       
5 5 'Structure model' 'Data collection'           
6 5 'Structure model' 'Database references'       
7 5 'Structure model' 'Derived calculations'      
# 
loop_
_pdbx_audit_revision_category.ordinal 
_pdbx_audit_revision_category.revision_ordinal 
_pdbx_audit_revision_category.data_content_type 
_pdbx_audit_revision_category.category 
1 4 'Structure model' pdbx_database_status 
2 4 'Structure model' struct_conf          
3 4 'Structure model' struct_conf_type     
4 5 'Structure model' chem_comp_atom       
5 5 'Structure model' chem_comp_bond       
6 5 'Structure model' database_2           
7 5 'Structure model' struct_conn          
8 5 'Structure model' struct_site          
# 
loop_
_pdbx_audit_revision_item.ordinal 
_pdbx_audit_revision_item.revision_ordinal 
_pdbx_audit_revision_item.data_content_type 
_pdbx_audit_revision_item.item 
1 4 'Structure model' '_pdbx_database_status.process_site'  
2 5 'Structure model' '_database_2.pdbx_DOI'                
3 5 'Structure model' '_database_2.pdbx_database_accession' 
4 5 'Structure model' '_struct_conn.pdbx_leaving_atom_flag' 
5 5 'Structure model' '_struct_site.pdbx_auth_asym_id'      
6 5 'Structure model' '_struct_site.pdbx_auth_comp_id'      
7 5 'Structure model' '_struct_site.pdbx_auth_seq_id'       
# 
_pdbx_database_status.status_code                     REL 
_pdbx_database_status.entry_id                        4CYH 
_pdbx_database_status.recvd_initial_deposition_date   1996-02-27 
_pdbx_database_status.deposit_site                    ? 
_pdbx_database_status.process_site                    BNL 
_pdbx_database_status.SG_entry                        . 
_pdbx_database_status.status_code_sf                  ? 
_pdbx_database_status.status_code_mr                  ? 
_pdbx_database_status.pdb_format_compatible           Y 
_pdbx_database_status.status_code_cs                  ? 
_pdbx_database_status.methods_development_category    ? 
_pdbx_database_status.status_code_nmr_data            ? 
# 
loop_
_audit_author.name 
_audit_author.pdbx_ordinal 
'Zhao, Y.' 1 
'Ke, H.'   2 
# 
_citation.id                        primary 
_citation.title                     'Mechanistic implication of crystal structures of the cyclophilin-dipeptide complexes.' 
_citation.journal_abbrev            Biochemistry 
_citation.journal_volume            35 
_citation.page_first                7362 
_citation.page_last                 7368 
_citation.year                      1996 
_citation.journal_id_ASTM           BICHAW 
_citation.country                   US 
_citation.journal_id_ISSN           0006-2960 
_citation.journal_id_CSD            0033 
_citation.book_publisher            ? 
_citation.pdbx_database_id_PubMed   8652512 
_citation.pdbx_database_id_DOI      10.1021/bi960278x 
# 
loop_
_citation_author.citation_id 
_citation_author.name 
_citation_author.ordinal 
_citation_author.identifier_ORCID 
primary 'Zhao, Y.' 1 ? 
primary 'Ke, H.'   2 ? 
# 
loop_
_entity.id 
_entity.type 
_entity.src_method 
_entity.pdbx_description 
_entity.formula_weight 
_entity.pdbx_number_of_molecules 
_entity.pdbx_ec 
_entity.pdbx_mutation 
_entity.pdbx_fragment 
_entity.details 
1 polymer     man 'CYCLOPHILIN A' 17905.307 1  5.2.1.8 ? ? ? 
2 non-polymer syn HISTIDINE       156.162   1  ?       ? ? ? 
3 non-polymer syn PROLINE         115.130   1  ?       ? ? ? 
4 water       nat water           18.015    48 ?       ? ? ? 
# 
_entity_poly.entity_id                      1 
_entity_poly.type                           'polypeptide(L)' 
_entity_poly.nstd_linkage                   no 
_entity_poly.nstd_monomer                   no 
_entity_poly.pdbx_seq_one_letter_code       
;VNPTVFFDIAVDGEPLGRVSFELFADKVPKTAENFRALSTGEKGFGYKGSCFHRIIPGFMCQGGDFTRHNGTGGKSIYGE
KFEDENFILKHTGPGILSMANAGPNTNGSQFFICTAKTEWLDGKHVVFGKVKEGMNIVEAMERFGSRNGKTSKKITIADC
GQLE
;
_entity_poly.pdbx_seq_one_letter_code_can   
;VNPTVFFDIAVDGEPLGRVSFELFADKVPKTAENFRALSTGEKGFGYKGSCFHRIIPGFMCQGGDFTRHNGTGGKSIYGE
KFEDENFILKHTGPGILSMANAGPNTNGSQFFICTAKTEWLDGKHVVFGKVKEGMNIVEAMERFGSRNGKTSKKITIADC
GQLE
;
_entity_poly.pdbx_strand_id                 A 
_entity_poly.pdbx_target_identifier         ? 
# 
loop_
_pdbx_entity_nonpoly.entity_id 
_pdbx_entity_nonpoly.name 
_pdbx_entity_nonpoly.comp_id 
2 HISTIDINE HIS 
3 PROLINE   PRO 
4 water     HOH 
# 
loop_
_entity_poly_seq.entity_id 
_entity_poly_seq.num 
_entity_poly_seq.mon_id 
_entity_poly_seq.hetero 
1 1   VAL n 
1 2   ASN n 
1 3   PRO n 
1 4   THR n 
1 5   VAL n 
1 6   PHE n 
1 7   PHE n 
1 8   ASP n 
1 9   ILE n 
1 10  ALA n 
1 11  VAL n 
1 12  ASP n 
1 13  GLY n 
1 14  GLU n 
1 15  PRO n 
1 16  LEU n 
1 17  GLY n 
1 18  ARG n 
1 19  VAL n 
1 20  SER n 
1 21  PHE n 
1 22  GLU n 
1 23  LEU n 
1 24  PHE n 
1 25  ALA n 
1 26  ASP n 
1 27  LYS n 
1 28  VAL n 
1 29  PRO n 
1 30  LYS n 
1 31  THR n 
1 32  ALA n 
1 33  GLU n 
1 34  ASN n 
1 35  PHE n 
1 36  ARG n 
1 37  ALA n 
1 38  LEU n 
1 39  SER n 
1 40  THR n 
1 41  GLY n 
1 42  GLU n 
1 43  LYS n 
1 44  GLY n 
1 45  PHE n 
1 46  GLY n 
1 47  TYR n 
1 48  LYS n 
1 49  GLY n 
1 50  SER n 
1 51  CYS n 
1 52  PHE n 
1 53  HIS n 
1 54  ARG n 
1 55  ILE n 
1 56  ILE n 
1 57  PRO n 
1 58  GLY n 
1 59  PHE n 
1 60  MET n 
1 61  CYS n 
1 62  GLN n 
1 63  GLY n 
1 64  GLY n 
1 65  ASP n 
1 66  PHE n 
1 67  THR n 
1 68  ARG n 
1 69  HIS n 
1 70  ASN n 
1 71  GLY n 
1 72  THR n 
1 73  GLY n 
1 74  GLY n 
1 75  LYS n 
1 76  SER n 
1 77  ILE n 
1 78  TYR n 
1 79  GLY n 
1 80  GLU n 
1 81  LYS n 
1 82  PHE n 
1 83  GLU n 
1 84  ASP n 
1 85  GLU n 
1 86  ASN n 
1 87  PHE n 
1 88  ILE n 
1 89  LEU n 
1 90  LYS n 
1 91  HIS n 
1 92  THR n 
1 93  GLY n 
1 94  PRO n 
1 95  GLY n 
1 96  ILE n 
1 97  LEU n 
1 98  SER n 
1 99  MET n 
1 100 ALA n 
1 101 ASN n 
1 102 ALA n 
1 103 GLY n 
1 104 PRO n 
1 105 ASN n 
1 106 THR n 
1 107 ASN n 
1 108 GLY n 
1 109 SER n 
1 110 GLN n 
1 111 PHE n 
1 112 PHE n 
1 113 ILE n 
1 114 CYS n 
1 115 THR n 
1 116 ALA n 
1 117 LYS n 
1 118 THR n 
1 119 GLU n 
1 120 TRP n 
1 121 LEU n 
1 122 ASP n 
1 123 GLY n 
1 124 LYS n 
1 125 HIS n 
1 126 VAL n 
1 127 VAL n 
1 128 PHE n 
1 129 GLY n 
1 130 LYS n 
1 131 VAL n 
1 132 LYS n 
1 133 GLU n 
1 134 GLY n 
1 135 MET n 
1 136 ASN n 
1 137 ILE n 
1 138 VAL n 
1 139 GLU n 
1 140 ALA n 
1 141 MET n 
1 142 GLU n 
1 143 ARG n 
1 144 PHE n 
1 145 GLY n 
1 146 SER n 
1 147 ARG n 
1 148 ASN n 
1 149 GLY n 
1 150 LYS n 
1 151 THR n 
1 152 SER n 
1 153 LYS n 
1 154 LYS n 
1 155 ILE n 
1 156 THR n 
1 157 ILE n 
1 158 ALA n 
1 159 ASP n 
1 160 CYS n 
1 161 GLY n 
1 162 GLN n 
1 163 LEU n 
1 164 GLU n 
# 
_entity_src_gen.entity_id                          1 
_entity_src_gen.pdbx_src_id                        1 
_entity_src_gen.pdbx_alt_source_flag               sample 
_entity_src_gen.pdbx_seq_type                      ? 
_entity_src_gen.pdbx_beg_seq_num                   ? 
_entity_src_gen.pdbx_end_seq_num                   ? 
_entity_src_gen.gene_src_common_name               human 
_entity_src_gen.gene_src_genus                     Homo 
_entity_src_gen.pdbx_gene_src_gene                 CYCLOPHILIN 
_entity_src_gen.gene_src_species                   ? 
_entity_src_gen.gene_src_strain                    ? 
_entity_src_gen.gene_src_tissue                    ? 
_entity_src_gen.gene_src_tissue_fraction           ? 
_entity_src_gen.gene_src_details                   ? 
_entity_src_gen.pdbx_gene_src_fragment             ? 
_entity_src_gen.pdbx_gene_src_scientific_name      'Homo sapiens' 
_entity_src_gen.pdbx_gene_src_ncbi_taxonomy_id     9606 
_entity_src_gen.pdbx_gene_src_variant              ? 
_entity_src_gen.pdbx_gene_src_cell_line            XA90 
_entity_src_gen.pdbx_gene_src_atcc                 ? 
_entity_src_gen.pdbx_gene_src_organ                ? 
_entity_src_gen.pdbx_gene_src_organelle            ? 
_entity_src_gen.pdbx_gene_src_cell                 ? 
_entity_src_gen.pdbx_gene_src_cellular_location    ? 
_entity_src_gen.host_org_common_name               ? 
_entity_src_gen.pdbx_host_org_scientific_name      'Escherichia coli' 
_entity_src_gen.pdbx_host_org_ncbi_taxonomy_id     562 
_entity_src_gen.host_org_genus                     Escherichia 
_entity_src_gen.pdbx_host_org_gene                 CYCLOPHILIN 
_entity_src_gen.pdbx_host_org_organ                ? 
_entity_src_gen.host_org_species                   ? 
_entity_src_gen.pdbx_host_org_tissue               ? 
_entity_src_gen.pdbx_host_org_tissue_fraction      ? 
_entity_src_gen.pdbx_host_org_strain               ? 
_entity_src_gen.pdbx_host_org_variant              ? 
_entity_src_gen.pdbx_host_org_cell_line            ? 
_entity_src_gen.pdbx_host_org_atcc                 ? 
_entity_src_gen.pdbx_host_org_culture_collection   ? 
_entity_src_gen.pdbx_host_org_cell                 ? 
_entity_src_gen.pdbx_host_org_organelle            ? 
_entity_src_gen.pdbx_host_org_cellular_location    ? 
_entity_src_gen.pdbx_host_org_vector_type          ? 
_entity_src_gen.pdbx_host_org_vector               ? 
_entity_src_gen.host_org_details                   ? 
_entity_src_gen.expression_system_id               ? 
_entity_src_gen.plasmid_name                       PHN1+ 
_entity_src_gen.plasmid_details                    ? 
_entity_src_gen.pdbx_description                   ? 
# 
loop_
_chem_comp.id 
_chem_comp.type 
_chem_comp.mon_nstd_flag 
_chem_comp.name 
_chem_comp.pdbx_synonyms 
_chem_comp.formula 
_chem_comp.formula_weight 
ALA 'L-peptide linking' y ALANINE         ? 'C3 H7 N O2'     89.093  
ARG 'L-peptide linking' y ARGININE        ? 'C6 H15 N4 O2 1' 175.209 
ASN 'L-peptide linking' y ASPARAGINE      ? 'C4 H8 N2 O3'    132.118 
ASP 'L-peptide linking' y 'ASPARTIC ACID' ? 'C4 H7 N O4'     133.103 
CYS 'L-peptide linking' y CYSTEINE        ? 'C3 H7 N O2 S'   121.158 
GLN 'L-peptide linking' y GLUTAMINE       ? 'C5 H10 N2 O3'   146.144 
GLU 'L-peptide linking' y 'GLUTAMIC ACID' ? 'C5 H9 N O4'     147.129 
GLY 'peptide linking'   y GLYCINE         ? 'C2 H5 N O2'     75.067  
HIS 'L-peptide linking' y HISTIDINE       ? 'C6 H10 N3 O2 1' 156.162 
HOH non-polymer         . WATER           ? 'H2 O'           18.015  
ILE 'L-peptide linking' y ISOLEUCINE      ? 'C6 H13 N O2'    131.173 
LEU 'L-peptide linking' y LEUCINE         ? 'C6 H13 N O2'    131.173 
LYS 'L-peptide linking' y LYSINE          ? 'C6 H15 N2 O2 1' 147.195 
MET 'L-peptide linking' y METHIONINE      ? 'C5 H11 N O2 S'  149.211 
PHE 'L-peptide linking' y PHENYLALANINE   ? 'C9 H11 N O2'    165.189 
PRO 'L-peptide linking' y PROLINE         ? 'C5 H9 N O2'     115.130 
SER 'L-peptide linking' y SERINE          ? 'C3 H7 N O3'     105.093 
THR 'L-peptide linking' y THREONINE       ? 'C4 H9 N O3'     119.119 
TRP 'L-peptide linking' y TRYPTOPHAN      ? 'C11 H12 N2 O2'  204.225 
TYR 'L-peptide linking' y TYROSINE        ? 'C9 H11 N O3'    181.189 
VAL 'L-peptide linking' y VALINE          ? 'C5 H11 N O2'    117.146 
# 
loop_
_pdbx_poly_seq_scheme.asym_id 
_pdbx_poly_seq_scheme.entity_id 
_pdbx_poly_seq_scheme.seq_id 
_pdbx_poly_seq_scheme.mon_id 
_pdbx_poly_seq_scheme.ndb_seq_num 
_pdbx_poly_seq_scheme.pdb_seq_num 
_pdbx_poly_seq_scheme.auth_seq_num 
_pdbx_poly_seq_scheme.pdb_mon_id 
_pdbx_poly_seq_scheme.auth_mon_id 
_pdbx_poly_seq_scheme.pdb_strand_id 
_pdbx_poly_seq_scheme.pdb_ins_code 
_pdbx_poly_seq_scheme.hetero 
A 1 1   VAL 1   2   2   VAL VAL A . n 
A 1 2   ASN 2   3   3   ASN ASN A . n 
A 1 3   PRO 3   4   4   PRO PRO A . n 
A 1 4   THR 4   5   5   THR THR A . n 
A 1 5   VAL 5   6   6   VAL VAL A . n 
A 1 6   PHE 6   7   7   PHE PHE A . n 
A 1 7   PHE 7   8   8   PHE PHE A . n 
A 1 8   ASP 8   9   9   ASP ASP A . n 
A 1 9   ILE 9   10  10  ILE ILE A . n 
A 1 10  ALA 10  11  11  ALA ALA A . n 
A 1 11  VAL 11  12  12  VAL VAL A . n 
A 1 12  ASP 12  13  13  ASP ASP A . n 
A 1 13  GLY 13  14  14  GLY GLY A . n 
A 1 14  GLU 14  15  15  GLU GLU A . n 
A 1 15  PRO 15  16  16  PRO PRO A . n 
A 1 16  LEU 16  17  17  LEU LEU A . n 
A 1 17  GLY 17  18  18  GLY GLY A . n 
A 1 18  ARG 18  19  19  ARG ARG A . n 
A 1 19  VAL 19  20  20  VAL VAL A . n 
A 1 20  SER 20  21  21  SER SER A . n 
A 1 21  PHE 21  22  22  PHE PHE A . n 
A 1 22  GLU 22  23  23  GLU GLU A . n 
A 1 23  LEU 23  24  24  LEU LEU A . n 
A 1 24  PHE 24  25  25  PHE PHE A . n 
A 1 25  ALA 25  26  26  ALA ALA A . n 
A 1 26  ASP 26  27  27  ASP ASP A . n 
A 1 27  LYS 27  28  28  LYS LYS A . n 
A 1 28  VAL 28  29  29  VAL VAL A . n 
A 1 29  PRO 29  30  30  PRO PRO A . n 
A 1 30  LYS 30  31  31  LYS LYS A . n 
A 1 31  THR 31  32  32  THR THR A . n 
A 1 32  ALA 32  33  33  ALA ALA A . n 
A 1 33  GLU 33  34  34  GLU GLU A . n 
A 1 34  ASN 34  35  35  ASN ASN A . n 
A 1 35  PHE 35  36  36  PHE PHE A . n 
A 1 36  ARG 36  37  37  ARG ARG A . n 
A 1 37  ALA 37  38  38  ALA ALA A . n 
A 1 38  LEU 38  39  39  LEU LEU A . n 
A 1 39  SER 39  40  40  SER SER A . n 
A 1 40  THR 40  41  41  THR THR A . n 
A 1 41  GLY 41  42  42  GLY GLY A . n 
A 1 42  GLU 42  43  43  GLU GLU A . n 
A 1 43  LYS 43  44  44  LYS LYS A . n 
A 1 44  GLY 44  45  45  GLY GLY A . n 
A 1 45  PHE 45  46  46  PHE PHE A . n 
A 1 46  GLY 46  47  47  GLY GLY A . n 
A 1 47  TYR 47  48  48  TYR TYR A . n 
A 1 48  LYS 48  49  49  LYS LYS A . n 
A 1 49  GLY 49  50  50  GLY GLY A . n 
A 1 50  SER 50  51  51  SER SER A . n 
A 1 51  CYS 51  52  52  CYS CYS A . n 
A 1 52  PHE 52  53  53  PHE PHE A . n 
A 1 53  HIS 53  54  54  HIS HIS A . n 
A 1 54  ARG 54  55  55  ARG ARG A . n 
A 1 55  ILE 55  56  56  ILE ILE A . n 
A 1 56  ILE 56  57  57  ILE ILE A . n 
A 1 57  PRO 57  58  58  PRO PRO A . n 
A 1 58  GLY 58  59  59  GLY GLY A . n 
A 1 59  PHE 59  60  60  PHE PHE A . n 
A 1 60  MET 60  61  61  MET MET A . n 
A 1 61  CYS 61  62  62  CYS CYS A . n 
A 1 62  GLN 62  63  63  GLN GLN A . n 
A 1 63  GLY 63  64  64  GLY GLY A . n 
A 1 64  GLY 64  65  65  GLY GLY A . n 
A 1 65  ASP 65  66  66  ASP ASP A . n 
A 1 66  PHE 66  67  67  PHE PHE A . n 
A 1 67  THR 67  68  68  THR THR A . n 
A 1 68  ARG 68  69  69  ARG ARG A . n 
A 1 69  HIS 69  70  70  HIS HIS A . n 
A 1 70  ASN 70  71  71  ASN ASN A . n 
A 1 71  GLY 71  72  72  GLY GLY A . n 
A 1 72  THR 72  73  73  THR THR A . n 
A 1 73  GLY 73  74  74  GLY GLY A . n 
A 1 74  GLY 74  75  75  GLY GLY A . n 
A 1 75  LYS 75  76  76  LYS LYS A . n 
A 1 76  SER 76  77  77  SER SER A . n 
A 1 77  ILE 77  78  78  ILE ILE A . n 
A 1 78  TYR 78  79  79  TYR TYR A . n 
A 1 79  GLY 79  80  80  GLY GLY A . n 
A 1 80  GLU 80  81  81  GLU GLU A . n 
A 1 81  LYS 81  82  82  LYS LYS A . n 
A 1 82  PHE 82  83  83  PHE PHE A . n 
A 1 83  GLU 83  84  84  GLU GLU A . n 
A 1 84  ASP 84  85  85  ASP ASP A . n 
A 1 85  GLU 85  86  86  GLU GLU A . n 
A 1 86  ASN 86  87  87  ASN ASN A . n 
A 1 87  PHE 87  88  88  PHE PHE A . n 
A 1 88  ILE 88  89  89  ILE ILE A . n 
A 1 89  LEU 89  90  90  LEU LEU A . n 
A 1 90  LYS 90  91  91  LYS LYS A . n 
A 1 91  HIS 91  92  92  HIS HIS A . n 
A 1 92  THR 92  93  93  THR THR A . n 
A 1 93  GLY 93  94  94  GLY GLY A . n 
A 1 94  PRO 94  95  95  PRO PRO A . n 
A 1 95  GLY 95  96  96  GLY GLY A . n 
A 1 96  ILE 96  97  97  ILE ILE A . n 
A 1 97  LEU 97  98  98  LEU LEU A . n 
A 1 98  SER 98  99  99  SER SER A . n 
A 1 99  MET 99  100 100 MET MET A . n 
A 1 100 ALA 100 101 101 ALA ALA A . n 
A 1 101 ASN 101 102 102 ASN ASN A . n 
A 1 102 ALA 102 103 103 ALA ALA A . n 
A 1 103 GLY 103 104 104 GLY GLY A . n 
A 1 104 PRO 104 105 105 PRO PRO A . n 
A 1 105 ASN 105 106 106 ASN ASN A . n 
A 1 106 THR 106 107 107 THR THR A . n 
A 1 107 ASN 107 108 108 ASN ASN A . n 
A 1 108 GLY 108 109 109 GLY GLY A . n 
A 1 109 SER 109 110 110 SER SER A . n 
A 1 110 GLN 110 111 111 GLN GLN A . n 
A 1 111 PHE 111 112 112 PHE PHE A . n 
A 1 112 PHE 112 113 113 PHE PHE A . n 
A 1 113 ILE 113 114 114 ILE ILE A . n 
A 1 114 CYS 114 115 115 CYS CYS A . n 
A 1 115 THR 115 116 116 THR THR A . n 
A 1 116 ALA 116 117 117 ALA ALA A . n 
A 1 117 LYS 117 118 118 LYS LYS A . n 
A 1 118 THR 118 119 119 THR THR A . n 
A 1 119 GLU 119 120 120 GLU GLU A . n 
A 1 120 TRP 120 121 121 TRP TRP A . n 
A 1 121 LEU 121 122 122 LEU LEU A . n 
A 1 122 ASP 122 123 123 ASP ASP A . n 
A 1 123 GLY 123 124 124 GLY GLY A . n 
A 1 124 LYS 124 125 125 LYS LYS A . n 
A 1 125 HIS 125 126 126 HIS HIS A . n 
A 1 126 VAL 126 127 127 VAL VAL A . n 
A 1 127 VAL 127 128 128 VAL VAL A . n 
A 1 128 PHE 128 129 129 PHE PHE A . n 
A 1 129 GLY 129 130 130 GLY GLY A . n 
A 1 130 LYS 130 131 131 LYS LYS A . n 
A 1 131 VAL 131 132 132 VAL VAL A . n 
A 1 132 LYS 132 133 133 LYS LYS A . n 
A 1 133 GLU 133 134 134 GLU GLU A . n 
A 1 134 GLY 134 135 135 GLY GLY A . n 
A 1 135 MET 135 136 136 MET MET A . n 
A 1 136 ASN 136 137 137 ASN ASN A . n 
A 1 137 ILE 137 138 138 ILE ILE A . n 
A 1 138 VAL 138 139 139 VAL VAL A . n 
A 1 139 GLU 139 140 140 GLU GLU A . n 
A 1 140 ALA 140 141 141 ALA ALA A . n 
A 1 141 MET 141 142 142 MET MET A . n 
A 1 142 GLU 142 143 143 GLU GLU A . n 
A 1 143 ARG 143 144 144 ARG ARG A . n 
A 1 144 PHE 144 145 145 PHE PHE A . n 
A 1 145 GLY 145 146 146 GLY GLY A . n 
A 1 146 SER 146 147 147 SER SER A . n 
A 1 147 ARG 147 148 148 ARG ARG A . n 
A 1 148 ASN 148 149 149 ASN ASN A . n 
A 1 149 GLY 149 150 150 GLY GLY A . n 
A 1 150 LYS 150 151 151 LYS LYS A . n 
A 1 151 THR 151 152 152 THR THR A . n 
A 1 152 SER 152 153 153 SER SER A . n 
A 1 153 LYS 153 154 154 LYS LYS A . n 
A 1 154 LYS 154 155 155 LYS LYS A . n 
A 1 155 ILE 155 156 156 ILE ILE A . n 
A 1 156 THR 156 157 157 THR THR A . n 
A 1 157 ILE 157 158 158 ILE ILE A . n 
A 1 158 ALA 158 159 159 ALA ALA A . n 
A 1 159 ASP 159 160 160 ASP ASP A . n 
A 1 160 CYS 160 161 161 CYS CYS A . n 
A 1 161 GLY 161 162 162 GLY GLY A . n 
A 1 162 GLN 162 163 163 GLN GLN A . n 
A 1 163 LEU 163 164 164 LEU LEU A . n 
A 1 164 GLU 164 165 165 GLU GLU A . n 
# 
loop_
_pdbx_nonpoly_scheme.asym_id 
_pdbx_nonpoly_scheme.entity_id 
_pdbx_nonpoly_scheme.mon_id 
_pdbx_nonpoly_scheme.ndb_seq_num 
_pdbx_nonpoly_scheme.pdb_seq_num 
_pdbx_nonpoly_scheme.auth_seq_num 
_pdbx_nonpoly_scheme.pdb_mon_id 
_pdbx_nonpoly_scheme.auth_mon_id 
_pdbx_nonpoly_scheme.pdb_strand_id 
_pdbx_nonpoly_scheme.pdb_ins_code 
B 2 HIS 1  201 201 HIS HIS A . 
C 3 PRO 1  202 202 PRO PRO A . 
D 4 HOH 1  203 166 HOH HOH A . 
D 4 HOH 2  204 167 HOH HOH A . 
D 4 HOH 3  205 168 HOH HOH A . 
D 4 HOH 4  206 169 HOH HOH A . 
D 4 HOH 5  207 170 HOH HOH A . 
D 4 HOH 6  208 171 HOH HOH A . 
D 4 HOH 7  209 172 HOH HOH A . 
D 4 HOH 8  210 173 HOH HOH A . 
D 4 HOH 9  211 174 HOH HOH A . 
D 4 HOH 10 212 175 HOH HOH A . 
D 4 HOH 11 213 176 HOH HOH A . 
D 4 HOH 12 214 177 HOH HOH A . 
D 4 HOH 13 215 178 HOH HOH A . 
D 4 HOH 14 216 179 HOH HOH A . 
D 4 HOH 15 217 180 HOH HOH A . 
D 4 HOH 16 218 181 HOH HOH A . 
D 4 HOH 17 219 182 HOH HOH A . 
D 4 HOH 18 220 183 HOH HOH A . 
D 4 HOH 19 221 184 HOH HOH A . 
D 4 HOH 20 222 185 HOH HOH A . 
D 4 HOH 21 223 186 HOH HOH A . 
D 4 HOH 22 224 187 HOH HOH A . 
D 4 HOH 23 225 188 HOH HOH A . 
D 4 HOH 24 226 189 HOH HOH A . 
D 4 HOH 25 227 190 HOH HOH A . 
D 4 HOH 26 228 191 HOH HOH A . 
D 4 HOH 27 229 192 HOH HOH A . 
D 4 HOH 28 230 193 HOH HOH A . 
D 4 HOH 29 231 194 HOH HOH A . 
D 4 HOH 30 232 195 HOH HOH A . 
D 4 HOH 31 233 196 HOH HOH A . 
D 4 HOH 32 234 197 HOH HOH A . 
D 4 HOH 33 235 198 HOH HOH A . 
D 4 HOH 34 236 199 HOH HOH A . 
D 4 HOH 35 237 200 HOH HOH A . 
D 4 HOH 36 238 201 HOH HOH A . 
D 4 HOH 37 239 202 HOH HOH A . 
D 4 HOH 38 240 203 HOH HOH A . 
D 4 HOH 39 241 204 HOH HOH A . 
D 4 HOH 40 242 205 HOH HOH A . 
D 4 HOH 41 243 206 HOH HOH A . 
D 4 HOH 42 244 207 HOH HOH A . 
D 4 HOH 43 245 208 HOH HOH A . 
D 4 HOH 44 246 209 HOH HOH A . 
D 4 HOH 45 247 210 HOH HOH A . 
D 4 HOH 46 248 39  HOH HOH A . 
D 4 HOH 47 249 40  HOH HOH A . 
D 4 HOH 48 250 51  HOH HOH A . 
# 
loop_
_software.name 
_software.classification 
_software.version 
_software.citation_id 
_software.pdbx_ordinal 
X-PLOR refinement       . ? 1 
RIGAKU 'data reduction' . ? 2 
# 
_cell.entry_id           4CYH 
_cell.length_a           40.700 
_cell.length_b           52.400 
_cell.length_c           89.500 
_cell.angle_alpha        90.00 
_cell.angle_beta         90.00 
_cell.angle_gamma        90.00 
_cell.Z_PDB              4 
_cell.pdbx_unique_axis   ? 
_cell.length_a_esd       ? 
_cell.length_b_esd       ? 
_cell.length_c_esd       ? 
_cell.angle_alpha_esd    ? 
_cell.angle_beta_esd     ? 
_cell.angle_gamma_esd    ? 
# 
_symmetry.entry_id                         4CYH 
_symmetry.space_group_name_H-M             'P 21 21 21' 
_symmetry.pdbx_full_space_group_name_H-M   ? 
_symmetry.cell_setting                     ? 
_symmetry.Int_Tables_number                19 
_symmetry.space_group_name_Hall            ? 
# 
_exptl.entry_id          4CYH 
_exptl.method            'X-RAY DIFFRACTION' 
_exptl.crystals_number   ? 
# 
_exptl_crystal.id                    1 
_exptl_crystal.density_meas          ? 
_exptl_crystal.density_Matthews      2.63 
_exptl_crystal.density_percent_sol   53.18 
_exptl_crystal.description           ? 
_exptl_crystal.F_000                 ? 
_exptl_crystal.preparation           ? 
# 
_diffrn.id                     1 
_diffrn.ambient_temp           ? 
_diffrn.ambient_temp_details   ? 
_diffrn.crystal_id             1 
# 
_diffrn_detector.diffrn_id              1 
_diffrn_detector.detector               'IMAGE PLATE' 
_diffrn_detector.type                   'RIGAKU RAXIS IIC' 
_diffrn_detector.pdbx_collection_date   ? 
_diffrn_detector.details                ? 
# 
_diffrn_radiation.diffrn_id                        1 
_diffrn_radiation.wavelength_id                    1 
_diffrn_radiation.pdbx_monochromatic_or_laue_m_l   M 
_diffrn_radiation.monochromator                    ? 
_diffrn_radiation.pdbx_diffrn_protocol             ? 
_diffrn_radiation.pdbx_scattering_type             x-ray 
# 
_diffrn_radiation_wavelength.id           1 
_diffrn_radiation_wavelength.wavelength   1.5418 
_diffrn_radiation_wavelength.wt           1.0 
# 
_diffrn_source.diffrn_id                   1 
_diffrn_source.source                      ? 
_diffrn_source.type                        ? 
_diffrn_source.pdbx_synchrotron_site       ? 
_diffrn_source.pdbx_synchrotron_beamline   ? 
_diffrn_source.pdbx_wavelength             1.5418 
_diffrn_source.pdbx_wavelength_list        ? 
# 
_reflns.entry_id                     4CYH 
_reflns.observed_criterion_sigma_I   ? 
_reflns.observed_criterion_sigma_F   ? 
_reflns.d_resolution_low             ? 
_reflns.d_resolution_high            2.1 
_reflns.number_obs                   10112 
_reflns.number_all                   ? 
_reflns.percent_possible_obs         86 
_reflns.pdbx_Rmerge_I_obs            0.0380000 
_reflns.pdbx_Rsym_value              ? 
_reflns.pdbx_netI_over_sigmaI        ? 
_reflns.B_iso_Wilson_estimate        ? 
_reflns.pdbx_redundancy              3.4 
_reflns.R_free_details               ? 
_reflns.limit_h_max                  ? 
_reflns.limit_h_min                  ? 
_reflns.limit_k_max                  ? 
_reflns.limit_k_min                  ? 
_reflns.limit_l_max                  ? 
_reflns.limit_l_min                  ? 
_reflns.observed_criterion_F_max     ? 
_reflns.observed_criterion_F_min     ? 
_reflns.pdbx_chi_squared             ? 
_reflns.pdbx_scaling_rejects         ? 
_reflns.pdbx_diffrn_id               1 
_reflns.pdbx_ordinal                 1 
# 
_refine.entry_id                                 4CYH 
_refine.ls_number_reflns_obs                     9944 
_refine.ls_number_reflns_all                     ? 
_refine.pdbx_ls_sigma_I                          ? 
_refine.pdbx_ls_sigma_F                          2. 
_refine.pdbx_data_cutoff_high_absF               ? 
_refine.pdbx_data_cutoff_low_absF                ? 
_refine.pdbx_data_cutoff_high_rms_absF           ? 
_refine.ls_d_res_low                             8. 
_refine.ls_d_res_high                            2.1 
_refine.ls_percent_reflns_obs                    ? 
_refine.ls_R_factor_obs                          0.1850000 
_refine.ls_R_factor_all                          ? 
_refine.ls_R_factor_R_work                       0.1850000 
_refine.ls_R_factor_R_free                       ? 
_refine.ls_R_factor_R_free_error                 ? 
_refine.ls_R_factor_R_free_error_details         ? 
_refine.ls_percent_reflns_R_free                 ? 
_refine.ls_number_reflns_R_free                  ? 
_refine.ls_number_parameters                     ? 
_refine.ls_number_restraints                     ? 
_refine.occupancy_min                            ? 
_refine.occupancy_max                            ? 
_refine.B_iso_mean                               19.8 
_refine.aniso_B[1][1]                            ? 
_refine.aniso_B[2][2]                            ? 
_refine.aniso_B[3][3]                            ? 
_refine.aniso_B[1][2]                            ? 
_refine.aniso_B[1][3]                            ? 
_refine.aniso_B[2][3]                            ? 
_refine.solvent_model_details                    ? 
_refine.solvent_model_param_ksol                 ? 
_refine.solvent_model_param_bsol                 ? 
_refine.pdbx_ls_cross_valid_method               ? 
_refine.details                                  ? 
_refine.pdbx_starting_model                      ? 
_refine.pdbx_method_to_determine_struct          ? 
_refine.pdbx_isotropic_thermal_model             ? 
_refine.pdbx_stereochemistry_target_values       ? 
_refine.pdbx_stereochem_target_val_spec_case     ? 
_refine.pdbx_R_Free_selection_details            ? 
_refine.pdbx_overall_ESU_R                       ? 
_refine.pdbx_overall_ESU_R_Free                  ? 
_refine.overall_SU_ML                            ? 
_refine.overall_SU_B                             ? 
_refine.ls_redundancy_reflns_obs                 ? 
_refine.pdbx_overall_phase_error                 ? 
_refine.B_iso_min                                ? 
_refine.B_iso_max                                ? 
_refine.correlation_coeff_Fo_to_Fc               ? 
_refine.correlation_coeff_Fo_to_Fc_free          ? 
_refine.pdbx_solvent_vdw_probe_radii             ? 
_refine.pdbx_solvent_ion_probe_radii             ? 
_refine.pdbx_solvent_shrinkage_radii             ? 
_refine.overall_SU_R_Cruickshank_DPI             ? 
_refine.overall_SU_R_free                        ? 
_refine.ls_wR_factor_R_free                      ? 
_refine.ls_wR_factor_R_work                      ? 
_refine.overall_FOM_free_R_set                   ? 
_refine.overall_FOM_work_R_set                   ? 
_refine.pdbx_refine_id                           'X-RAY DIFFRACTION' 
_refine.pdbx_diffrn_id                           1 
_refine.pdbx_TLS_residual_ADP_flag               ? 
_refine.pdbx_overall_SU_R_free_Cruickshank_DPI   ? 
_refine.pdbx_overall_SU_R_Blow_DPI               ? 
_refine.pdbx_overall_SU_R_free_Blow_DPI          ? 
# 
_refine_hist.pdbx_refine_id                   'X-RAY DIFFRACTION' 
_refine_hist.cycle_id                         LAST 
_refine_hist.pdbx_number_atoms_protein        1544 
_refine_hist.pdbx_number_atoms_nucleic_acid   0 
_refine_hist.pdbx_number_atoms_ligand         23 
_refine_hist.number_atoms_solvent             144 
_refine_hist.number_atoms_total               1711 
_refine_hist.d_res_high                       2.1 
_refine_hist.d_res_low                        8. 
# 
loop_
_refine_ls_restr.type 
_refine_ls_restr.dev_ideal 
_refine_ls_restr.dev_ideal_target 
_refine_ls_restr.weight 
_refine_ls_restr.number 
_refine_ls_restr.pdbx_refine_id 
_refine_ls_restr.pdbx_restraint_function 
x_bond_d                0.015 ? ? ? 'X-RAY DIFFRACTION' ? 
x_bond_d_na             ?     ? ? ? 'X-RAY DIFFRACTION' ? 
x_bond_d_prot           ?     ? ? ? 'X-RAY DIFFRACTION' ? 
x_angle_d               ?     ? ? ? 'X-RAY DIFFRACTION' ? 
x_angle_d_na            ?     ? ? ? 'X-RAY DIFFRACTION' ? 
x_angle_d_prot          ?     ? ? ? 'X-RAY DIFFRACTION' ? 
x_angle_deg             3.10  ? ? ? 'X-RAY DIFFRACTION' ? 
x_angle_deg_na          ?     ? ? ? 'X-RAY DIFFRACTION' ? 
x_angle_deg_prot        ?     ? ? ? 'X-RAY DIFFRACTION' ? 
x_dihedral_angle_d      ?     ? ? ? 'X-RAY DIFFRACTION' ? 
x_dihedral_angle_d_na   ?     ? ? ? 'X-RAY DIFFRACTION' ? 
x_dihedral_angle_d_prot ?     ? ? ? 'X-RAY DIFFRACTION' ? 
x_improper_angle_d      ?     ? ? ? 'X-RAY DIFFRACTION' ? 
x_improper_angle_d_na   ?     ? ? ? 'X-RAY DIFFRACTION' ? 
x_improper_angle_d_prot ?     ? ? ? 'X-RAY DIFFRACTION' ? 
x_mcbond_it             ?     ? ? ? 'X-RAY DIFFRACTION' ? 
x_mcangle_it            ?     ? ? ? 'X-RAY DIFFRACTION' ? 
x_scbond_it             ?     ? ? ? 'X-RAY DIFFRACTION' ? 
x_scangle_it            ?     ? ? ? 'X-RAY DIFFRACTION' ? 
# 
_struct.entry_id                  4CYH 
_struct.title                     'CYCLOPHILIN A COMPLEXED WITH DIPEPTIDE HIS-PRO' 
_struct.pdbx_model_details        ? 
_struct.pdbx_CASP_flag            ? 
_struct.pdbx_model_type_details   ? 
# 
_struct_keywords.entry_id        4CYH 
_struct_keywords.pdbx_keywords   ISOMERASE 
_struct_keywords.text            
'CYCLOPHILIN, COMPLEX, BINDING PROTEIN FOR CYCLOSPORIN A, (ISOMERASE-DIPEPTIDE) COMPLEX, ISOMERASE' 
# 
loop_
_struct_asym.id 
_struct_asym.pdbx_blank_PDB_chainid_flag 
_struct_asym.pdbx_modified 
_struct_asym.entity_id 
_struct_asym.details 
A N N 1 ? 
B N N 2 ? 
C N N 3 ? 
D N N 4 ? 
# 
_struct_ref.id                         1 
_struct_ref.db_name                    UNP 
_struct_ref.db_code                    CYPH_HUMAN 
_struct_ref.entity_id                  1 
_struct_ref.pdbx_db_accession          P05092 
_struct_ref.pdbx_align_begin           1 
_struct_ref.pdbx_seq_one_letter_code   
;VNPTVFFDIAVDGEPLGRVSFELFADKVPKTAENFRALSTGEKGFGYKGSCFHRIIPGFMCQGGDFTRHNGTGGKSIYGE
KFEDENFILKHTGPGILSMANAGPNTNGSQFFICTAKTEWLDGKHVVFGKVKEGMNIVEAMERFGSRNGKTSKKITIADC
GQLE
;
_struct_ref.pdbx_db_isoform            ? 
# 
_struct_ref_seq.align_id                      1 
_struct_ref_seq.ref_id                        1 
_struct_ref_seq.pdbx_PDB_id_code              4CYH 
_struct_ref_seq.pdbx_strand_id                A 
_struct_ref_seq.seq_align_beg                 1 
_struct_ref_seq.pdbx_seq_align_beg_ins_code   ? 
_struct_ref_seq.seq_align_end                 164 
_struct_ref_seq.pdbx_seq_align_end_ins_code   ? 
_struct_ref_seq.pdbx_db_accession             P05092 
_struct_ref_seq.db_align_beg                  1 
_struct_ref_seq.pdbx_db_align_beg_ins_code    ? 
_struct_ref_seq.db_align_end                  164 
_struct_ref_seq.pdbx_db_align_end_ins_code    ? 
_struct_ref_seq.pdbx_auth_seq_align_beg       2 
_struct_ref_seq.pdbx_auth_seq_align_end       165 
# 
_pdbx_struct_assembly.id                   1 
_pdbx_struct_assembly.details              author_defined_assembly 
_pdbx_struct_assembly.method_details       ? 
_pdbx_struct_assembly.oligomeric_details   monomeric 
_pdbx_struct_assembly.oligomeric_count     1 
# 
_pdbx_struct_assembly_gen.assembly_id       1 
_pdbx_struct_assembly_gen.oper_expression   1 
_pdbx_struct_assembly_gen.asym_id_list      A,B,C,D 
# 
_pdbx_struct_oper_list.id                   1 
_pdbx_struct_oper_list.type                 'identity operation' 
_pdbx_struct_oper_list.name                 1_555 
_pdbx_struct_oper_list.symmetry_operation   x,y,z 
_pdbx_struct_oper_list.matrix[1][1]         1.0000000000 
_pdbx_struct_oper_list.matrix[1][2]         0.0000000000 
_pdbx_struct_oper_list.matrix[1][3]         0.0000000000 
_pdbx_struct_oper_list.vector[1]            0.0000000000 
_pdbx_struct_oper_list.matrix[2][1]         0.0000000000 
_pdbx_struct_oper_list.matrix[2][2]         1.0000000000 
_pdbx_struct_oper_list.matrix[2][3]         0.0000000000 
_pdbx_struct_oper_list.vector[2]            0.0000000000 
_pdbx_struct_oper_list.matrix[3][1]         0.0000000000 
_pdbx_struct_oper_list.matrix[3][2]         0.0000000000 
_pdbx_struct_oper_list.matrix[3][3]         1.0000000000 
_pdbx_struct_oper_list.vector[3]            0.0000000000 
# 
_struct_biol.id        1 
_struct_biol.details   ? 
# 
loop_
_struct_conf.conf_type_id 
_struct_conf.id 
_struct_conf.pdbx_PDB_helix_id 
_struct_conf.beg_label_comp_id 
_struct_conf.beg_label_asym_id 
_struct_conf.beg_label_seq_id 
_struct_conf.pdbx_beg_PDB_ins_code 
_struct_conf.end_label_comp_id 
_struct_conf.end_label_asym_id 
_struct_conf.end_label_seq_id 
_struct_conf.pdbx_end_PDB_ins_code 
_struct_conf.beg_auth_comp_id 
_struct_conf.beg_auth_asym_id 
_struct_conf.beg_auth_seq_id 
_struct_conf.end_auth_comp_id 
_struct_conf.end_auth_asym_id 
_struct_conf.end_auth_seq_id 
_struct_conf.pdbx_PDB_helix_class 
_struct_conf.details 
_struct_conf.pdbx_PDB_helix_length 
HELX_P HELX_P1 H1 PHE A 24  ? VAL A 28  ? PHE A 25  VAL A 29  5 ? 5  
HELX_P HELX_P2 H2 PRO A 29  ? THR A 40  ? PRO A 30  THR A 41  1 ? 12 
HELX_P HELX_P3 H3 THR A 118 ? ASP A 122 ? THR A 119 ASP A 123 5 ? 5  
HELX_P HELX_P4 H4 GLY A 134 ? MET A 141 ? GLY A 135 MET A 142 1 ? 8  
HELX_P HELX_P5 H5 GLU A 142 ? GLY A 145 ? GLU A 143 GLY A 146 5 ? 4  
# 
_struct_conf_type.id          HELX_P 
_struct_conf_type.criteria    ? 
_struct_conf_type.reference   ? 
# 
_struct_conn.id                            covale1 
_struct_conn.conn_type_id                  covale 
_struct_conn.pdbx_leaving_atom_flag        both 
_struct_conn.pdbx_PDB_id                   ? 
_struct_conn.ptnr1_label_asym_id           B 
_struct_conn.ptnr1_label_comp_id           HIS 
_struct_conn.ptnr1_label_seq_id            . 
_struct_conn.ptnr1_label_atom_id           C 
_struct_conn.pdbx_ptnr1_label_alt_id       ? 
_struct_conn.pdbx_ptnr1_PDB_ins_code       ? 
_struct_conn.pdbx_ptnr1_standard_comp_id   ? 
_struct_conn.ptnr1_symmetry                1_555 
_struct_conn.ptnr2_label_asym_id           C 
_struct_conn.ptnr2_label_comp_id           PRO 
_struct_conn.ptnr2_label_seq_id            . 
_struct_conn.ptnr2_label_atom_id           N 
_struct_conn.pdbx_ptnr2_label_alt_id       ? 
_struct_conn.pdbx_ptnr2_PDB_ins_code       ? 
_struct_conn.ptnr1_auth_asym_id            A 
_struct_conn.ptnr1_auth_comp_id            HIS 
_struct_conn.ptnr1_auth_seq_id             201 
_struct_conn.ptnr2_auth_asym_id            A 
_struct_conn.ptnr2_auth_comp_id            PRO 
_struct_conn.ptnr2_auth_seq_id             202 
_struct_conn.ptnr2_symmetry                1_555 
_struct_conn.pdbx_ptnr3_label_atom_id      ? 
_struct_conn.pdbx_ptnr3_label_seq_id       ? 
_struct_conn.pdbx_ptnr3_label_comp_id      ? 
_struct_conn.pdbx_ptnr3_label_asym_id      ? 
_struct_conn.pdbx_ptnr3_label_alt_id       ? 
_struct_conn.pdbx_ptnr3_PDB_ins_code       ? 
_struct_conn.details                       ? 
_struct_conn.pdbx_dist_value               1.336 
_struct_conn.pdbx_value_order              ? 
_struct_conn.pdbx_role                     ? 
# 
_struct_conn_type.id          covale 
_struct_conn_type.criteria    ? 
_struct_conn_type.reference   ? 
# 
_struct_sheet.id               A 
_struct_sheet.type             ? 
_struct_sheet.number_strands   8 
_struct_sheet.details          ? 
# 
loop_
_struct_sheet_order.sheet_id 
_struct_sheet_order.range_id_1 
_struct_sheet_order.range_id_2 
_struct_sheet_order.offset 
_struct_sheet_order.sense 
A 1 2 ? anti-parallel 
A 2 3 ? anti-parallel 
A 3 4 ? anti-parallel 
A 4 5 ? anti-parallel 
A 5 6 ? anti-parallel 
A 6 7 ? anti-parallel 
A 7 8 ? anti-parallel 
# 
loop_
_struct_sheet_range.sheet_id 
_struct_sheet_range.id 
_struct_sheet_range.beg_label_comp_id 
_struct_sheet_range.beg_label_asym_id 
_struct_sheet_range.beg_label_seq_id 
_struct_sheet_range.pdbx_beg_PDB_ins_code 
_struct_sheet_range.end_label_comp_id 
_struct_sheet_range.end_label_asym_id 
_struct_sheet_range.end_label_seq_id 
_struct_sheet_range.pdbx_end_PDB_ins_code 
_struct_sheet_range.beg_auth_comp_id 
_struct_sheet_range.beg_auth_asym_id 
_struct_sheet_range.beg_auth_seq_id 
_struct_sheet_range.end_auth_comp_id 
_struct_sheet_range.end_auth_asym_id 
_struct_sheet_range.end_auth_seq_id 
A 1 ILE A 155 ? GLN A 162 ? ILE A 156 GLN A 163 
A 2 THR A 4   ? VAL A 11  ? THR A 5   VAL A 12  
A 3 GLU A 14  ? LEU A 23  ? GLU A 15  LEU A 24  
A 4 VAL A 127 ? VAL A 131 ? VAL A 128 VAL A 132 
A 5 ILE A 96  ? MET A 99  ? ILE A 97  MET A 100 
A 6 PHE A 111 ? CYS A 114 ? PHE A 112 CYS A 115 
A 7 MET A 60  ? GLY A 63  ? MET A 61  GLY A 64  
A 8 ARG A 54  ? ILE A 56  ? ARG A 55  ILE A 57  
# 
loop_
_pdbx_struct_sheet_hbond.sheet_id 
_pdbx_struct_sheet_hbond.range_id_1 
_pdbx_struct_sheet_hbond.range_id_2 
_pdbx_struct_sheet_hbond.range_1_label_atom_id 
_pdbx_struct_sheet_hbond.range_1_label_comp_id 
_pdbx_struct_sheet_hbond.range_1_label_asym_id 
_pdbx_struct_sheet_hbond.range_1_label_seq_id 
_pdbx_struct_sheet_hbond.range_1_PDB_ins_code 
_pdbx_struct_sheet_hbond.range_1_auth_atom_id 
_pdbx_struct_sheet_hbond.range_1_auth_comp_id 
_pdbx_struct_sheet_hbond.range_1_auth_asym_id 
_pdbx_struct_sheet_hbond.range_1_auth_seq_id 
_pdbx_struct_sheet_hbond.range_2_label_atom_id 
_pdbx_struct_sheet_hbond.range_2_label_comp_id 
_pdbx_struct_sheet_hbond.range_2_label_asym_id 
_pdbx_struct_sheet_hbond.range_2_label_seq_id 
_pdbx_struct_sheet_hbond.range_2_PDB_ins_code 
_pdbx_struct_sheet_hbond.range_2_auth_atom_id 
_pdbx_struct_sheet_hbond.range_2_auth_comp_id 
_pdbx_struct_sheet_hbond.range_2_auth_asym_id 
_pdbx_struct_sheet_hbond.range_2_auth_seq_id 
A 1 2 O THR A 156 ? O THR A 157 N ALA A 10  ? N ALA A 11  
A 2 3 O VAL A 5   ? O VAL A 6   N PHE A 21  ? N PHE A 22  
A 3 4 O GLU A 22  ? O GLU A 23  N LYS A 130 ? N LYS A 131 
A 4 5 O PHE A 128 ? O PHE A 129 N LEU A 97  ? N LEU A 98  
A 5 6 O SER A 98  ? O SER A 99  N PHE A 112 ? N PHE A 113 
A 6 7 O PHE A 111 ? O PHE A 112 N GLY A 63  ? N GLY A 64  
A 7 8 O MET A 60  ? O MET A 61  N ILE A 56  ? N ILE A 57  
# 
loop_
_struct_site.id 
_struct_site.pdbx_evidence_code 
_struct_site.pdbx_auth_asym_id 
_struct_site.pdbx_auth_comp_id 
_struct_site.pdbx_auth_seq_id 
_struct_site.pdbx_auth_ins_code 
_struct_site.pdbx_num_residues 
_struct_site.details 
AC1 Software A HIS 201 ? 7 'BINDING SITE FOR RESIDUE HIS A 201' 
AC2 Software A PRO 202 ? 6 'BINDING SITE FOR RESIDUE PRO A 202' 
# 
loop_
_struct_site_gen.id 
_struct_site_gen.site_id 
_struct_site_gen.pdbx_num_res 
_struct_site_gen.label_comp_id 
_struct_site_gen.label_asym_id 
_struct_site_gen.label_seq_id 
_struct_site_gen.pdbx_auth_ins_code 
_struct_site_gen.auth_comp_id 
_struct_site_gen.auth_asym_id 
_struct_site_gen.auth_seq_id 
_struct_site_gen.label_atom_id 
_struct_site_gen.label_alt_id 
_struct_site_gen.symmetry 
_struct_site_gen.details 
1  AC1 7 ALA A 100 ? ALA A 101 . ? 1_555 ? 
2  AC1 7 ASN A 101 ? ASN A 102 . ? 1_555 ? 
3  AC1 7 HIS A 125 ? HIS A 126 . ? 1_555 ? 
4  AC1 7 ARG A 147 ? ARG A 148 . ? 4_455 ? 
5  AC1 7 PRO C .   ? PRO A 202 . ? 1_555 ? 
6  AC1 7 HOH D .   ? HOH A 219 . ? 4_555 ? 
7  AC1 7 HOH D .   ? HOH A 248 . ? 1_555 ? 
8  AC2 6 ARG A 54  ? ARG A 55  . ? 1_555 ? 
9  AC2 6 GLN A 62  ? GLN A 63  . ? 1_555 ? 
10 AC2 6 PHE A 112 ? PHE A 113 . ? 1_555 ? 
11 AC2 6 HIS B .   ? HIS A 201 . ? 1_555 ? 
12 AC2 6 HOH D .   ? HOH A 248 . ? 1_555 ? 
13 AC2 6 HOH D .   ? HOH A 249 . ? 1_555 ? 
# 
loop_
_pdbx_validate_rmsd_bond.id 
_pdbx_validate_rmsd_bond.PDB_model_num 
_pdbx_validate_rmsd_bond.auth_atom_id_1 
_pdbx_validate_rmsd_bond.auth_asym_id_1 
_pdbx_validate_rmsd_bond.auth_comp_id_1 
_pdbx_validate_rmsd_bond.auth_seq_id_1 
_pdbx_validate_rmsd_bond.PDB_ins_code_1 
_pdbx_validate_rmsd_bond.label_alt_id_1 
_pdbx_validate_rmsd_bond.auth_atom_id_2 
_pdbx_validate_rmsd_bond.auth_asym_id_2 
_pdbx_validate_rmsd_bond.auth_comp_id_2 
_pdbx_validate_rmsd_bond.auth_seq_id_2 
_pdbx_validate_rmsd_bond.PDB_ins_code_2 
_pdbx_validate_rmsd_bond.label_alt_id_2 
_pdbx_validate_rmsd_bond.bond_value 
_pdbx_validate_rmsd_bond.bond_target_value 
_pdbx_validate_rmsd_bond.bond_deviation 
_pdbx_validate_rmsd_bond.bond_standard_deviation 
_pdbx_validate_rmsd_bond.linker_flag 
1 1 NE2 A HIS 54  ? ? CD2 A HIS 54  ? ? 1.289 1.373 -0.084 0.011 N 
2 1 NE2 A HIS 70  ? ? CD2 A HIS 70  ? ? 1.290 1.373 -0.083 0.011 N 
3 1 NE2 A HIS 92  ? ? CD2 A HIS 92  ? ? 1.301 1.373 -0.072 0.011 N 
4 1 NE2 A HIS 126 ? ? CD2 A HIS 126 ? ? 1.304 1.373 -0.069 0.011 N 
# 
loop_
_pdbx_validate_rmsd_angle.id 
_pdbx_validate_rmsd_angle.PDB_model_num 
_pdbx_validate_rmsd_angle.auth_atom_id_1 
_pdbx_validate_rmsd_angle.auth_asym_id_1 
_pdbx_validate_rmsd_angle.auth_comp_id_1 
_pdbx_validate_rmsd_angle.auth_seq_id_1 
_pdbx_validate_rmsd_angle.PDB_ins_code_1 
_pdbx_validate_rmsd_angle.label_alt_id_1 
_pdbx_validate_rmsd_angle.auth_atom_id_2 
_pdbx_validate_rmsd_angle.auth_asym_id_2 
_pdbx_validate_rmsd_angle.auth_comp_id_2 
_pdbx_validate_rmsd_angle.auth_seq_id_2 
_pdbx_validate_rmsd_angle.PDB_ins_code_2 
_pdbx_validate_rmsd_angle.label_alt_id_2 
_pdbx_validate_rmsd_angle.auth_atom_id_3 
_pdbx_validate_rmsd_angle.auth_asym_id_3 
_pdbx_validate_rmsd_angle.auth_comp_id_3 
_pdbx_validate_rmsd_angle.auth_seq_id_3 
_pdbx_validate_rmsd_angle.PDB_ins_code_3 
_pdbx_validate_rmsd_angle.label_alt_id_3 
_pdbx_validate_rmsd_angle.angle_value 
_pdbx_validate_rmsd_angle.angle_target_value 
_pdbx_validate_rmsd_angle.angle_deviation 
_pdbx_validate_rmsd_angle.angle_standard_deviation 
_pdbx_validate_rmsd_angle.linker_flag 
1 1 NE  A ARG 19  ? ? CZ  A ARG 19  ? ? NH2 A ARG 19  ? ? 115.73 120.30 -4.57  0.50 N 
2 1 CG  A ARG 69  ? ? CD  A ARG 69  ? ? NE  A ARG 69  ? ? 97.06  111.80 -14.74 2.10 N 
3 1 NE  A ARG 69  ? ? CZ  A ARG 69  ? ? NH2 A ARG 69  ? ? 115.47 120.30 -4.83  0.50 N 
4 1 CD1 A TRP 121 ? ? CG  A TRP 121 ? ? CD2 A TRP 121 ? ? 111.71 106.30 5.41   0.80 N 
5 1 CE2 A TRP 121 ? ? CD2 A TRP 121 ? ? CG  A TRP 121 ? ? 102.05 107.30 -5.25  0.80 N 
# 
loop_
_pdbx_validate_torsion.id 
_pdbx_validate_torsion.PDB_model_num 
_pdbx_validate_torsion.auth_comp_id 
_pdbx_validate_torsion.auth_asym_id 
_pdbx_validate_torsion.auth_seq_id 
_pdbx_validate_torsion.PDB_ins_code 
_pdbx_validate_torsion.label_alt_id 
_pdbx_validate_torsion.phi 
_pdbx_validate_torsion.psi 
1 1 LEU A 17 ? ? -108.26 -61.76 
2 1 PHE A 60 ? ? -127.80 -69.90 
3 1 ASN A 71 ? ? -152.40 3.23   
# 
loop_
_pdbx_validate_planes.id 
_pdbx_validate_planes.PDB_model_num 
_pdbx_validate_planes.auth_comp_id 
_pdbx_validate_planes.auth_asym_id 
_pdbx_validate_planes.auth_seq_id 
_pdbx_validate_planes.PDB_ins_code 
_pdbx_validate_planes.label_alt_id 
_pdbx_validate_planes.rmsd 
_pdbx_validate_planes.type 
1 1 ARG A 69  ? ? 0.081 'SIDE CHAIN' 
2 1 PHE A 112 ? ? 0.105 'SIDE CHAIN' 
# 
_pdbx_entry_details.entry_id                 4CYH 
_pdbx_entry_details.nonpolymer_details       'THE RESIDUES 201 AND 202 REPRESENT A DIPEPTIDE BOUND TO CYCLOPHILIN A' 
_pdbx_entry_details.compound_details         ? 
_pdbx_entry_details.source_details           ? 
_pdbx_entry_details.sequence_details         ? 
_pdbx_entry_details.has_ligand_of_interest   ? 
# 
loop_
_chem_comp_atom.comp_id 
_chem_comp_atom.atom_id 
_chem_comp_atom.type_symbol 
_chem_comp_atom.pdbx_aromatic_flag 
_chem_comp_atom.pdbx_stereo_config 
_chem_comp_atom.pdbx_ordinal 
ALA N    N N N 1   
ALA CA   C N S 2   
ALA C    C N N 3   
ALA O    O N N 4   
ALA CB   C N N 5   
ALA OXT  O N N 6   
ALA H    H N N 7   
ALA H2   H N N 8   
ALA HA   H N N 9   
ALA HB1  H N N 10  
ALA HB2  H N N 11  
ALA HB3  H N N 12  
ALA HXT  H N N 13  
ARG N    N N N 14  
ARG CA   C N S 15  
ARG C    C N N 16  
ARG O    O N N 17  
ARG CB   C N N 18  
ARG CG   C N N 19  
ARG CD   C N N 20  
ARG NE   N N N 21  
ARG CZ   C N N 22  
ARG NH1  N N N 23  
ARG NH2  N N N 24  
ARG OXT  O N N 25  
ARG H    H N N 26  
ARG H2   H N N 27  
ARG HA   H N N 28  
ARG HB2  H N N 29  
ARG HB3  H N N 30  
ARG HG2  H N N 31  
ARG HG3  H N N 32  
ARG HD2  H N N 33  
ARG HD3  H N N 34  
ARG HE   H N N 35  
ARG HH11 H N N 36  
ARG HH12 H N N 37  
ARG HH21 H N N 38  
ARG HH22 H N N 39  
ARG HXT  H N N 40  
ASN N    N N N 41  
ASN CA   C N S 42  
ASN C    C N N 43  
ASN O    O N N 44  
ASN CB   C N N 45  
ASN CG   C N N 46  
ASN OD1  O N N 47  
ASN ND2  N N N 48  
ASN OXT  O N N 49  
ASN H    H N N 50  
ASN H2   H N N 51  
ASN HA   H N N 52  
ASN HB2  H N N 53  
ASN HB3  H N N 54  
ASN HD21 H N N 55  
ASN HD22 H N N 56  
ASN HXT  H N N 57  
ASP N    N N N 58  
ASP CA   C N S 59  
ASP C    C N N 60  
ASP O    O N N 61  
ASP CB   C N N 62  
ASP CG   C N N 63  
ASP OD1  O N N 64  
ASP OD2  O N N 65  
ASP OXT  O N N 66  
ASP H    H N N 67  
ASP H2   H N N 68  
ASP HA   H N N 69  
ASP HB2  H N N 70  
ASP HB3  H N N 71  
ASP HD2  H N N 72  
ASP HXT  H N N 73  
CYS N    N N N 74  
CYS CA   C N R 75  
CYS C    C N N 76  
CYS O    O N N 77  
CYS CB   C N N 78  
CYS SG   S N N 79  
CYS OXT  O N N 80  
CYS H    H N N 81  
CYS H2   H N N 82  
CYS HA   H N N 83  
CYS HB2  H N N 84  
CYS HB3  H N N 85  
CYS HG   H N N 86  
CYS HXT  H N N 87  
GLN N    N N N 88  
GLN CA   C N S 89  
GLN C    C N N 90  
GLN O    O N N 91  
GLN CB   C N N 92  
GLN CG   C N N 93  
GLN CD   C N N 94  
GLN OE1  O N N 95  
GLN NE2  N N N 96  
GLN OXT  O N N 97  
GLN H    H N N 98  
GLN H2   H N N 99  
GLN HA   H N N 100 
GLN HB2  H N N 101 
GLN HB3  H N N 102 
GLN HG2  H N N 103 
GLN HG3  H N N 104 
GLN HE21 H N N 105 
GLN HE22 H N N 106 
GLN HXT  H N N 107 
GLU N    N N N 108 
GLU CA   C N S 109 
GLU C    C N N 110 
GLU O    O N N 111 
GLU CB   C N N 112 
GLU CG   C N N 113 
GLU CD   C N N 114 
GLU OE1  O N N 115 
GLU OE2  O N N 116 
GLU OXT  O N N 117 
GLU H    H N N 118 
GLU H2   H N N 119 
GLU HA   H N N 120 
GLU HB2  H N N 121 
GLU HB3  H N N 122 
GLU HG2  H N N 123 
GLU HG3  H N N 124 
GLU HE2  H N N 125 
GLU HXT  H N N 126 
GLY N    N N N 127 
GLY CA   C N N 128 
GLY C    C N N 129 
GLY O    O N N 130 
GLY OXT  O N N 131 
GLY H    H N N 132 
GLY H2   H N N 133 
GLY HA2  H N N 134 
GLY HA3  H N N 135 
GLY HXT  H N N 136 
HIS N    N N N 137 
HIS CA   C N S 138 
HIS C    C N N 139 
HIS O    O N N 140 
HIS CB   C N N 141 
HIS CG   C Y N 142 
HIS ND1  N Y N 143 
HIS CD2  C Y N 144 
HIS CE1  C Y N 145 
HIS NE2  N Y N 146 
HIS OXT  O N N 147 
HIS H    H N N 148 
HIS H2   H N N 149 
HIS HA   H N N 150 
HIS HB2  H N N 151 
HIS HB3  H N N 152 
HIS HD1  H N N 153 
HIS HD2  H N N 154 
HIS HE1  H N N 155 
HIS HE2  H N N 156 
HIS HXT  H N N 157 
HOH O    O N N 158 
HOH H1   H N N 159 
HOH H2   H N N 160 
ILE N    N N N 161 
ILE CA   C N S 162 
ILE C    C N N 163 
ILE O    O N N 164 
ILE CB   C N S 165 
ILE CG1  C N N 166 
ILE CG2  C N N 167 
ILE CD1  C N N 168 
ILE OXT  O N N 169 
ILE H    H N N 170 
ILE H2   H N N 171 
ILE HA   H N N 172 
ILE HB   H N N 173 
ILE HG12 H N N 174 
ILE HG13 H N N 175 
ILE HG21 H N N 176 
ILE HG22 H N N 177 
ILE HG23 H N N 178 
ILE HD11 H N N 179 
ILE HD12 H N N 180 
ILE HD13 H N N 181 
ILE HXT  H N N 182 
LEU N    N N N 183 
LEU CA   C N S 184 
LEU C    C N N 185 
LEU O    O N N 186 
LEU CB   C N N 187 
LEU CG   C N N 188 
LEU CD1  C N N 189 
LEU CD2  C N N 190 
LEU OXT  O N N 191 
LEU H    H N N 192 
LEU H2   H N N 193 
LEU HA   H N N 194 
LEU HB2  H N N 195 
LEU HB3  H N N 196 
LEU HG   H N N 197 
LEU HD11 H N N 198 
LEU HD12 H N N 199 
LEU HD13 H N N 200 
LEU HD21 H N N 201 
LEU HD22 H N N 202 
LEU HD23 H N N 203 
LEU HXT  H N N 204 
LYS N    N N N 205 
LYS CA   C N S 206 
LYS C    C N N 207 
LYS O    O N N 208 
LYS CB   C N N 209 
LYS CG   C N N 210 
LYS CD   C N N 211 
LYS CE   C N N 212 
LYS NZ   N N N 213 
LYS OXT  O N N 214 
LYS H    H N N 215 
LYS H2   H N N 216 
LYS HA   H N N 217 
LYS HB2  H N N 218 
LYS HB3  H N N 219 
LYS HG2  H N N 220 
LYS HG3  H N N 221 
LYS HD2  H N N 222 
LYS HD3  H N N 223 
LYS HE2  H N N 224 
LYS HE3  H N N 225 
LYS HZ1  H N N 226 
LYS HZ2  H N N 227 
LYS HZ3  H N N 228 
LYS HXT  H N N 229 
MET N    N N N 230 
MET CA   C N S 231 
MET C    C N N 232 
MET O    O N N 233 
MET CB   C N N 234 
MET CG   C N N 235 
MET SD   S N N 236 
MET CE   C N N 237 
MET OXT  O N N 238 
MET H    H N N 239 
MET H2   H N N 240 
MET HA   H N N 241 
MET HB2  H N N 242 
MET HB3  H N N 243 
MET HG2  H N N 244 
MET HG3  H N N 245 
MET HE1  H N N 246 
MET HE2  H N N 247 
MET HE3  H N N 248 
MET HXT  H N N 249 
PHE N    N N N 250 
PHE CA   C N S 251 
PHE C    C N N 252 
PHE O    O N N 253 
PHE CB   C N N 254 
PHE CG   C Y N 255 
PHE CD1  C Y N 256 
PHE CD2  C Y N 257 
PHE CE1  C Y N 258 
PHE CE2  C Y N 259 
PHE CZ   C Y N 260 
PHE OXT  O N N 261 
PHE H    H N N 262 
PHE H2   H N N 263 
PHE HA   H N N 264 
PHE HB2  H N N 265 
PHE HB3  H N N 266 
PHE HD1  H N N 267 
PHE HD2  H N N 268 
PHE HE1  H N N 269 
PHE HE2  H N N 270 
PHE HZ   H N N 271 
PHE HXT  H N N 272 
PRO N    N N N 273 
PRO CA   C N S 274 
PRO C    C N N 275 
PRO O    O N N 276 
PRO CB   C N N 277 
PRO CG   C N N 278 
PRO CD   C N N 279 
PRO OXT  O N N 280 
PRO H    H N N 281 
PRO HA   H N N 282 
PRO HB2  H N N 283 
PRO HB3  H N N 284 
PRO HG2  H N N 285 
PRO HG3  H N N 286 
PRO HD2  H N N 287 
PRO HD3  H N N 288 
PRO HXT  H N N 289 
SER N    N N N 290 
SER CA   C N S 291 
SER C    C N N 292 
SER O    O N N 293 
SER CB   C N N 294 
SER OG   O N N 295 
SER OXT  O N N 296 
SER H    H N N 297 
SER H2   H N N 298 
SER HA   H N N 299 
SER HB2  H N N 300 
SER HB3  H N N 301 
SER HG   H N N 302 
SER HXT  H N N 303 
THR N    N N N 304 
THR CA   C N S 305 
THR C    C N N 306 
THR O    O N N 307 
THR CB   C N R 308 
THR OG1  O N N 309 
THR CG2  C N N 310 
THR OXT  O N N 311 
THR H    H N N 312 
THR H2   H N N 313 
THR HA   H N N 314 
THR HB   H N N 315 
THR HG1  H N N 316 
THR HG21 H N N 317 
THR HG22 H N N 318 
THR HG23 H N N 319 
THR HXT  H N N 320 
TRP N    N N N 321 
TRP CA   C N S 322 
TRP C    C N N 323 
TRP O    O N N 324 
TRP CB   C N N 325 
TRP CG   C Y N 326 
TRP CD1  C Y N 327 
TRP CD2  C Y N 328 
TRP NE1  N Y N 329 
TRP CE2  C Y N 330 
TRP CE3  C Y N 331 
TRP CZ2  C Y N 332 
TRP CZ3  C Y N 333 
TRP CH2  C Y N 334 
TRP OXT  O N N 335 
TRP H    H N N 336 
TRP H2   H N N 337 
TRP HA   H N N 338 
TRP HB2  H N N 339 
TRP HB3  H N N 340 
TRP HD1  H N N 341 
TRP HE1  H N N 342 
TRP HE3  H N N 343 
TRP HZ2  H N N 344 
TRP HZ3  H N N 345 
TRP HH2  H N N 346 
TRP HXT  H N N 347 
TYR N    N N N 348 
TYR CA   C N S 349 
TYR C    C N N 350 
TYR O    O N N 351 
TYR CB   C N N 352 
TYR CG   C Y N 353 
TYR CD1  C Y N 354 
TYR CD2  C Y N 355 
TYR CE1  C Y N 356 
TYR CE2  C Y N 357 
TYR CZ   C Y N 358 
TYR OH   O N N 359 
TYR OXT  O N N 360 
TYR H    H N N 361 
TYR H2   H N N 362 
TYR HA   H N N 363 
TYR HB2  H N N 364 
TYR HB3  H N N 365 
TYR HD1  H N N 366 
TYR HD2  H N N 367 
TYR HE1  H N N 368 
TYR HE2  H N N 369 
TYR HH   H N N 370 
TYR HXT  H N N 371 
VAL N    N N N 372 
VAL CA   C N S 373 
VAL C    C N N 374 
VAL O    O N N 375 
VAL CB   C N N 376 
VAL CG1  C N N 377 
VAL CG2  C N N 378 
VAL OXT  O N N 379 
VAL H    H N N 380 
VAL H2   H N N 381 
VAL HA   H N N 382 
VAL HB   H N N 383 
VAL HG11 H N N 384 
VAL HG12 H N N 385 
VAL HG13 H N N 386 
VAL HG21 H N N 387 
VAL HG22 H N N 388 
VAL HG23 H N N 389 
VAL HXT  H N N 390 
# 
loop_
_chem_comp_bond.comp_id 
_chem_comp_bond.atom_id_1 
_chem_comp_bond.atom_id_2 
_chem_comp_bond.value_order 
_chem_comp_bond.pdbx_aromatic_flag 
_chem_comp_bond.pdbx_stereo_config 
_chem_comp_bond.pdbx_ordinal 
ALA N   CA   sing N N 1   
ALA N   H    sing N N 2   
ALA N   H2   sing N N 3   
ALA CA  C    sing N N 4   
ALA CA  CB   sing N N 5   
ALA CA  HA   sing N N 6   
ALA C   O    doub N N 7   
ALA C   OXT  sing N N 8   
ALA CB  HB1  sing N N 9   
ALA CB  HB2  sing N N 10  
ALA CB  HB3  sing N N 11  
ALA OXT HXT  sing N N 12  
ARG N   CA   sing N N 13  
ARG N   H    sing N N 14  
ARG N   H2   sing N N 15  
ARG CA  C    sing N N 16  
ARG CA  CB   sing N N 17  
ARG CA  HA   sing N N 18  
ARG C   O    doub N N 19  
ARG C   OXT  sing N N 20  
ARG CB  CG   sing N N 21  
ARG CB  HB2  sing N N 22  
ARG CB  HB3  sing N N 23  
ARG CG  CD   sing N N 24  
ARG CG  HG2  sing N N 25  
ARG CG  HG3  sing N N 26  
ARG CD  NE   sing N N 27  
ARG CD  HD2  sing N N 28  
ARG CD  HD3  sing N N 29  
ARG NE  CZ   sing N N 30  
ARG NE  HE   sing N N 31  
ARG CZ  NH1  sing N N 32  
ARG CZ  NH2  doub N N 33  
ARG NH1 HH11 sing N N 34  
ARG NH1 HH12 sing N N 35  
ARG NH2 HH21 sing N N 36  
ARG NH2 HH22 sing N N 37  
ARG OXT HXT  sing N N 38  
ASN N   CA   sing N N 39  
ASN N   H    sing N N 40  
ASN N   H2   sing N N 41  
ASN CA  C    sing N N 42  
ASN CA  CB   sing N N 43  
ASN CA  HA   sing N N 44  
ASN C   O    doub N N 45  
ASN C   OXT  sing N N 46  
ASN CB  CG   sing N N 47  
ASN CB  HB2  sing N N 48  
ASN CB  HB3  sing N N 49  
ASN CG  OD1  doub N N 50  
ASN CG  ND2  sing N N 51  
ASN ND2 HD21 sing N N 52  
ASN ND2 HD22 sing N N 53  
ASN OXT HXT  sing N N 54  
ASP N   CA   sing N N 55  
ASP N   H    sing N N 56  
ASP N   H2   sing N N 57  
ASP CA  C    sing N N 58  
ASP CA  CB   sing N N 59  
ASP CA  HA   sing N N 60  
ASP C   O    doub N N 61  
ASP C   OXT  sing N N 62  
ASP CB  CG   sing N N 63  
ASP CB  HB2  sing N N 64  
ASP CB  HB3  sing N N 65  
ASP CG  OD1  doub N N 66  
ASP CG  OD2  sing N N 67  
ASP OD2 HD2  sing N N 68  
ASP OXT HXT  sing N N 69  
CYS N   CA   sing N N 70  
CYS N   H    sing N N 71  
CYS N   H2   sing N N 72  
CYS CA  C    sing N N 73  
CYS CA  CB   sing N N 74  
CYS CA  HA   sing N N 75  
CYS C   O    doub N N 76  
CYS C   OXT  sing N N 77  
CYS CB  SG   sing N N 78  
CYS CB  HB2  sing N N 79  
CYS CB  HB3  sing N N 80  
CYS SG  HG   sing N N 81  
CYS OXT HXT  sing N N 82  
GLN N   CA   sing N N 83  
GLN N   H    sing N N 84  
GLN N   H2   sing N N 85  
GLN CA  C    sing N N 86  
GLN CA  CB   sing N N 87  
GLN CA  HA   sing N N 88  
GLN C   O    doub N N 89  
GLN C   OXT  sing N N 90  
GLN CB  CG   sing N N 91  
GLN CB  HB2  sing N N 92  
GLN CB  HB3  sing N N 93  
GLN CG  CD   sing N N 94  
GLN CG  HG2  sing N N 95  
GLN CG  HG3  sing N N 96  
GLN CD  OE1  doub N N 97  
GLN CD  NE2  sing N N 98  
GLN NE2 HE21 sing N N 99  
GLN NE2 HE22 sing N N 100 
GLN OXT HXT  sing N N 101 
GLU N   CA   sing N N 102 
GLU N   H    sing N N 103 
GLU N   H2   sing N N 104 
GLU CA  C    sing N N 105 
GLU CA  CB   sing N N 106 
GLU CA  HA   sing N N 107 
GLU C   O    doub N N 108 
GLU C   OXT  sing N N 109 
GLU CB  CG   sing N N 110 
GLU CB  HB2  sing N N 111 
GLU CB  HB3  sing N N 112 
GLU CG  CD   sing N N 113 
GLU CG  HG2  sing N N 114 
GLU CG  HG3  sing N N 115 
GLU CD  OE1  doub N N 116 
GLU CD  OE2  sing N N 117 
GLU OE2 HE2  sing N N 118 
GLU OXT HXT  sing N N 119 
GLY N   CA   sing N N 120 
GLY N   H    sing N N 121 
GLY N   H2   sing N N 122 
GLY CA  C    sing N N 123 
GLY CA  HA2  sing N N 124 
GLY CA  HA3  sing N N 125 
GLY C   O    doub N N 126 
GLY C   OXT  sing N N 127 
GLY OXT HXT  sing N N 128 
HIS N   CA   sing N N 129 
HIS N   H    sing N N 130 
HIS N   H2   sing N N 131 
HIS CA  C    sing N N 132 
HIS CA  CB   sing N N 133 
HIS CA  HA   sing N N 134 
HIS C   O    doub N N 135 
HIS C   OXT  sing N N 136 
HIS CB  CG   sing N N 137 
HIS CB  HB2  sing N N 138 
HIS CB  HB3  sing N N 139 
HIS CG  ND1  sing Y N 140 
HIS CG  CD2  doub Y N 141 
HIS ND1 CE1  doub Y N 142 
HIS ND1 HD1  sing N N 143 
HIS CD2 NE2  sing Y N 144 
HIS CD2 HD2  sing N N 145 
HIS CE1 NE2  sing Y N 146 
HIS CE1 HE1  sing N N 147 
HIS NE2 HE2  sing N N 148 
HIS OXT HXT  sing N N 149 
HOH O   H1   sing N N 150 
HOH O   H2   sing N N 151 
ILE N   CA   sing N N 152 
ILE N   H    sing N N 153 
ILE N   H2   sing N N 154 
ILE CA  C    sing N N 155 
ILE CA  CB   sing N N 156 
ILE CA  HA   sing N N 157 
ILE C   O    doub N N 158 
ILE C   OXT  sing N N 159 
ILE CB  CG1  sing N N 160 
ILE CB  CG2  sing N N 161 
ILE CB  HB   sing N N 162 
ILE CG1 CD1  sing N N 163 
ILE CG1 HG12 sing N N 164 
ILE CG1 HG13 sing N N 165 
ILE CG2 HG21 sing N N 166 
ILE CG2 HG22 sing N N 167 
ILE CG2 HG23 sing N N 168 
ILE CD1 HD11 sing N N 169 
ILE CD1 HD12 sing N N 170 
ILE CD1 HD13 sing N N 171 
ILE OXT HXT  sing N N 172 
LEU N   CA   sing N N 173 
LEU N   H    sing N N 174 
LEU N   H2   sing N N 175 
LEU CA  C    sing N N 176 
LEU CA  CB   sing N N 177 
LEU CA  HA   sing N N 178 
LEU C   O    doub N N 179 
LEU C   OXT  sing N N 180 
LEU CB  CG   sing N N 181 
LEU CB  HB2  sing N N 182 
LEU CB  HB3  sing N N 183 
LEU CG  CD1  sing N N 184 
LEU CG  CD2  sing N N 185 
LEU CG  HG   sing N N 186 
LEU CD1 HD11 sing N N 187 
LEU CD1 HD12 sing N N 188 
LEU CD1 HD13 sing N N 189 
LEU CD2 HD21 sing N N 190 
LEU CD2 HD22 sing N N 191 
LEU CD2 HD23 sing N N 192 
LEU OXT HXT  sing N N 193 
LYS N   CA   sing N N 194 
LYS N   H    sing N N 195 
LYS N   H2   sing N N 196 
LYS CA  C    sing N N 197 
LYS CA  CB   sing N N 198 
LYS CA  HA   sing N N 199 
LYS C   O    doub N N 200 
LYS C   OXT  sing N N 201 
LYS CB  CG   sing N N 202 
LYS CB  HB2  sing N N 203 
LYS CB  HB3  sing N N 204 
LYS CG  CD   sing N N 205 
LYS CG  HG2  sing N N 206 
LYS CG  HG3  sing N N 207 
LYS CD  CE   sing N N 208 
LYS CD  HD2  sing N N 209 
LYS CD  HD3  sing N N 210 
LYS CE  NZ   sing N N 211 
LYS CE  HE2  sing N N 212 
LYS CE  HE3  sing N N 213 
LYS NZ  HZ1  sing N N 214 
LYS NZ  HZ2  sing N N 215 
LYS NZ  HZ3  sing N N 216 
LYS OXT HXT  sing N N 217 
MET N   CA   sing N N 218 
MET N   H    sing N N 219 
MET N   H2   sing N N 220 
MET CA  C    sing N N 221 
MET CA  CB   sing N N 222 
MET CA  HA   sing N N 223 
MET C   O    doub N N 224 
MET C   OXT  sing N N 225 
MET CB  CG   sing N N 226 
MET CB  HB2  sing N N 227 
MET CB  HB3  sing N N 228 
MET CG  SD   sing N N 229 
MET CG  HG2  sing N N 230 
MET CG  HG3  sing N N 231 
MET SD  CE   sing N N 232 
MET CE  HE1  sing N N 233 
MET CE  HE2  sing N N 234 
MET CE  HE3  sing N N 235 
MET OXT HXT  sing N N 236 
PHE N   CA   sing N N 237 
PHE N   H    sing N N 238 
PHE N   H2   sing N N 239 
PHE CA  C    sing N N 240 
PHE CA  CB   sing N N 241 
PHE CA  HA   sing N N 242 
PHE C   O    doub N N 243 
PHE C   OXT  sing N N 244 
PHE CB  CG   sing N N 245 
PHE CB  HB2  sing N N 246 
PHE CB  HB3  sing N N 247 
PHE CG  CD1  doub Y N 248 
PHE CG  CD2  sing Y N 249 
PHE CD1 CE1  sing Y N 250 
PHE CD1 HD1  sing N N 251 
PHE CD2 CE2  doub Y N 252 
PHE CD2 HD2  sing N N 253 
PHE CE1 CZ   doub Y N 254 
PHE CE1 HE1  sing N N 255 
PHE CE2 CZ   sing Y N 256 
PHE CE2 HE2  sing N N 257 
PHE CZ  HZ   sing N N 258 
PHE OXT HXT  sing N N 259 
PRO N   CA   sing N N 260 
PRO N   CD   sing N N 261 
PRO N   H    sing N N 262 
PRO CA  C    sing N N 263 
PRO CA  CB   sing N N 264 
PRO CA  HA   sing N N 265 
PRO C   O    doub N N 266 
PRO C   OXT  sing N N 267 
PRO CB  CG   sing N N 268 
PRO CB  HB2  sing N N 269 
PRO CB  HB3  sing N N 270 
PRO CG  CD   sing N N 271 
PRO CG  HG2  sing N N 272 
PRO CG  HG3  sing N N 273 
PRO CD  HD2  sing N N 274 
PRO CD  HD3  sing N N 275 
PRO OXT HXT  sing N N 276 
SER N   CA   sing N N 277 
SER N   H    sing N N 278 
SER N   H2   sing N N 279 
SER CA  C    sing N N 280 
SER CA  CB   sing N N 281 
SER CA  HA   sing N N 282 
SER C   O    doub N N 283 
SER C   OXT  sing N N 284 
SER CB  OG   sing N N 285 
SER CB  HB2  sing N N 286 
SER CB  HB3  sing N N 287 
SER OG  HG   sing N N 288 
SER OXT HXT  sing N N 289 
THR N   CA   sing N N 290 
THR N   H    sing N N 291 
THR N   H2   sing N N 292 
THR CA  C    sing N N 293 
THR CA  CB   sing N N 294 
THR CA  HA   sing N N 295 
THR C   O    doub N N 296 
THR C   OXT  sing N N 297 
THR CB  OG1  sing N N 298 
THR CB  CG2  sing N N 299 
THR CB  HB   sing N N 300 
THR OG1 HG1  sing N N 301 
THR CG2 HG21 sing N N 302 
THR CG2 HG22 sing N N 303 
THR CG2 HG23 sing N N 304 
THR OXT HXT  sing N N 305 
TRP N   CA   sing N N 306 
TRP N   H    sing N N 307 
TRP N   H2   sing N N 308 
TRP CA  C    sing N N 309 
TRP CA  CB   sing N N 310 
TRP CA  HA   sing N N 311 
TRP C   O    doub N N 312 
TRP C   OXT  sing N N 313 
TRP CB  CG   sing N N 314 
TRP CB  HB2  sing N N 315 
TRP CB  HB3  sing N N 316 
TRP CG  CD1  doub Y N 317 
TRP CG  CD2  sing Y N 318 
TRP CD1 NE1  sing Y N 319 
TRP CD1 HD1  sing N N 320 
TRP CD2 CE2  doub Y N 321 
TRP CD2 CE3  sing Y N 322 
TRP NE1 CE2  sing Y N 323 
TRP NE1 HE1  sing N N 324 
TRP CE2 CZ2  sing Y N 325 
TRP CE3 CZ3  doub Y N 326 
TRP CE3 HE3  sing N N 327 
TRP CZ2 CH2  doub Y N 328 
TRP CZ2 HZ2  sing N N 329 
TRP CZ3 CH2  sing Y N 330 
TRP CZ3 HZ3  sing N N 331 
TRP CH2 HH2  sing N N 332 
TRP OXT HXT  sing N N 333 
TYR N   CA   sing N N 334 
TYR N   H    sing N N 335 
TYR N   H2   sing N N 336 
TYR CA  C    sing N N 337 
TYR CA  CB   sing N N 338 
TYR CA  HA   sing N N 339 
TYR C   O    doub N N 340 
TYR C   OXT  sing N N 341 
TYR CB  CG   sing N N 342 
TYR CB  HB2  sing N N 343 
TYR CB  HB3  sing N N 344 
TYR CG  CD1  doub Y N 345 
TYR CG  CD2  sing Y N 346 
TYR CD1 CE1  sing Y N 347 
TYR CD1 HD1  sing N N 348 
TYR CD2 CE2  doub Y N 349 
TYR CD2 HD2  sing N N 350 
TYR CE1 CZ   doub Y N 351 
TYR CE1 HE1  sing N N 352 
TYR CE2 CZ   sing Y N 353 
TYR CE2 HE2  sing N N 354 
TYR CZ  OH   sing N N 355 
TYR OH  HH   sing N N 356 
TYR OXT HXT  sing N N 357 
VAL N   CA   sing N N 358 
VAL N   H    sing N N 359 
VAL N   H2   sing N N 360 
VAL CA  C    sing N N 361 
VAL CA  CB   sing N N 362 
VAL CA  HA   sing N N 363 
VAL C   O    doub N N 364 
VAL C   OXT  sing N N 365 
VAL CB  CG1  sing N N 366 
VAL CB  CG2  sing N N 367 
VAL CB  HB   sing N N 368 
VAL CG1 HG11 sing N N 369 
VAL CG1 HG12 sing N N 370 
VAL CG1 HG13 sing N N 371 
VAL CG2 HG21 sing N N 372 
VAL CG2 HG22 sing N N 373 
VAL CG2 HG23 sing N N 374 
VAL OXT HXT  sing N N 375 
# 
_atom_sites.entry_id                    4CYH 
_atom_sites.fract_transf_matrix[1][1]   -0.00837749 
_atom_sites.fract_transf_matrix[1][2]   -0.00212172 
_atom_sites.fract_transf_matrix[1][3]   0.02300002 
_atom_sites.fract_transf_matrix[2][1]   -0.00528200 
_atom_sites.fract_transf_matrix[2][2]   -0.01798504 
_atom_sites.fract_transf_matrix[2][3]   -0.00358300 
_atom_sites.fract_transf_matrix[3][1]   0.01003792 
_atom_sites.fract_transf_matrix[3][2]   -0.00361007 
_atom_sites.fract_transf_matrix[3][3]   0.00332317 
_atom_sites.fract_transf_vector[1]      0.389690 
_atom_sites.fract_transf_vector[2]      0.306159 
_atom_sites.fract_transf_vector[3]      0.158179 
# 
loop_
_atom_type.symbol 
C 
H 
N 
O 
S 
# 
loop_
_atom_site.group_PDB 
_atom_site.id 
_atom_site.type_symbol 
_atom_site.label_atom_id 
_atom_site.label_alt_id 
_atom_site.label_comp_id 
_atom_site.label_asym_id 
_atom_site.label_entity_id 
_atom_site.label_seq_id 
_atom_site.pdbx_PDB_ins_code 
_atom_site.Cartn_x 
_atom_site.Cartn_y 
_atom_site.Cartn_z 
_atom_site.occupancy 
_atom_site.B_iso_or_equiv 
_atom_site.pdbx_formal_charge 
_atom_site.auth_seq_id 
_atom_site.auth_comp_id 
_atom_site.auth_asym_id 
_atom_site.auth_atom_id 
_atom_site.pdbx_PDB_model_num 
ATOM   1    N N    . VAL A 1 1   ? 8.265   -11.962 -13.627 1.00 47.57 ? 2   VAL A N    1 
ATOM   2    C CA   . VAL A 1 1   ? 7.600   -11.647 -14.899 1.00 45.34 ? 2   VAL A CA   1 
ATOM   3    C C    . VAL A 1 1   ? 6.883   -10.380 -14.437 1.00 42.32 ? 2   VAL A C    1 
ATOM   4    O O    . VAL A 1 1   ? 7.516   -9.335  -14.587 1.00 43.49 ? 2   VAL A O    1 
ATOM   5    C CB   . VAL A 1 1   ? 6.634   -12.805 -15.304 1.00 47.31 ? 2   VAL A CB   1 
ATOM   6    C CG1  . VAL A 1 1   ? 5.910   -12.462 -16.603 1.00 47.52 ? 2   VAL A CG1  1 
ATOM   7    C CG2  . VAL A 1 1   ? 7.429   -14.086 -15.543 1.00 47.45 ? 2   VAL A CG2  1 
ATOM   8    H H1   . VAL A 1 1   ? 7.581   -12.042 -12.831 1.00 0.00  ? 2   VAL A H1   1 
ATOM   9    H H2   . VAL A 1 1   ? 8.807   -12.837 -13.571 1.00 0.00  ? 2   VAL A H2   1 
ATOM   10   H H3   . VAL A 1 1   ? 8.862   -11.162 -13.326 1.00 0.00  ? 2   VAL A H3   1 
ATOM   11   N N    . ASN A 1 2   ? 5.664   -10.373 -13.865 1.00 35.77 ? 3   ASN A N    1 
ATOM   12   C CA   . ASN A 1 2   ? 5.200   -9.189  -13.128 1.00 29.45 ? 3   ASN A CA   1 
ATOM   13   C C    . ASN A 1 2   ? 6.097   -9.091  -11.888 1.00 26.21 ? 3   ASN A C    1 
ATOM   14   O O    . ASN A 1 2   ? 6.421   -10.153 -11.361 1.00 25.28 ? 3   ASN A O    1 
ATOM   15   C CB   . ASN A 1 2   ? 3.779   -9.362  -12.663 1.00 28.10 ? 3   ASN A CB   1 
ATOM   16   C CG   . ASN A 1 2   ? 2.774   -8.811  -13.645 1.00 27.53 ? 3   ASN A CG   1 
ATOM   17   O OD1  . ASN A 1 2   ? 3.097   -7.993  -14.506 1.00 25.68 ? 3   ASN A OD1  1 
ATOM   18   N ND2  . ASN A 1 2   ? 1.522   -9.216  -13.551 1.00 27.46 ? 3   ASN A ND2  1 
ATOM   19   H H    . ASN A 1 2   ? 5.087   -11.161 -13.867 1.00 0.00  ? 3   ASN A H    1 
ATOM   20   H HD21 . ASN A 1 2   ? 0.894   -8.879  -14.223 1.00 0.00  ? 3   ASN A HD21 1 
ATOM   21   H HD22 . ASN A 1 2   ? 1.289   -9.851  -12.827 1.00 0.00  ? 3   ASN A HD22 1 
ATOM   22   N N    . PRO A 1 3   ? 6.608   -7.973  -11.392 1.00 23.65 ? 4   PRO A N    1 
ATOM   23   C CA   . PRO A 1 3   ? 7.478   -7.953  -10.242 1.00 22.32 ? 4   PRO A CA   1 
ATOM   24   C C    . PRO A 1 3   ? 6.852   -8.449  -8.962  1.00 22.03 ? 4   PRO A C    1 
ATOM   25   O O    . PRO A 1 3   ? 5.629   -8.409  -8.813  1.00 21.90 ? 4   PRO A O    1 
ATOM   26   C CB   . PRO A 1 3   ? 7.939   -6.518  -10.170 1.00 21.60 ? 4   PRO A CB   1 
ATOM   27   C CG   . PRO A 1 3   ? 6.938   -5.720  -10.903 1.00 22.02 ? 4   PRO A CG   1 
ATOM   28   C CD   . PRO A 1 3   ? 6.571   -6.667  -12.032 1.00 23.19 ? 4   PRO A CD   1 
ATOM   29   N N    . THR A 1 4   ? 7.622   -8.959  -8.017  1.00 21.28 ? 5   THR A N    1 
ATOM   30   C CA   . THR A 1 4   ? 7.073   -9.255  -6.704  1.00 20.94 ? 5   THR A CA   1 
ATOM   31   C C    . THR A 1 4   ? 7.831   -8.416  -5.715  1.00 19.55 ? 5   THR A C    1 
ATOM   32   O O    . THR A 1 4   ? 9.049   -8.363  -5.841  1.00 19.41 ? 5   THR A O    1 
ATOM   33   C CB   . THR A 1 4   ? 7.259   -10.712 -6.402  1.00 23.01 ? 5   THR A CB   1 
ATOM   34   O OG1  . THR A 1 4   ? 6.463   -11.325 -7.400  1.00 24.15 ? 5   THR A OG1  1 
ATOM   35   C CG2  . THR A 1 4   ? 6.753   -11.196 -5.053  1.00 23.99 ? 5   THR A CG2  1 
ATOM   36   H H    . THR A 1 4   ? 8.561   -9.156  -8.221  1.00 0.00  ? 5   THR A H    1 
ATOM   37   H HG1  . THR A 1 4   ? 7.031   -11.374 -8.204  1.00 0.00  ? 5   THR A HG1  1 
ATOM   38   N N    . VAL A 1 5   ? 7.222   -7.722  -4.765  1.00 16.48 ? 6   VAL A N    1 
ATOM   39   C CA   . VAL A 1 5   ? 7.952   -6.994  -3.775  1.00 16.62 ? 6   VAL A CA   1 
ATOM   40   C C    . VAL A 1 5   ? 7.514   -7.476  -2.406  1.00 15.94 ? 6   VAL A C    1 
ATOM   41   O O    . VAL A 1 5   ? 6.479   -8.120  -2.306  1.00 17.08 ? 6   VAL A O    1 
ATOM   42   C CB   . VAL A 1 5   ? 7.714   -5.481  -3.899  1.00 17.93 ? 6   VAL A CB   1 
ATOM   43   C CG1  . VAL A 1 5   ? 8.378   -4.942  -5.159  1.00 16.10 ? 6   VAL A CG1  1 
ATOM   44   C CG2  . VAL A 1 5   ? 6.236   -5.197  -3.897  1.00 18.89 ? 6   VAL A CG2  1 
ATOM   45   H H    . VAL A 1 5   ? 6.241   -7.774  -4.697  1.00 0.00  ? 6   VAL A H    1 
ATOM   46   N N    . PHE A 1 6   ? 8.238   -7.272  -1.314  1.00 14.83 ? 7   PHE A N    1 
ATOM   47   C CA   . PHE A 1 6   ? 7.799   -7.811  -0.051  1.00 14.63 ? 7   PHE A CA   1 
ATOM   48   C C    . PHE A 1 6   ? 7.866   -6.709  0.942   1.00 14.65 ? 7   PHE A C    1 
ATOM   49   O O    . PHE A 1 6   ? 8.640   -5.782  0.696   1.00 14.63 ? 7   PHE A O    1 
ATOM   50   C CB   . PHE A 1 6   ? 8.717   -8.965  0.439   1.00 15.00 ? 7   PHE A CB   1 
ATOM   51   C CG   . PHE A 1 6   ? 10.159  -8.586  0.770   1.00 14.37 ? 7   PHE A CG   1 
ATOM   52   C CD1  . PHE A 1 6   ? 11.119  -8.595  -0.239  1.00 14.36 ? 7   PHE A CD1  1 
ATOM   53   C CD2  . PHE A 1 6   ? 10.505  -8.173  2.062   1.00 14.41 ? 7   PHE A CD2  1 
ATOM   54   C CE1  . PHE A 1 6   ? 12.414  -8.148  0.020   1.00 14.11 ? 7   PHE A CE1  1 
ATOM   55   C CE2  . PHE A 1 6   ? 11.796  -7.728  2.315   1.00 14.92 ? 7   PHE A CE2  1 
ATOM   56   C CZ   . PHE A 1 6   ? 12.754  -7.713  1.297   1.00 14.66 ? 7   PHE A CZ   1 
ATOM   57   H H    . PHE A 1 6   ? 9.032   -6.697  -1.341  1.00 0.00  ? 7   PHE A H    1 
ATOM   58   N N    . PHE A 1 7   ? 7.139   -6.818  2.058   1.00 14.10 ? 8   PHE A N    1 
ATOM   59   C CA   . PHE A 1 7   ? 7.302   -5.918  3.161   1.00 13.58 ? 8   PHE A CA   1 
ATOM   60   C C    . PHE A 1 7   ? 7.482   -6.838  4.348   1.00 14.83 ? 8   PHE A C    1 
ATOM   61   O O    . PHE A 1 7   ? 6.788   -7.861  4.450   1.00 13.39 ? 8   PHE A O    1 
ATOM   62   C CB   . PHE A 1 7   ? 6.097   -5.094  3.525   1.00 13.88 ? 8   PHE A CB   1 
ATOM   63   C CG   . PHE A 1 7   ? 5.626   -3.983  2.611   1.00 15.19 ? 8   PHE A CG   1 
ATOM   64   C CD1  . PHE A 1 7   ? 6.416   -3.482  1.574   1.00 15.40 ? 8   PHE A CD1  1 
ATOM   65   C CD2  . PHE A 1 7   ? 4.363   -3.441  2.851   1.00 15.12 ? 8   PHE A CD2  1 
ATOM   66   C CE1  . PHE A 1 7   ? 5.960   -2.424  0.783   1.00 15.35 ? 8   PHE A CE1  1 
ATOM   67   C CE2  . PHE A 1 7   ? 3.910   -2.409  2.035   1.00 15.28 ? 8   PHE A CE2  1 
ATOM   68   C CZ   . PHE A 1 7   ? 4.701   -1.896  1.014   1.00 13.19 ? 8   PHE A CZ   1 
ATOM   69   H H    . PHE A 1 7   ? 6.542   -7.584  2.182   1.00 0.00  ? 8   PHE A H    1 
ATOM   70   N N    . ASP A 1 8   ? 8.404   -6.482  5.241   1.00 12.98 ? 9   ASP A N    1 
ATOM   71   C CA   . ASP A 1 8   ? 8.572   -7.193  6.458   1.00 13.53 ? 9   ASP A CA   1 
ATOM   72   C C    . ASP A 1 8   ? 8.008   -6.227  7.453   1.00 14.10 ? 9   ASP A C    1 
ATOM   73   O O    . ASP A 1 8   ? 8.447   -5.084  7.567   1.00 14.28 ? 9   ASP A O    1 
ATOM   74   C CB   . ASP A 1 8   ? 10.058  -7.476  6.682   1.00 17.00 ? 9   ASP A CB   1 
ATOM   75   C CG   . ASP A 1 8   ? 10.537  -8.759  6.046   1.00 18.94 ? 9   ASP A CG   1 
ATOM   76   O OD1  . ASP A 1 8   ? 9.749   -9.631  5.745   1.00 20.25 ? 9   ASP A OD1  1 
ATOM   77   O OD2  . ASP A 1 8   ? 11.723  -9.047  5.951   1.00 22.51 ? 9   ASP A OD2  1 
ATOM   78   H H    . ASP A 1 8   ? 8.916   -5.666  5.111   1.00 0.00  ? 9   ASP A H    1 
ATOM   79   N N    . ILE A 1 9   ? 6.976   -6.658  8.159   1.00 15.76 ? 10  ILE A N    1 
ATOM   80   C CA   . ILE A 1 9   ? 6.193   -5.861  9.096   1.00 16.67 ? 10  ILE A CA   1 
ATOM   81   C C    . ILE A 1 9   ? 6.653   -6.098  10.527  1.00 18.59 ? 10  ILE A C    1 
ATOM   82   O O    . ILE A 1 9   ? 6.974   -7.242  10.882  1.00 18.68 ? 10  ILE A O    1 
ATOM   83   C CB   . ILE A 1 9   ? 4.691   -6.257  8.937   1.00 16.27 ? 10  ILE A CB   1 
ATOM   84   C CG1  . ILE A 1 9   ? 4.256   -6.115  7.490   1.00 14.66 ? 10  ILE A CG1  1 
ATOM   85   C CG2  . ILE A 1 9   ? 3.822   -5.391  9.815   1.00 15.09 ? 10  ILE A CG2  1 
ATOM   86   C CD1  . ILE A 1 9   ? 4.280   -4.677  6.945   1.00 17.27 ? 10  ILE A CD1  1 
ATOM   87   H H    . ILE A 1 9   ? 6.731   -7.593  8.024   1.00 0.00  ? 10  ILE A H    1 
ATOM   88   N N    . ALA A 1 10  ? 6.684   -5.042  11.329  1.00 19.45 ? 11  ALA A N    1 
ATOM   89   C CA   . ALA A 1 10  ? 7.024   -5.063  12.737  1.00 20.59 ? 11  ALA A CA   1 
ATOM   90   C C    . ALA A 1 10  ? 5.921   -4.333  13.496  1.00 21.03 ? 11  ALA A C    1 
ATOM   91   O O    . ALA A 1 10  ? 5.347   -3.375  12.985  1.00 21.92 ? 11  ALA A O    1 
ATOM   92   C CB   . ALA A 1 10  ? 8.344   -4.336  12.977  1.00 19.91 ? 11  ALA A CB   1 
ATOM   93   H H    . ALA A 1 10  ? 6.405   -4.173  10.959  1.00 0.00  ? 11  ALA A H    1 
ATOM   94   N N    . VAL A 1 11  ? 5.541   -4.735  14.704  1.00 21.02 ? 12  VAL A N    1 
ATOM   95   C CA   . VAL A 1 11  ? 4.506   -4.097  15.489  1.00 20.34 ? 12  VAL A CA   1 
ATOM   96   C C    . VAL A 1 11  ? 5.303   -3.648  16.707  1.00 23.51 ? 12  VAL A C    1 
ATOM   97   O O    . VAL A 1 11  ? 5.790   -4.497  17.439  1.00 22.48 ? 12  VAL A O    1 
ATOM   98   C CB   . VAL A 1 11  ? 3.447   -5.141  15.867  1.00 20.43 ? 12  VAL A CB   1 
ATOM   99   C CG1  . VAL A 1 11  ? 2.442   -4.524  16.826  1.00 18.46 ? 12  VAL A CG1  1 
ATOM   100  C CG2  . VAL A 1 11  ? 2.740   -5.653  14.617  1.00 18.91 ? 12  VAL A CG2  1 
ATOM   101  H H    . VAL A 1 11  ? 6.006   -5.492  15.122  1.00 0.00  ? 12  VAL A H    1 
ATOM   102  N N    . ASP A 1 12  ? 5.437   -2.346  16.950  1.00 24.68 ? 13  ASP A N    1 
ATOM   103  C CA   . ASP A 1 12  ? 6.275   -1.776  17.980  1.00 26.39 ? 13  ASP A CA   1 
ATOM   104  C C    . ASP A 1 12  ? 7.671   -2.360  17.994  1.00 27.72 ? 13  ASP A C    1 
ATOM   105  O O    . ASP A 1 12  ? 8.216   -2.738  19.030  1.00 29.67 ? 13  ASP A O    1 
ATOM   106  C CB   . ASP A 1 12  ? 5.645   -1.950  19.364  1.00 27.49 ? 13  ASP A CB   1 
ATOM   107  C CG   . ASP A 1 12  ? 4.600   -0.925  19.712  1.00 29.07 ? 13  ASP A CG   1 
ATOM   108  O OD1  . ASP A 1 12  ? 4.328   0.017   18.975  1.00 29.17 ? 13  ASP A OD1  1 
ATOM   109  O OD2  . ASP A 1 12  ? 3.968   -1.067  20.746  1.00 32.24 ? 13  ASP A OD2  1 
ATOM   110  H H    . ASP A 1 12  ? 4.893   -1.728  16.425  1.00 0.00  ? 13  ASP A H    1 
ATOM   111  N N    . GLY A 1 13  ? 8.328   -2.451  16.841  1.00 28.03 ? 14  GLY A N    1 
ATOM   112  C CA   . GLY A 1 13  ? 9.683   -2.986  16.780  1.00 27.92 ? 14  GLY A CA   1 
ATOM   113  C C    . GLY A 1 13  ? 9.747   -4.505  16.704  1.00 28.29 ? 14  GLY A C    1 
ATOM   114  O O    . GLY A 1 13  ? 10.687  -5.028  16.131  1.00 30.90 ? 14  GLY A O    1 
ATOM   115  H H    . GLY A 1 13  ? 7.891   -2.109  16.030  1.00 0.00  ? 14  GLY A H    1 
ATOM   116  N N    . GLU A 1 14  ? 8.776   -5.243  17.219  1.00 28.65 ? 15  GLU A N    1 
ATOM   117  C CA   . GLU A 1 14  ? 8.759   -6.694  17.194  1.00 29.32 ? 15  GLU A CA   1 
ATOM   118  C C    . GLU A 1 14  ? 8.333   -7.267  15.869  1.00 27.85 ? 15  GLU A C    1 
ATOM   119  O O    . GLU A 1 14  ? 7.291   -6.875  15.355  1.00 26.91 ? 15  GLU A O    1 
ATOM   120  C CB   . GLU A 1 14  ? 7.812   -7.219  18.223  1.00 34.11 ? 15  GLU A CB   1 
ATOM   121  C CG   . GLU A 1 14  ? 8.290   -7.086  19.650  1.00 42.03 ? 15  GLU A CG   1 
ATOM   122  C CD   . GLU A 1 14  ? 8.478   -8.482  20.218  1.00 47.62 ? 15  GLU A CD   1 
ATOM   123  O OE1  . GLU A 1 14  ? 9.504   -9.115  19.920  1.00 49.40 ? 15  GLU A OE1  1 
ATOM   124  O OE2  . GLU A 1 14  ? 7.586   -8.937  20.940  1.00 51.21 ? 15  GLU A OE2  1 
ATOM   125  H H    . GLU A 1 14  ? 8.030   -4.810  17.689  1.00 0.00  ? 15  GLU A H    1 
ATOM   126  N N    . PRO A 1 15  ? 9.045   -8.165  15.214  1.00 28.17 ? 16  PRO A N    1 
ATOM   127  C CA   . PRO A 1 15  ? 8.621   -8.759  13.963  1.00 26.50 ? 16  PRO A CA   1 
ATOM   128  C C    . PRO A 1 15  ? 7.271   -9.426  13.998  1.00 24.08 ? 16  PRO A C    1 
ATOM   129  O O    . PRO A 1 15  ? 6.912   -10.029 15.006  1.00 25.66 ? 16  PRO A O    1 
ATOM   130  C CB   . PRO A 1 15  ? 9.742   -9.700  13.597  1.00 27.39 ? 16  PRO A CB   1 
ATOM   131  C CG   . PRO A 1 15  ? 10.626  -9.773  14.794  1.00 28.18 ? 16  PRO A CG   1 
ATOM   132  C CD   . PRO A 1 15  ? 10.461  -8.416  15.425  1.00 29.18 ? 16  PRO A CD   1 
ATOM   133  N N    . LEU A 1 16  ? 6.501   -9.176  12.933  1.00 20.28 ? 17  LEU A N    1 
ATOM   134  C CA   . LEU A 1 16  ? 5.215   -9.794  12.726  1.00 17.32 ? 17  LEU A CA   1 
ATOM   135  C C    . LEU A 1 16  ? 5.387   -10.779 11.599  1.00 17.36 ? 17  LEU A C    1 
ATOM   136  O O    . LEU A 1 16  ? 5.204   -11.979 11.778  1.00 18.55 ? 17  LEU A O    1 
ATOM   137  C CB   . LEU A 1 16  ? 4.153   -8.759  12.340  1.00 15.16 ? 17  LEU A CB   1 
ATOM   138  C CG   . LEU A 1 16  ? 2.772   -9.325  12.158  1.00 13.89 ? 17  LEU A CG   1 
ATOM   139  C CD1  . LEU A 1 16  ? 2.288   -9.869  13.485  1.00 15.44 ? 17  LEU A CD1  1 
ATOM   140  C CD2  . LEU A 1 16  ? 1.802   -8.250  11.820  1.00 14.29 ? 17  LEU A CD2  1 
ATOM   141  H H    . LEU A 1 16  ? 6.836   -8.541  12.275  1.00 0.00  ? 17  LEU A H    1 
ATOM   142  N N    . GLY A 1 17  ? 5.747   -10.374 10.391  1.00 17.80 ? 18  GLY A N    1 
ATOM   143  C CA   . GLY A 1 17  ? 5.883   -11.336 9.323   1.00 14.32 ? 18  GLY A CA   1 
ATOM   144  C C    . GLY A 1 17  ? 6.074   -10.608 8.022   1.00 14.83 ? 18  GLY A C    1 
ATOM   145  O O    . GLY A 1 17  ? 6.247   -9.386  7.985   1.00 13.74 ? 18  GLY A O    1 
ATOM   146  H H    . GLY A 1 17  ? 5.893   -9.426  10.185  1.00 0.00  ? 18  GLY A H    1 
ATOM   147  N N    . ARG A 1 18  ? 6.019   -11.367 6.959   1.00 14.92 ? 19  ARG A N    1 
ATOM   148  C CA   . ARG A 1 18  ? 6.266   -10.890 5.616   1.00 16.74 ? 19  ARG A CA   1 
ATOM   149  C C    . ARG A 1 18  ? 5.026   -10.971 4.735   1.00 16.19 ? 19  ARG A C    1 
ATOM   150  O O    . ARG A 1 18  ? 4.366   -12.026 4.673   1.00 16.20 ? 19  ARG A O    1 
ATOM   151  C CB   . ARG A 1 18  ? 7.437   -11.740 5.009   1.00 15.34 ? 19  ARG A CB   1 
ATOM   152  C CG   . ARG A 1 18  ? 7.680   -11.425 3.552   1.00 15.39 ? 19  ARG A CG   1 
ATOM   153  C CD   . ARG A 1 18  ? 8.822   -12.194 3.046   1.00 16.87 ? 19  ARG A CD   1 
ATOM   154  N NE   . ARG A 1 18  ? 9.961   -11.520 3.583   1.00 18.35 ? 19  ARG A NE   1 
ATOM   155  C CZ   . ARG A 1 18  ? 11.188  -11.689 3.119   1.00 19.58 ? 19  ARG A CZ   1 
ATOM   156  N NH1  . ARG A 1 18  ? 11.454  -12.592 2.166   1.00 19.09 ? 19  ARG A NH1  1 
ATOM   157  N NH2  . ARG A 1 18  ? 12.129  -10.942 3.691   1.00 20.00 ? 19  ARG A NH2  1 
ATOM   158  H H    . ARG A 1 18  ? 5.760   -12.304 7.066   1.00 0.00  ? 19  ARG A H    1 
ATOM   159  H HE   . ARG A 1 18  ? 9.777   -10.857 4.288   1.00 0.00  ? 19  ARG A HE   1 
ATOM   160  H HH11 . ARG A 1 18  ? 10.719  -13.227 1.860   1.00 0.00  ? 19  ARG A HH11 1 
ATOM   161  H HH12 . ARG A 1 18  ? 12.358  -12.745 1.775   1.00 0.00  ? 19  ARG A HH12 1 
ATOM   162  H HH21 . ARG A 1 18  ? 11.847  -10.228 4.369   1.00 0.00  ? 19  ARG A HH21 1 
ATOM   163  H HH22 . ARG A 1 18  ? 13.083  -10.905 3.395   1.00 0.00  ? 19  ARG A HH22 1 
ATOM   164  N N    . VAL A 1 19  ? 4.752   -9.897  3.986   1.00 15.86 ? 20  VAL A N    1 
ATOM   165  C CA   . VAL A 1 19  ? 3.675   -9.831  3.008   1.00 14.63 ? 20  VAL A CA   1 
ATOM   166  C C    . VAL A 1 19  ? 4.372   -9.671  1.657   1.00 13.91 ? 20  VAL A C    1 
ATOM   167  O O    . VAL A 1 19  ? 5.268   -8.839  1.550   1.00 13.77 ? 20  VAL A O    1 
ATOM   168  C CB   . VAL A 1 19  ? 2.779   -8.618  3.262   1.00 13.84 ? 20  VAL A CB   1 
ATOM   169  C CG1  . VAL A 1 19  ? 1.528   -8.751  2.437   1.00 11.93 ? 20  VAL A CG1  1 
ATOM   170  C CG2  . VAL A 1 19  ? 2.224   -8.649  4.666   1.00 14.74 ? 20  VAL A CG2  1 
ATOM   171  H H    . VAL A 1 19  ? 5.350   -9.123  4.055   1.00 0.00  ? 20  VAL A H    1 
ATOM   172  N N    . SER A 1 20  ? 4.121   -10.442 0.605   1.00 13.69 ? 21  SER A N    1 
ATOM   173  C CA   . SER A 1 20  ? 4.742   -10.122 -0.665  1.00 13.98 ? 21  SER A CA   1 
ATOM   174  C C    . SER A 1 20  ? 3.601   -9.684  -1.575  1.00 14.07 ? 21  SER A C    1 
ATOM   175  O O    . SER A 1 20  ? 2.452   -10.069 -1.353  1.00 12.39 ? 21  SER A O    1 
ATOM   176  C CB   . SER A 1 20  ? 5.482   -11.359 -1.221  1.00 12.91 ? 21  SER A CB   1 
ATOM   177  O OG   . SER A 1 20  ? 4.583   -12.426 -1.501  1.00 12.59 ? 21  SER A OG   1 
ATOM   178  H H    . SER A 1 20  ? 3.454   -11.158 0.647   1.00 0.00  ? 21  SER A H    1 
ATOM   179  H HG   . SER A 1 20  ? 5.023   -13.250 -1.772  1.00 0.00  ? 21  SER A HG   1 
ATOM   180  N N    . PHE A 1 21  ? 3.828   -8.904  -2.632  1.00 14.68 ? 22  PHE A N    1 
ATOM   181  C CA   . PHE A 1 21  ? 2.756   -8.425  -3.479  1.00 14.23 ? 22  PHE A CA   1 
ATOM   182  C C    . PHE A 1 21  ? 3.105   -8.671  -4.911  1.00 15.66 ? 22  PHE A C    1 
ATOM   183  O O    . PHE A 1 21  ? 4.261   -8.459  -5.264  1.00 14.55 ? 22  PHE A O    1 
ATOM   184  C CB   . PHE A 1 21  ? 2.564   -6.941  -3.399  1.00 13.60 ? 22  PHE A CB   1 
ATOM   185  C CG   . PHE A 1 21  ? 2.366   -6.442  -1.991  1.00 13.05 ? 22  PHE A CG   1 
ATOM   186  C CD1  . PHE A 1 21  ? 1.100   -6.408  -1.442  1.00 13.30 ? 22  PHE A CD1  1 
ATOM   187  C CD2  . PHE A 1 21  ? 3.462   -6.003  -1.268  1.00 14.36 ? 22  PHE A CD2  1 
ATOM   188  C CE1  . PHE A 1 21  ? 0.927   -5.930  -0.149  1.00 14.72 ? 22  PHE A CE1  1 
ATOM   189  C CE2  . PHE A 1 21  ? 3.292   -5.563  0.037   1.00 14.82 ? 22  PHE A CE2  1 
ATOM   190  C CZ   . PHE A 1 21  ? 2.027   -5.529  0.606   1.00 14.02 ? 22  PHE A CZ   1 
ATOM   191  H H    . PHE A 1 21  ? 4.744   -8.685  -2.895  1.00 0.00  ? 22  PHE A H    1 
ATOM   192  N N    . GLU A 1 22  ? 2.152   -9.068  -5.768  1.00 17.44 ? 23  GLU A N    1 
ATOM   193  C CA   . GLU A 1 22  ? 2.402   -9.115  -7.203  1.00 18.47 ? 23  GLU A CA   1 
ATOM   194  C C    . GLU A 1 22  ? 1.926   -7.786  -7.737  1.00 16.38 ? 23  GLU A C    1 
ATOM   195  O O    . GLU A 1 22  ? 0.825   -7.370  -7.396  1.00 16.63 ? 23  GLU A O    1 
ATOM   196  C CB   . GLU A 1 22  ? 1.601   -10.194 -7.826  1.00 20.13 ? 23  GLU A CB   1 
ATOM   197  C CG   . GLU A 1 22  ? 1.945   -10.292 -9.279  1.00 23.61 ? 23  GLU A CG   1 
ATOM   198  C CD   . GLU A 1 22  ? 1.145   -11.331 -10.010 1.00 26.92 ? 23  GLU A CD   1 
ATOM   199  O OE1  . GLU A 1 22  ? 0.599   -12.239 -9.377  1.00 28.61 ? 23  GLU A OE1  1 
ATOM   200  O OE2  . GLU A 1 22  ? 1.075   -11.227 -11.220 1.00 29.40 ? 23  GLU A OE2  1 
ATOM   201  H H    . GLU A 1 22  ? 1.248   -9.188  -5.430  1.00 0.00  ? 23  GLU A H    1 
ATOM   202  N N    . LEU A 1 23  ? 2.711   -7.106  -8.538  1.00 15.56 ? 24  LEU A N    1 
ATOM   203  C CA   . LEU A 1 23  ? 2.387   -5.807  -9.035  1.00 16.97 ? 24  LEU A CA   1 
ATOM   204  C C    . LEU A 1 23  ? 2.043   -5.983  -10.483 1.00 17.80 ? 24  LEU A C    1 
ATOM   205  O O    . LEU A 1 23  ? 2.846   -6.529  -11.235 1.00 18.43 ? 24  LEU A O    1 
ATOM   206  C CB   . LEU A 1 23  ? 3.596   -4.882  -8.882  1.00 15.89 ? 24  LEU A CB   1 
ATOM   207  C CG   . LEU A 1 23  ? 4.103   -4.594  -7.492  1.00 14.77 ? 24  LEU A CG   1 
ATOM   208  C CD1  . LEU A 1 23  ? 5.171   -3.525  -7.629  1.00 14.96 ? 24  LEU A CD1  1 
ATOM   209  C CD2  . LEU A 1 23  ? 3.000   -4.111  -6.570  1.00 13.95 ? 24  LEU A CD2  1 
ATOM   210  H H    . LEU A 1 23  ? 3.525   -7.541  -8.875  1.00 0.00  ? 24  LEU A H    1 
ATOM   211  N N    . PHE A 1 24  ? 0.893   -5.501  -10.946 1.00 18.83 ? 25  PHE A N    1 
ATOM   212  C CA   . PHE A 1 24  ? 0.453   -5.715  -12.314 1.00 18.86 ? 25  PHE A CA   1 
ATOM   213  C C    . PHE A 1 24  ? 1.057   -4.734  -13.289 1.00 19.70 ? 25  PHE A C    1 
ATOM   214  O O    . PHE A 1 24  ? 0.361   -3.901  -13.865 1.00 19.18 ? 25  PHE A O    1 
ATOM   215  C CB   . PHE A 1 24  ? -1.037  -5.609  -12.363 1.00 19.64 ? 25  PHE A CB   1 
ATOM   216  C CG   . PHE A 1 24  ? -1.714  -6.598  -11.461 1.00 20.15 ? 25  PHE A CG   1 
ATOM   217  C CD1  . PHE A 1 24  ? -1.314  -7.928  -11.457 1.00 21.36 ? 25  PHE A CD1  1 
ATOM   218  C CD2  . PHE A 1 24  ? -2.730  -6.164  -10.630 1.00 20.63 ? 25  PHE A CD2  1 
ATOM   219  C CE1  . PHE A 1 24  ? -1.939  -8.814  -10.575 1.00 21.83 ? 25  PHE A CE1  1 
ATOM   220  C CE2  . PHE A 1 24  ? -3.346  -7.059  -9.764  1.00 20.95 ? 25  PHE A CE2  1 
ATOM   221  C CZ   . PHE A 1 24  ? -2.948  -8.382  -9.729  1.00 20.59 ? 25  PHE A CZ   1 
ATOM   222  H H    . PHE A 1 24  ? 0.337   -4.962  -10.352 1.00 0.00  ? 25  PHE A H    1 
ATOM   223  N N    . ALA A 1 25  ? 2.367   -4.824  -13.517 1.00 19.29 ? 26  ALA A N    1 
ATOM   224  C CA   . ALA A 1 25  ? 3.032   -3.929  -14.429 1.00 19.99 ? 26  ALA A CA   1 
ATOM   225  C C    . ALA A 1 25  ? 2.535   -4.196  -15.820 1.00 21.78 ? 26  ALA A C    1 
ATOM   226  O O    . ALA A 1 25  ? 2.609   -3.315  -16.668 1.00 24.00 ? 26  ALA A O    1 
ATOM   227  C CB   . ALA A 1 25  ? 4.524   -4.162  -14.386 1.00 20.05 ? 26  ALA A CB   1 
ATOM   228  H H    . ALA A 1 25  ? 2.859   -5.566  -13.098 1.00 0.00  ? 26  ALA A H    1 
ATOM   229  N N    . ASP A 1 26  ? 2.009   -5.373  -16.131 1.00 24.12 ? 27  ASP A N    1 
ATOM   230  C CA   . ASP A 1 26  ? 1.414   -5.598  -17.434 1.00 25.32 ? 27  ASP A CA   1 
ATOM   231  C C    . ASP A 1 26  ? 0.168   -4.767  -17.646 1.00 25.09 ? 27  ASP A C    1 
ATOM   232  O O    . ASP A 1 26  ? -0.142  -4.466  -18.789 1.00 26.10 ? 27  ASP A O    1 
ATOM   233  C CB   . ASP A 1 26  ? 1.075   -7.065  -17.579 1.00 27.25 ? 27  ASP A CB   1 
ATOM   234  C CG   . ASP A 1 26  ? 0.052   -7.632  -16.623 1.00 29.48 ? 27  ASP A CG   1 
ATOM   235  O OD1  . ASP A 1 26  ? -0.273  -7.058  -15.586 1.00 29.81 ? 27  ASP A OD1  1 
ATOM   236  O OD2  . ASP A 1 26  ? -0.516  -8.679  -16.902 1.00 31.60 ? 27  ASP A OD2  1 
ATOM   237  H H    . ASP A 1 26  ? 2.048   -6.125  -15.503 1.00 0.00  ? 27  ASP A H    1 
ATOM   238  N N    . LYS A 1 27  ? -0.613  -4.395  -16.627 1.00 25.01 ? 28  LYS A N    1 
ATOM   239  C CA   . LYS A 1 27  ? -1.822  -3.586  -16.805 1.00 24.77 ? 28  LYS A CA   1 
ATOM   240  C C    . LYS A 1 27  ? -1.748  -2.141  -16.358 1.00 23.64 ? 28  LYS A C    1 
ATOM   241  O O    . LYS A 1 27  ? -2.427  -1.289  -16.938 1.00 23.12 ? 28  LYS A O    1 
ATOM   242  C CB   . LYS A 1 27  ? -2.992  -4.254  -16.086 1.00 26.84 ? 28  LYS A CB   1 
ATOM   243  C CG   . LYS A 1 27  ? -3.512  -5.451  -16.900 1.00 29.70 ? 28  LYS A CG   1 
ATOM   244  C CD   . LYS A 1 27  ? -4.390  -6.376  -16.096 1.00 32.97 ? 28  LYS A CD   1 
ATOM   245  C CE   . LYS A 1 27  ? -3.983  -7.848  -16.294 1.00 36.16 ? 28  LYS A CE   1 
ATOM   246  N NZ   . LYS A 1 27  ? -2.707  -8.164  -15.660 1.00 38.02 ? 28  LYS A NZ   1 
ATOM   247  H H    . LYS A 1 27  ? -0.330  -4.691  -15.736 1.00 0.00  ? 28  LYS A H    1 
ATOM   248  H HZ1  . LYS A 1 27  ? -1.999  -7.447  -15.930 1.00 0.00  ? 28  LYS A HZ1  1 
ATOM   249  H HZ2  . LYS A 1 27  ? -2.693  -8.218  -14.630 1.00 0.00  ? 28  LYS A HZ2  1 
ATOM   250  H HZ3  . LYS A 1 27  ? -2.234  -8.999  -16.078 1.00 0.00  ? 28  LYS A HZ3  1 
ATOM   251  N N    . VAL A 1 28  ? -0.968  -1.824  -15.320 1.00 21.81 ? 29  VAL A N    1 
ATOM   252  C CA   . VAL A 1 28  ? -0.770  -0.475  -14.805 1.00 21.51 ? 29  VAL A CA   1 
ATOM   253  C C    . VAL A 1 28  ? 0.740   -0.266  -14.615 1.00 22.10 ? 29  VAL A C    1 
ATOM   254  O O    . VAL A 1 28  ? 1.272   -0.146  -13.499 1.00 20.72 ? 29  VAL A O    1 
ATOM   255  C CB   . VAL A 1 28  ? -1.476  -0.221  -13.417 1.00 22.14 ? 29  VAL A CB   1 
ATOM   256  C CG1  . VAL A 1 28  ? -2.620  0.732   -13.629 1.00 21.89 ? 29  VAL A CG1  1 
ATOM   257  C CG2  . VAL A 1 28  ? -2.112  -1.469  -12.826 1.00 23.24 ? 29  VAL A CG2  1 
ATOM   258  H H    . VAL A 1 28  ? -0.460  -2.540  -14.891 1.00 0.00  ? 29  VAL A H    1 
ATOM   259  N N    . PRO A 1 29  ? 1.531   -0.219  -15.675 1.00 21.71 ? 30  PRO A N    1 
ATOM   260  C CA   . PRO A 1 29  ? 2.956   -0.046  -15.591 1.00 20.88 ? 30  PRO A CA   1 
ATOM   261  C C    . PRO A 1 29  ? 3.470   1.176   -14.868 1.00 20.20 ? 30  PRO A C    1 
ATOM   262  O O    . PRO A 1 29  ? 4.407   1.052   -14.090 1.00 21.15 ? 30  PRO A O    1 
ATOM   263  C CB   . PRO A 1 29  ? 3.399   -0.110  -17.029 1.00 21.60 ? 30  PRO A CB   1 
ATOM   264  C CG   . PRO A 1 29  ? 2.186   0.288   -17.816 1.00 20.80 ? 30  PRO A CG   1 
ATOM   265  C CD   . PRO A 1 29  ? 1.124   -0.445  -17.056 1.00 20.67 ? 30  PRO A CD   1 
ATOM   266  N N    . LYS A 1 30  ? 2.911   2.355   -15.018 1.00 19.49 ? 31  LYS A N    1 
ATOM   267  C CA   . LYS A 1 30  ? 3.448   3.541   -14.393 1.00 19.08 ? 31  LYS A CA   1 
ATOM   268  C C    . LYS A 1 30  ? 3.173   3.491   -12.911 1.00 18.02 ? 31  LYS A C    1 
ATOM   269  O O    . LYS A 1 30  ? 4.006   3.873   -12.118 1.00 17.94 ? 31  LYS A O    1 
ATOM   270  C CB   . LYS A 1 30  ? 2.794   4.765   -15.042 1.00 19.52 ? 31  LYS A CB   1 
ATOM   271  C CG   . LYS A 1 30  ? 3.422   6.087   -14.708 1.00 21.71 ? 31  LYS A CG   1 
ATOM   272  C CD   . LYS A 1 30  ? 2.655   7.288   -15.231 1.00 22.55 ? 31  LYS A CD   1 
ATOM   273  C CE   . LYS A 1 30  ? 3.442   8.543   -14.896 1.00 23.23 ? 31  LYS A CE   1 
ATOM   274  N NZ   . LYS A 1 30  ? 2.645   9.703   -15.252 1.00 26.01 ? 31  LYS A NZ   1 
ATOM   275  H H    . LYS A 1 30  ? 2.052   2.421   -15.494 1.00 0.00  ? 31  LYS A H    1 
ATOM   276  H HZ1  . LYS A 1 30  ? 2.084   9.582   -16.124 1.00 0.00  ? 31  LYS A HZ1  1 
ATOM   277  H HZ2  . LYS A 1 30  ? 1.868   9.889   -14.575 1.00 0.00  ? 31  LYS A HZ2  1 
ATOM   278  H HZ3  . LYS A 1 30  ? 3.171   10.590  -15.320 1.00 0.00  ? 31  LYS A HZ3  1 
ATOM   279  N N    . THR A 1 31  ? 2.024   2.986   -12.481 1.00 17.44 ? 32  THR A N    1 
ATOM   280  C CA   . THR A 1 31  ? 1.641   2.930   -11.086 1.00 16.72 ? 32  THR A CA   1 
ATOM   281  C C    . THR A 1 31  ? 2.453   1.842   -10.423 1.00 16.30 ? 32  THR A C    1 
ATOM   282  O O    . THR A 1 31  ? 2.940   1.991   -9.297  1.00 13.90 ? 32  THR A O    1 
ATOM   283  C CB   . THR A 1 31  ? 0.116   2.618   -10.966 1.00 16.31 ? 32  THR A CB   1 
ATOM   284  O OG1  . THR A 1 31  ? -0.544  3.639   -11.689 1.00 16.68 ? 32  THR A OG1  1 
ATOM   285  C CG2  . THR A 1 31  ? -0.436  2.672   -9.571  1.00 12.74 ? 32  THR A CG2  1 
ATOM   286  H H    . THR A 1 31  ? 1.384   2.681   -13.160 1.00 0.00  ? 32  THR A H    1 
ATOM   287  H HG1  . THR A 1 31  ? -0.477  3.486   -12.636 1.00 0.00  ? 32  THR A HG1  1 
ATOM   288  N N    . ALA A 1 32  ? 2.609   0.698   -11.074 1.00 15.75 ? 33  ALA A N    1 
ATOM   289  C CA   . ALA A 1 32  ? 3.327   -0.381  -10.460 1.00 16.06 ? 33  ALA A CA   1 
ATOM   290  C C    . ALA A 1 32  ? 4.823   -0.142  -10.388 1.00 18.03 ? 33  ALA A C    1 
ATOM   291  O O    . ALA A 1 32  ? 5.440   -0.611  -9.430  1.00 20.96 ? 33  ALA A O    1 
ATOM   292  C CB   . ALA A 1 32  ? 3.027   -1.644  -11.229 1.00 13.53 ? 33  ALA A CB   1 
ATOM   293  H H    . ALA A 1 32  ? 2.235   0.584   -11.975 1.00 0.00  ? 33  ALA A H    1 
ATOM   294  N N    . GLU A 1 33  ? 5.479   0.583   -11.294 1.00 18.10 ? 34  GLU A N    1 
ATOM   295  C CA   . GLU A 1 33  ? 6.886   0.864   -11.174 1.00 19.06 ? 34  GLU A CA   1 
ATOM   296  C C    . GLU A 1 33  ? 7.096   1.866   -10.060 1.00 18.93 ? 34  GLU A C    1 
ATOM   297  O O    . GLU A 1 33  ? 8.124   1.811   -9.376  1.00 20.87 ? 34  GLU A O    1 
ATOM   298  C CB   . GLU A 1 33  ? 7.413   1.424   -12.521 1.00 20.53 ? 34  GLU A CB   1 
ATOM   299  C CG   . GLU A 1 33  ? 8.786   2.141   -12.516 1.00 22.42 ? 34  GLU A CG   1 
ATOM   300  C CD   . GLU A 1 33  ? 10.039  1.334   -12.243 1.00 23.71 ? 34  GLU A CD   1 
ATOM   301  O OE1  . GLU A 1 33  ? 9.976   0.108   -12.273 1.00 24.28 ? 34  GLU A OE1  1 
ATOM   302  O OE2  . GLU A 1 33  ? 11.098  1.912   -11.951 1.00 25.74 ? 34  GLU A OE2  1 
ATOM   303  H H    . GLU A 1 33  ? 5.006   0.892   -12.096 1.00 0.00  ? 34  GLU A H    1 
ATOM   304  N N    . ASN A 1 34  ? 6.195   2.830   -9.867  1.00 16.12 ? 35  ASN A N    1 
ATOM   305  C CA   . ASN A 1 34  ? 6.303   3.766   -8.767  1.00 15.99 ? 35  ASN A CA   1 
ATOM   306  C C    . ASN A 1 34  ? 6.355   3.023   -7.442  1.00 16.54 ? 35  ASN A C    1 
ATOM   307  O O    . ASN A 1 34  ? 7.276   3.265   -6.663  1.00 18.68 ? 35  ASN A O    1 
ATOM   308  C CB   . ASN A 1 34  ? 5.120   4.729   -8.787  1.00 13.73 ? 35  ASN A CB   1 
ATOM   309  C CG   . ASN A 1 34  ? 4.997   5.600   -7.558  1.00 14.19 ? 35  ASN A CG   1 
ATOM   310  O OD1  . ASN A 1 34  ? 5.845   6.444   -7.265  1.00 15.70 ? 35  ASN A OD1  1 
ATOM   311  N ND2  . ASN A 1 34  ? 3.940   5.459   -6.776  1.00 10.84 ? 35  ASN A ND2  1 
ATOM   312  H H    . ASN A 1 34  ? 5.476   2.941   -10.526 1.00 0.00  ? 35  ASN A H    1 
ATOM   313  H HD21 . ASN A 1 34  ? 3.859   6.036   -5.990  1.00 0.00  ? 35  ASN A HD21 1 
ATOM   314  H HD22 . ASN A 1 34  ? 3.266   4.789   -7.025  1.00 0.00  ? 35  ASN A HD22 1 
ATOM   315  N N    . PHE A 1 35  ? 5.461   2.067   -7.184  1.00 14.52 ? 36  PHE A N    1 
ATOM   316  C CA   . PHE A 1 35  ? 5.448   1.262   -5.985  1.00 13.80 ? 36  PHE A CA   1 
ATOM   317  C C    . PHE A 1 35  ? 6.700   0.397   -5.932  1.00 15.09 ? 36  PHE A C    1 
ATOM   318  O O    . PHE A 1 35  ? 7.300   0.273   -4.864  1.00 16.18 ? 36  PHE A O    1 
ATOM   319  C CB   . PHE A 1 35  ? 4.240   0.319   -5.959  1.00 12.76 ? 36  PHE A CB   1 
ATOM   320  C CG   . PHE A 1 35  ? 3.958   -0.340  -4.596  1.00 11.78 ? 36  PHE A CG   1 
ATOM   321  C CD1  . PHE A 1 35  ? 3.220   0.365   -3.660  1.00 10.25 ? 36  PHE A CD1  1 
ATOM   322  C CD2  . PHE A 1 35  ? 4.386   -1.645  -4.316  1.00 11.15 ? 36  PHE A CD2  1 
ATOM   323  C CE1  . PHE A 1 35  ? 2.865   -0.238  -2.461  1.00 9.10  ? 36  PHE A CE1  1 
ATOM   324  C CE2  . PHE A 1 35  ? 4.062   -2.236  -3.104  1.00 10.29 ? 36  PHE A CE2  1 
ATOM   325  C CZ   . PHE A 1 35  ? 3.287   -1.532  -2.178  1.00 11.36 ? 36  PHE A CZ   1 
ATOM   326  H H    . PHE A 1 35  ? 4.736   1.947   -7.834  1.00 0.00  ? 36  PHE A H    1 
ATOM   327  N N    . ARG A 1 36  ? 7.095   -0.273  -7.020  1.00 15.53 ? 37  ARG A N    1 
ATOM   328  C CA   . ARG A 1 36  ? 8.298   -1.109  -7.076  1.00 15.03 ? 37  ARG A CA   1 
ATOM   329  C C    . ARG A 1 36  ? 9.519   -0.291  -6.690  1.00 14.81 ? 37  ARG A C    1 
ATOM   330  O O    . ARG A 1 36  ? 10.328  -0.740  -5.890  1.00 16.25 ? 37  ARG A O    1 
ATOM   331  C CB   . ARG A 1 36  ? 8.496   -1.650  -8.486  1.00 13.91 ? 37  ARG A CB   1 
ATOM   332  C CG   . ARG A 1 36  ? 9.525   -2.759  -8.398  1.00 15.19 ? 37  ARG A CG   1 
ATOM   333  C CD   . ARG A 1 36  ? 10.138  -2.994  -9.767  1.00 16.47 ? 37  ARG A CD   1 
ATOM   334  N NE   . ARG A 1 36  ? 10.715  -1.762  -10.284 1.00 16.45 ? 37  ARG A NE   1 
ATOM   335  C CZ   . ARG A 1 36  ? 11.913  -1.289  -9.928  1.00 16.46 ? 37  ARG A CZ   1 
ATOM   336  N NH1  . ARG A 1 36  ? 12.713  -1.956  -9.107  1.00 16.65 ? 37  ARG A NH1  1 
ATOM   337  N NH2  . ARG A 1 36  ? 12.313  -0.105  -10.409 1.00 15.00 ? 37  ARG A NH2  1 
ATOM   338  H H    . ARG A 1 36  ? 6.536   -0.213  -7.823  1.00 0.00  ? 37  ARG A H    1 
ATOM   339  H HE   . ARG A 1 36  ? 10.172  -1.255  -10.939 1.00 0.00  ? 37  ARG A HE   1 
ATOM   340  H HH11 . ARG A 1 36  ? 12.493  -2.870  -8.738  1.00 0.00  ? 37  ARG A HH11 1 
ATOM   341  H HH12 . ARG A 1 36  ? 13.600  -1.557  -8.824  1.00 0.00  ? 37  ARG A HH12 1 
ATOM   342  H HH21 . ARG A 1 36  ? 11.723  0.378   -11.085 1.00 0.00  ? 37  ARG A HH21 1 
ATOM   343  H HH22 . ARG A 1 36  ? 13.219  0.275   -10.197 1.00 0.00  ? 37  ARG A HH22 1 
ATOM   344  N N    . ALA A 1 37  ? 9.735   0.903   -7.228  1.00 13.36 ? 38  ALA A N    1 
ATOM   345  C CA   . ALA A 1 37  ? 10.876  1.729   -6.931  1.00 13.38 ? 38  ALA A CA   1 
ATOM   346  C C    . ALA A 1 37  ? 10.811  2.278   -5.535  1.00 14.76 ? 38  ALA A C    1 
ATOM   347  O O    . ALA A 1 37  ? 11.846  2.631   -4.954  1.00 16.48 ? 38  ALA A O    1 
ATOM   348  C CB   . ALA A 1 37  ? 10.937  2.910   -7.887  1.00 10.79 ? 38  ALA A CB   1 
ATOM   349  H H    . ALA A 1 37  ? 9.069   1.239   -7.858  1.00 0.00  ? 38  ALA A H    1 
ATOM   350  N N    . LEU A 1 38  ? 9.654   2.475   -4.926  1.00 14.78 ? 39  LEU A N    1 
ATOM   351  C CA   . LEU A 1 38  ? 9.604   2.916   -3.551  1.00 13.53 ? 39  LEU A CA   1 
ATOM   352  C C    . LEU A 1 38  ? 9.891   1.788   -2.602  1.00 14.19 ? 39  LEU A C    1 
ATOM   353  O O    . LEU A 1 38  ? 10.386  2.064   -1.496  1.00 16.48 ? 39  LEU A O    1 
ATOM   354  C CB   . LEU A 1 38  ? 8.250   3.501   -3.283  1.00 12.56 ? 39  LEU A CB   1 
ATOM   355  C CG   . LEU A 1 38  ? 7.969   4.788   -4.014  1.00 13.70 ? 39  LEU A CG   1 
ATOM   356  C CD1  . LEU A 1 38  ? 6.516   5.129   -3.831  1.00 14.79 ? 39  LEU A CD1  1 
ATOM   357  C CD2  . LEU A 1 38  ? 8.789   5.928   -3.480  1.00 11.96 ? 39  LEU A CD2  1 
ATOM   358  H H    . LEU A 1 38  ? 8.817   2.359   -5.425  1.00 0.00  ? 39  LEU A H    1 
ATOM   359  N N    . SER A 1 39  ? 9.590   0.533   -2.948  1.00 14.69 ? 40  SER A N    1 
ATOM   360  C CA   . SER A 1 39  ? 9.939   -0.609  -2.121  1.00 16.53 ? 40  SER A CA   1 
ATOM   361  C C    . SER A 1 39  ? 11.414  -0.951  -2.209  1.00 18.12 ? 40  SER A C    1 
ATOM   362  O O    . SER A 1 39  ? 11.963  -1.459  -1.241  1.00 19.80 ? 40  SER A O    1 
ATOM   363  C CB   . SER A 1 39  ? 9.139   -1.825  -2.544  1.00 15.61 ? 40  SER A CB   1 
ATOM   364  O OG   . SER A 1 39  ? 7.794   -1.362  -2.560  1.00 16.82 ? 40  SER A OG   1 
ATOM   365  H H    . SER A 1 39  ? 8.985   0.369   -3.706  1.00 0.00  ? 40  SER A H    1 
ATOM   366  H HG   . SER A 1 39  ? 7.245   -1.938  -3.097  1.00 0.00  ? 40  SER A HG   1 
ATOM   367  N N    . THR A 1 40  ? 12.117  -0.808  -3.331  1.00 19.23 ? 41  THR A N    1 
ATOM   368  C CA   . THR A 1 40  ? 13.544  -1.054  -3.309  1.00 19.42 ? 41  THR A CA   1 
ATOM   369  C C    . THR A 1 40  ? 14.265  0.173   -2.780  1.00 20.19 ? 41  THR A C    1 
ATOM   370  O O    . THR A 1 40  ? 15.381  0.100   -2.306  1.00 21.47 ? 41  THR A O    1 
ATOM   371  C CB   . THR A 1 40  ? 14.042  -1.358  -4.693  1.00 18.36 ? 41  THR A CB   1 
ATOM   372  O OG1  . THR A 1 40  ? 13.832  -0.169  -5.431  1.00 18.84 ? 41  THR A OG1  1 
ATOM   373  C CG2  . THR A 1 40  ? 13.358  -2.514  -5.335  1.00 16.05 ? 41  THR A CG2  1 
ATOM   374  H H    . THR A 1 40  ? 11.684  -0.579  -4.184  1.00 0.00  ? 41  THR A H    1 
ATOM   375  H HG1  . THR A 1 40  ? 14.222  -0.303  -6.311  1.00 0.00  ? 41  THR A HG1  1 
ATOM   376  N N    . GLY A 1 41  ? 13.717  1.359   -2.897  1.00 22.30 ? 42  GLY A N    1 
ATOM   377  C CA   . GLY A 1 41  ? 14.357  2.550   -2.398  1.00 22.06 ? 42  GLY A CA   1 
ATOM   378  C C    . GLY A 1 41  ? 15.360  3.054   -3.425  1.00 24.36 ? 42  GLY A C    1 
ATOM   379  O O    . GLY A 1 41  ? 16.048  4.054   -3.198  1.00 24.19 ? 42  GLY A O    1 
ATOM   380  H H    . GLY A 1 41  ? 12.905  1.455   -3.440  1.00 0.00  ? 42  GLY A H    1 
ATOM   381  N N    . GLU A 1 42  ? 15.396  2.455   -4.613  1.00 24.31 ? 43  GLU A N    1 
ATOM   382  C CA   . GLU A 1 42  ? 16.417  2.828   -5.557  1.00 26.03 ? 43  GLU A CA   1 
ATOM   383  C C    . GLU A 1 42  ? 16.422  4.267   -6.026  1.00 26.44 ? 43  GLU A C    1 
ATOM   384  O O    . GLU A 1 42  ? 17.452  4.693   -6.520  1.00 28.00 ? 43  GLU A O    1 
ATOM   385  C CB   . GLU A 1 42  ? 16.320  1.894   -6.726  1.00 26.43 ? 43  GLU A CB   1 
ATOM   386  C CG   . GLU A 1 42  ? 15.076  2.115   -7.532  1.00 28.80 ? 43  GLU A CG   1 
ATOM   387  C CD   . GLU A 1 42  ? 14.844  1.035   -8.542  1.00 30.39 ? 43  GLU A CD   1 
ATOM   388  O OE1  . GLU A 1 42  ? 14.851  -0.143  -8.181  1.00 28.26 ? 43  GLU A OE1  1 
ATOM   389  O OE2  . GLU A 1 42  ? 14.544  1.392   -9.682  1.00 32.40 ? 43  GLU A OE2  1 
ATOM   390  H H    . GLU A 1 42  ? 14.705  1.805   -4.869  1.00 0.00  ? 43  GLU A H    1 
ATOM   391  N N    . LYS A 1 43  ? 15.412  5.122   -5.917  1.00 27.66 ? 44  LYS A N    1 
ATOM   392  C CA   . LYS A 1 43  ? 15.590  6.470   -6.410  1.00 28.38 ? 44  LYS A CA   1 
ATOM   393  C C    . LYS A 1 43  ? 16.025  7.367   -5.256  1.00 28.75 ? 44  LYS A C    1 
ATOM   394  O O    . LYS A 1 43  ? 16.056  8.597   -5.390  1.00 30.05 ? 44  LYS A O    1 
ATOM   395  C CB   . LYS A 1 43  ? 14.278  6.976   -7.053  1.00 30.06 ? 44  LYS A CB   1 
ATOM   396  C CG   . LYS A 1 43  ? 13.623  6.137   -8.190  1.00 32.28 ? 44  LYS A CG   1 
ATOM   397  C CD   . LYS A 1 43  ? 14.431  5.874   -9.461  1.00 35.43 ? 44  LYS A CD   1 
ATOM   398  C CE   . LYS A 1 43  ? 13.654  5.147   -10.598 1.00 39.48 ? 44  LYS A CE   1 
ATOM   399  N NZ   . LYS A 1 43  ? 13.286  3.740   -10.371 1.00 44.06 ? 44  LYS A NZ   1 
ATOM   400  H H    . LYS A 1 43  ? 14.577  4.863   -5.468  1.00 0.00  ? 44  LYS A H    1 
ATOM   401  H HZ1  . LYS A 1 43  ? 12.737  3.636   -9.500  1.00 0.00  ? 44  LYS A HZ1  1 
ATOM   402  H HZ2  . LYS A 1 43  ? 12.697  3.322   -11.134 1.00 0.00  ? 44  LYS A HZ2  1 
ATOM   403  H HZ3  . LYS A 1 43  ? 14.117  3.112   -10.248 1.00 0.00  ? 44  LYS A HZ3  1 
ATOM   404  N N    . GLY A 1 44  ? 16.357  6.806   -4.085  1.00 28.10 ? 45  GLY A N    1 
ATOM   405  C CA   . GLY A 1 44  ? 16.804  7.596   -2.946  1.00 27.12 ? 45  GLY A CA   1 
ATOM   406  C C    . GLY A 1 44  ? 15.822  7.743   -1.778  1.00 27.61 ? 45  GLY A C    1 
ATOM   407  O O    . GLY A 1 44  ? 16.236  8.205   -0.704  1.00 29.42 ? 45  GLY A O    1 
ATOM   408  H H    . GLY A 1 44  ? 16.299  5.834   -3.981  1.00 0.00  ? 45  GLY A H    1 
ATOM   409  N N    . PHE A 1 45  ? 14.541  7.351   -1.916  1.00 23.34 ? 46  PHE A N    1 
ATOM   410  C CA   . PHE A 1 45  ? 13.565  7.506   -0.863  1.00 20.39 ? 46  PHE A CA   1 
ATOM   411  C C    . PHE A 1 45  ? 12.544  6.416   -1.038  1.00 18.47 ? 46  PHE A C    1 
ATOM   412  O O    . PHE A 1 45  ? 12.541  5.797   -2.114  1.00 17.50 ? 46  PHE A O    1 
ATOM   413  C CB   . PHE A 1 45  ? 12.895  8.875   -0.948  1.00 23.23 ? 46  PHE A CB   1 
ATOM   414  C CG   . PHE A 1 45  ? 12.325  9.250   -2.310  1.00 25.31 ? 46  PHE A CG   1 
ATOM   415  C CD1  . PHE A 1 45  ? 13.169  9.836   -3.266  1.00 26.86 ? 46  PHE A CD1  1 
ATOM   416  C CD2  . PHE A 1 45  ? 11.019  8.920   -2.651  1.00 25.04 ? 46  PHE A CD2  1 
ATOM   417  C CE1  . PHE A 1 45  ? 12.720  9.992   -4.578  1.00 26.81 ? 46  PHE A CE1  1 
ATOM   418  C CE2  . PHE A 1 45  ? 10.585  9.088   -3.965  1.00 26.25 ? 46  PHE A CE2  1 
ATOM   419  C CZ   . PHE A 1 45  ? 11.433  9.605   -4.929  1.00 26.37 ? 46  PHE A CZ   1 
ATOM   420  H H    . PHE A 1 45  ? 14.256  6.892   -2.735  1.00 0.00  ? 46  PHE A H    1 
ATOM   421  N N    . GLY A 1 46  ? 11.674  6.132   -0.066  1.00 15.21 ? 47  GLY A N    1 
ATOM   422  C CA   . GLY A 1 46  ? 10.766  5.014   -0.252  1.00 14.20 ? 47  GLY A CA   1 
ATOM   423  C C    . GLY A 1 46  ? 10.196  4.564   1.027   1.00 13.58 ? 47  GLY A C    1 
ATOM   424  O O    . GLY A 1 46  ? 10.306  5.269   2.035   1.00 13.17 ? 47  GLY A O    1 
ATOM   425  H H    . GLY A 1 46  ? 11.640  6.643   0.775   1.00 0.00  ? 47  GLY A H    1 
ATOM   426  N N    . TYR A 1 47  ? 9.700   3.339   1.016   1.00 13.07 ? 48  TYR A N    1 
ATOM   427  C CA   . TYR A 1 47  ? 8.920   2.861   2.127   1.00 13.32 ? 48  TYR A CA   1 
ATOM   428  C C    . TYR A 1 47  ? 9.576   2.310   3.373   1.00 14.17 ? 48  TYR A C    1 
ATOM   429  O O    . TYR A 1 47  ? 8.862   2.135   4.364   1.00 13.45 ? 48  TYR A O    1 
ATOM   430  C CB   . TYR A 1 47  ? 7.975   1.793   1.625   1.00 13.56 ? 48  TYR A CB   1 
ATOM   431  C CG   . TYR A 1 47  ? 6.950   2.236   0.595   1.00 14.99 ? 48  TYR A CG   1 
ATOM   432  C CD1  . TYR A 1 47  ? 6.281   3.459   0.695   1.00 16.41 ? 48  TYR A CD1  1 
ATOM   433  C CD2  . TYR A 1 47  ? 6.612   1.362   -0.436  1.00 14.92 ? 48  TYR A CD2  1 
ATOM   434  C CE1  . TYR A 1 47  ? 5.290   3.803   -0.239  1.00 14.78 ? 48  TYR A CE1  1 
ATOM   435  C CE2  . TYR A 1 47  ? 5.653   1.718   -1.375  1.00 14.28 ? 48  TYR A CE2  1 
ATOM   436  C CZ   . TYR A 1 47  ? 5.005   2.937   -1.274  1.00 15.26 ? 48  TYR A CZ   1 
ATOM   437  O OH   . TYR A 1 47  ? 4.085   3.289   -2.239  1.00 14.51 ? 48  TYR A OH   1 
ATOM   438  H H    . TYR A 1 47  ? 9.948   2.724   0.292   1.00 0.00  ? 48  TYR A H    1 
ATOM   439  H HH   . TYR A 1 47  ? 3.484   3.940   -1.878  1.00 0.00  ? 48  TYR A HH   1 
ATOM   440  N N    . LYS A 1 48  ? 10.876  1.974   3.392   1.00 15.16 ? 49  LYS A N    1 
ATOM   441  C CA   . LYS A 1 48  ? 11.523  1.294   4.490   1.00 14.78 ? 49  LYS A CA   1 
ATOM   442  C C    . LYS A 1 48  ? 11.576  2.233   5.638   1.00 13.91 ? 49  LYS A C    1 
ATOM   443  O O    . LYS A 1 48  ? 11.983  3.378   5.469   1.00 13.97 ? 49  LYS A O    1 
ATOM   444  C CB   . LYS A 1 48  ? 12.917  0.850   4.050   1.00 15.45 ? 49  LYS A CB   1 
ATOM   445  C CG   . LYS A 1 48  ? 13.701  0.043   5.053   1.00 20.69 ? 49  LYS A CG   1 
ATOM   446  C CD   . LYS A 1 48  ? 15.020  -0.430  4.443   1.00 24.93 ? 49  LYS A CD   1 
ATOM   447  C CE   . LYS A 1 48  ? 15.989  -1.028  5.472   1.00 29.90 ? 49  LYS A CE   1 
ATOM   448  N NZ   . LYS A 1 48  ? 15.588  -2.349  5.928   1.00 34.03 ? 49  LYS A NZ   1 
ATOM   449  H H    . LYS A 1 48  ? 11.424  2.200   2.608   1.00 0.00  ? 49  LYS A H    1 
ATOM   450  H HZ1  . LYS A 1 48  ? 14.609  -2.378  6.293   1.00 0.00  ? 49  LYS A HZ1  1 
ATOM   451  H HZ2  . LYS A 1 48  ? 15.588  -2.998  5.105   1.00 0.00  ? 49  LYS A HZ2  1 
ATOM   452  H HZ3  . LYS A 1 48  ? 16.221  -2.762  6.633   1.00 0.00  ? 49  LYS A HZ3  1 
ATOM   453  N N    . GLY A 1 49  ? 11.061  1.740   6.771   1.00 13.47 ? 50  GLY A N    1 
ATOM   454  C CA   . GLY A 1 49  ? 10.989  2.554   7.973   1.00 14.14 ? 50  GLY A CA   1 
ATOM   455  C C    . GLY A 1 49  ? 9.657   3.258   8.157   1.00 16.16 ? 50  GLY A C    1 
ATOM   456  O O    . GLY A 1 49  ? 9.380   3.726   9.253   1.00 16.10 ? 50  GLY A O    1 
ATOM   457  H H    . GLY A 1 49  ? 10.716  0.831   6.775   1.00 0.00  ? 50  GLY A H    1 
ATOM   458  N N    . SER A 1 50  ? 8.768   3.306   7.156   1.00 16.43 ? 51  SER A N    1 
ATOM   459  C CA   . SER A 1 50  ? 7.552   4.059   7.337   1.00 17.10 ? 51  SER A CA   1 
ATOM   460  C C    . SER A 1 50  ? 6.475   3.224   8.005   1.00 18.07 ? 51  SER A C    1 
ATOM   461  O O    . SER A 1 50  ? 6.575   2.002   8.074   1.00 16.11 ? 51  SER A O    1 
ATOM   462  C CB   . SER A 1 50  ? 7.117   4.571   5.993   1.00 16.57 ? 51  SER A CB   1 
ATOM   463  O OG   . SER A 1 50  ? 6.792   3.539   5.080   1.00 18.86 ? 51  SER A OG   1 
ATOM   464  H H    . SER A 1 50  ? 8.949   2.847   6.309   1.00 0.00  ? 51  SER A H    1 
ATOM   465  H HG   . SER A 1 50  ? 7.433   2.828   5.159   1.00 0.00  ? 51  SER A HG   1 
ATOM   466  N N    . CYS A 1 51  ? 5.428   3.871   8.492   1.00 19.74 ? 52  CYS A N    1 
ATOM   467  C CA   . CYS A 1 51  ? 4.404   3.206   9.245   1.00 22.17 ? 52  CYS A CA   1 
ATOM   468  C C    . CYS A 1 51  ? 3.087   3.181   8.529   1.00 19.58 ? 52  CYS A C    1 
ATOM   469  O O    . CYS A 1 51  ? 2.846   3.972   7.630   1.00 21.07 ? 52  CYS A O    1 
ATOM   470  C CB   . CYS A 1 51  ? 4.245   3.906   10.597  1.00 25.37 ? 52  CYS A CB   1 
ATOM   471  S SG   . CYS A 1 51  ? 3.411   5.530   10.601  1.00 33.30 ? 52  CYS A SG   1 
ATOM   472  H H    . CYS A 1 51  ? 5.274   4.801   8.241   1.00 0.00  ? 52  CYS A H    1 
ATOM   473  N N    . PHE A 1 52  ? 2.246   2.241   8.885   1.00 18.16 ? 53  PHE A N    1 
ATOM   474  C CA   . PHE A 1 52  ? 0.888   2.153   8.398   1.00 17.58 ? 53  PHE A CA   1 
ATOM   475  C C    . PHE A 1 52  ? 0.167   3.114   9.287   1.00 17.40 ? 53  PHE A C    1 
ATOM   476  O O    . PHE A 1 52  ? 0.126   2.875   10.494  1.00 18.86 ? 53  PHE A O    1 
ATOM   477  C CB   . PHE A 1 52  ? 0.268   0.799   8.619   1.00 15.74 ? 53  PHE A CB   1 
ATOM   478  C CG   . PHE A 1 52  ? 0.626   -0.131  7.491   1.00 17.05 ? 53  PHE A CG   1 
ATOM   479  C CD1  . PHE A 1 52  ? 1.909   -0.667  7.398   1.00 17.34 ? 53  PHE A CD1  1 
ATOM   480  C CD2  . PHE A 1 52  ? -0.298  -0.357  6.487   1.00 16.55 ? 53  PHE A CD2  1 
ATOM   481  C CE1  . PHE A 1 52  ? 2.265   -1.401  6.276   1.00 17.22 ? 53  PHE A CE1  1 
ATOM   482  C CE2  . PHE A 1 52  ? 0.087   -1.047  5.346   1.00 15.03 ? 53  PHE A CE2  1 
ATOM   483  C CZ   . PHE A 1 52  ? 1.366   -1.574  5.248   1.00 16.43 ? 53  PHE A CZ   1 
ATOM   484  H H    . PHE A 1 52  ? 2.529   1.603   9.573   1.00 0.00  ? 53  PHE A H    1 
ATOM   485  N N    . HIS A 1 53  ? -0.447  4.163   8.760   1.00 16.10 ? 54  HIS A N    1 
ATOM   486  C CA   . HIS A 1 53  ? -1.055  5.118   9.642   1.00 16.36 ? 54  HIS A CA   1 
ATOM   487  C C    . HIS A 1 53  ? -2.556  4.974   9.849   1.00 16.30 ? 54  HIS A C    1 
ATOM   488  O O    . HIS A 1 53  ? -3.047  5.541   10.827  1.00 18.36 ? 54  HIS A O    1 
ATOM   489  C CB   . HIS A 1 53  ? -0.748  6.529   9.147   1.00 16.27 ? 54  HIS A CB   1 
ATOM   490  C CG   . HIS A 1 53  ? -1.325  6.867   7.775   1.00 16.13 ? 54  HIS A CG   1 
ATOM   491  N ND1  . HIS A 1 53  ? -0.720  6.554   6.651   1.00 15.55 ? 54  HIS A ND1  1 
ATOM   492  C CD2  . HIS A 1 53  ? -2.541  7.401   7.487   1.00 14.20 ? 54  HIS A CD2  1 
ATOM   493  C CE1  . HIS A 1 53  ? -1.520  6.854   5.681   1.00 15.65 ? 54  HIS A CE1  1 
ATOM   494  N NE2  . HIS A 1 53  ? -2.607  7.342   6.201   1.00 14.24 ? 54  HIS A NE2  1 
ATOM   495  H H    . HIS A 1 53  ? -0.558  4.185   7.788   1.00 0.00  ? 54  HIS A H    1 
ATOM   496  H HD1  . HIS A 1 53  ? 0.183   6.198   6.555   1.00 0.00  ? 54  HIS A HD1  1 
ATOM   497  H HE2  . HIS A 1 53  ? -3.362  7.697   5.670   1.00 0.00  ? 54  HIS A HE2  1 
ATOM   498  N N    . ARG A 1 54  ? -3.312  4.251   9.022   1.00 14.36 ? 55  ARG A N    1 
ATOM   499  C CA   . ARG A 1 54  ? -4.754  4.224   9.130   1.00 12.96 ? 55  ARG A CA   1 
ATOM   500  C C    . ARG A 1 54  ? -5.178  2.794   8.909   1.00 11.53 ? 55  ARG A C    1 
ATOM   501  O O    . ARG A 1 54  ? -5.025  2.321   7.787   1.00 11.81 ? 55  ARG A O    1 
ATOM   502  C CB   . ARG A 1 54  ? -5.292  5.166   8.052   1.00 16.09 ? 55  ARG A CB   1 
ATOM   503  C CG   . ARG A 1 54  ? -6.786  5.498   8.115   1.00 18.02 ? 55  ARG A CG   1 
ATOM   504  C CD   . ARG A 1 54  ? -7.101  6.425   6.957   1.00 19.80 ? 55  ARG A CD   1 
ATOM   505  N NE   . ARG A 1 54  ? -8.469  6.373   6.423   1.00 21.68 ? 55  ARG A NE   1 
ATOM   506  C CZ   . ARG A 1 54  ? -9.576  6.613   7.136   1.00 24.04 ? 55  ARG A CZ   1 
ATOM   507  N NH1  . ARG A 1 54  ? -9.548  6.824   8.449   1.00 26.37 ? 55  ARG A NH1  1 
ATOM   508  N NH2  . ARG A 1 54  ? -10.774 6.612   6.570   1.00 24.66 ? 55  ARG A NH2  1 
ATOM   509  H H    . ARG A 1 54  ? -2.897  3.627   8.387   1.00 0.00  ? 55  ARG A H    1 
ATOM   510  H HE   . ARG A 1 54  ? -8.553  6.142   5.456   1.00 0.00  ? 55  ARG A HE   1 
ATOM   511  H HH11 . ARG A 1 54  ? -8.713  6.818   9.000   1.00 0.00  ? 55  ARG A HH11 1 
ATOM   512  H HH12 . ARG A 1 54  ? -10.424 6.976   8.936   1.00 0.00  ? 55  ARG A HH12 1 
ATOM   513  H HH21 . ARG A 1 54  ? -10.855 6.457   5.577   1.00 0.00  ? 55  ARG A HH21 1 
ATOM   514  H HH22 . ARG A 1 54  ? -11.606 6.809   7.106   1.00 0.00  ? 55  ARG A HH22 1 
ATOM   515  N N    . ILE A 1 55  ? -5.649  2.022   9.877   1.00 9.98  ? 56  ILE A N    1 
ATOM   516  C CA   . ILE A 1 55  ? -6.031  0.652   9.604   1.00 12.18 ? 56  ILE A CA   1 
ATOM   517  C C    . ILE A 1 55  ? -7.441  0.591   10.136  1.00 13.91 ? 56  ILE A C    1 
ATOM   518  O O    . ILE A 1 55  ? -7.681  0.917   11.304  1.00 13.44 ? 56  ILE A O    1 
ATOM   519  C CB   . ILE A 1 55  ? -5.117  -0.346  10.359  1.00 12.93 ? 56  ILE A CB   1 
ATOM   520  C CG1  . ILE A 1 55  ? -3.653  -0.243  9.900   1.00 12.69 ? 56  ILE A CG1  1 
ATOM   521  C CG2  . ILE A 1 55  ? -5.651  -1.740  10.124  1.00 13.41 ? 56  ILE A CG2  1 
ATOM   522  C CD1  . ILE A 1 55  ? -2.668  -1.241  10.577  1.00 11.94 ? 56  ILE A CD1  1 
ATOM   523  H H    . ILE A 1 55  ? -5.786  2.386   10.781  1.00 0.00  ? 56  ILE A H    1 
ATOM   524  N N    . ILE A 1 56  ? -8.402  0.290   9.254   1.00 14.23 ? 57  ILE A N    1 
ATOM   525  C CA   . ILE A 1 56  ? -9.780  0.171   9.650   1.00 13.72 ? 57  ILE A CA   1 
ATOM   526  C C    . ILE A 1 56  ? -10.175 -1.290  9.489   1.00 13.78 ? 57  ILE A C    1 
ATOM   527  O O    . ILE A 1 56  ? -10.221 -1.822  8.384   1.00 12.45 ? 57  ILE A O    1 
ATOM   528  C CB   . ILE A 1 56  ? -10.622 1.122   8.758   1.00 13.12 ? 57  ILE A CB   1 
ATOM   529  C CG1  . ILE A 1 56  ? -10.209 2.546   9.035   1.00 12.68 ? 57  ILE A CG1  1 
ATOM   530  C CG2  . ILE A 1 56  ? -12.089 1.003   9.087   1.00 12.61 ? 57  ILE A CG2  1 
ATOM   531  C CD1  . ILE A 1 56  ? -10.984 3.583   8.205   1.00 14.42 ? 57  ILE A CD1  1 
ATOM   532  H H    . ILE A 1 56  ? -8.156  0.076   8.331   1.00 0.00  ? 57  ILE A H    1 
ATOM   533  N N    . PRO A 1 57  ? -10.438 -2.021  10.568  1.00 15.73 ? 58  PRO A N    1 
ATOM   534  C CA   . PRO A 1 57  ? -10.849 -3.406  10.555  1.00 16.89 ? 58  PRO A CA   1 
ATOM   535  C C    . PRO A 1 57  ? -12.050 -3.681  9.684   1.00 17.93 ? 58  PRO A C    1 
ATOM   536  O O    . PRO A 1 57  ? -13.056 -2.984  9.764   1.00 19.26 ? 58  PRO A O    1 
ATOM   537  C CB   . PRO A 1 57  ? -11.084 -3.736  12.033  1.00 16.74 ? 58  PRO A CB   1 
ATOM   538  C CG   . PRO A 1 57  ? -10.008 -2.934  12.700  1.00 16.36 ? 58  PRO A CG   1 
ATOM   539  C CD   . PRO A 1 57  ? -10.129 -1.616  11.928  1.00 15.49 ? 58  PRO A CD   1 
ATOM   540  N N    . GLY A 1 58  ? -11.926 -4.706  8.850   1.00 18.38 ? 59  GLY A N    1 
ATOM   541  C CA   . GLY A 1 58  ? -12.954 -5.159  7.953   1.00 19.20 ? 59  GLY A CA   1 
ATOM   542  C C    . GLY A 1 58  ? -12.922 -4.425  6.634   1.00 19.70 ? 59  GLY A C    1 
ATOM   543  O O    . GLY A 1 58  ? -13.683 -4.749  5.728   1.00 20.72 ? 59  GLY A O    1 
ATOM   544  H H    . GLY A 1 58  ? -11.076 -5.192  8.843   1.00 0.00  ? 59  GLY A H    1 
ATOM   545  N N    . PHE A 1 59  ? -12.048 -3.446  6.479   1.00 19.65 ? 60  PHE A N    1 
ATOM   546  C CA   . PHE A 1 59  ? -12.032 -2.630  5.286   1.00 17.15 ? 60  PHE A CA   1 
ATOM   547  C C    . PHE A 1 59  ? -10.643 -2.589  4.684   1.00 17.14 ? 60  PHE A C    1 
ATOM   548  O O    . PHE A 1 59  ? -10.474 -3.154  3.607   1.00 18.93 ? 60  PHE A O    1 
ATOM   549  C CB   . PHE A 1 59  ? -12.553 -1.269  5.715   1.00 14.66 ? 60  PHE A CB   1 
ATOM   550  C CG   . PHE A 1 59  ? -12.565 -0.145  4.684   1.00 13.52 ? 60  PHE A CG   1 
ATOM   551  C CD1  . PHE A 1 59  ? -12.822 -0.372  3.334   1.00 13.08 ? 60  PHE A CD1  1 
ATOM   552  C CD2  . PHE A 1 59  ? -12.305 1.138   5.124   1.00 12.20 ? 60  PHE A CD2  1 
ATOM   553  C CE1  . PHE A 1 59  ? -12.800 0.676   2.430   1.00 10.74 ? 60  PHE A CE1  1 
ATOM   554  C CE2  . PHE A 1 59  ? -12.307 2.190   4.223   1.00 12.24 ? 60  PHE A CE2  1 
ATOM   555  C CZ   . PHE A 1 59  ? -12.563 1.957   2.874   1.00 11.24 ? 60  PHE A CZ   1 
ATOM   556  H H    . PHE A 1 59  ? -11.340 -3.322  7.146   1.00 0.00  ? 60  PHE A H    1 
ATOM   557  N N    . MET A 1 60  ? -9.638  -1.942  5.282   1.00 18.11 ? 61  MET A N    1 
ATOM   558  C CA   . MET A 1 60  ? -8.302  -1.836  4.687   1.00 16.91 ? 61  MET A CA   1 
ATOM   559  C C    . MET A 1 60  ? -7.205  -1.370  5.650   1.00 17.43 ? 61  MET A C    1 
ATOM   560  O O    . MET A 1 60  ? -7.492  -0.866  6.751   1.00 17.80 ? 61  MET A O    1 
ATOM   561  C CB   . MET A 1 60  ? -8.382  -0.892  3.481   1.00 16.30 ? 61  MET A CB   1 
ATOM   562  C CG   . MET A 1 60  ? -8.963  0.495   3.686   1.00 17.11 ? 61  MET A CG   1 
ATOM   563  S SD   . MET A 1 60  ? -7.705  1.682   4.110   1.00 17.95 ? 61  MET A SD   1 
ATOM   564  C CE   . MET A 1 60  ? -8.450  2.540   5.453   1.00 17.68 ? 61  MET A CE   1 
ATOM   565  H H    . MET A 1 60  ? -9.745  -1.618  6.204   1.00 0.00  ? 61  MET A H    1 
ATOM   566  N N    . CYS A 1 61  ? -5.933  -1.510  5.231   1.00 15.17 ? 62  CYS A N    1 
ATOM   567  C CA   . CYS A 1 61  ? -4.761  -1.106  5.985   1.00 13.48 ? 62  CYS A CA   1 
ATOM   568  C C    . CYS A 1 61  ? -4.104  -0.074  5.119   1.00 13.20 ? 62  CYS A C    1 
ATOM   569  O O    . CYS A 1 61  ? -3.801  -0.411  3.972   1.00 14.87 ? 62  CYS A O    1 
ATOM   570  C CB   . CYS A 1 61  ? -3.793  -2.265  6.162   1.00 11.52 ? 62  CYS A CB   1 
ATOM   571  S SG   . CYS A 1 61  ? -4.521  -3.544  7.176   1.00 13.52 ? 62  CYS A SG   1 
ATOM   572  H H    . CYS A 1 61  ? -5.792  -1.926  4.354   1.00 0.00  ? 62  CYS A H    1 
ATOM   573  N N    . GLN A 1 62  ? -3.846  1.140   5.562   1.00 12.14 ? 63  GLN A N    1 
ATOM   574  C CA   . GLN A 1 62  ? -3.276  2.137   4.678   1.00 12.24 ? 63  GLN A CA   1 
ATOM   575  C C    . GLN A 1 62  ? -1.931  2.605   5.135   1.00 10.60 ? 63  GLN A C    1 
ATOM   576  O O    . GLN A 1 62  ? -1.775  2.927   6.300   1.00 9.33  ? 63  GLN A O    1 
ATOM   577  C CB   . GLN A 1 62  ? -4.221  3.334   4.591   1.00 13.22 ? 63  GLN A CB   1 
ATOM   578  C CG   . GLN A 1 62  ? -3.885  4.420   3.564   1.00 14.33 ? 63  GLN A CG   1 
ATOM   579  C CD   . GLN A 1 62  ? -4.941  5.497   3.507   1.00 14.51 ? 63  GLN A CD   1 
ATOM   580  O OE1  . GLN A 1 62  ? -6.112  5.245   3.641   1.00 17.67 ? 63  GLN A OE1  1 
ATOM   581  N NE2  . GLN A 1 62  ? -4.707  6.748   3.302   1.00 13.59 ? 63  GLN A NE2  1 
ATOM   582  H H    . GLN A 1 62  ? -4.047  1.393   6.483   1.00 0.00  ? 63  GLN A H    1 
ATOM   583  H HE21 . GLN A 1 62  ? -5.495  7.319   3.256   1.00 0.00  ? 63  GLN A HE21 1 
ATOM   584  H HE22 . GLN A 1 62  ? -3.793  7.067   3.147   1.00 0.00  ? 63  GLN A HE22 1 
ATOM   585  N N    . GLY A 1 63  ? -0.948  2.779   4.271   1.00 9.52  ? 64  GLY A N    1 
ATOM   586  C CA   . GLY A 1 63  ? 0.364   3.258   4.698   1.00 10.10 ? 64  GLY A CA   1 
ATOM   587  C C    . GLY A 1 63  ? 0.978   4.026   3.538   1.00 11.00 ? 64  GLY A C    1 
ATOM   588  O O    . GLY A 1 63  ? 0.263   4.537   2.676   1.00 12.27 ? 64  GLY A O    1 
ATOM   589  H H    . GLY A 1 63  ? -1.124  2.658   3.309   1.00 0.00  ? 64  GLY A H    1 
ATOM   590  N N    . GLY A 1 64  ? 2.274   4.211   3.481   1.00 9.68  ? 65  GLY A N    1 
ATOM   591  C CA   . GLY A 1 64  ? 2.902   4.882   2.366   1.00 8.14  ? 65  GLY A CA   1 
ATOM   592  C C    . GLY A 1 64  ? 3.206   6.324   2.552   1.00 7.55  ? 65  GLY A C    1 
ATOM   593  O O    . GLY A 1 64  ? 3.826   6.928   1.683   1.00 9.12  ? 65  GLY A O    1 
ATOM   594  H H    . GLY A 1 64  ? 2.831   3.874   4.209   1.00 0.00  ? 65  GLY A H    1 
ATOM   595  N N    . ASP A 1 65  ? 2.781   6.963   3.614   1.00 8.63  ? 66  ASP A N    1 
ATOM   596  C CA   . ASP A 1 65  ? 3.165   8.348   3.788   1.00 10.61 ? 66  ASP A CA   1 
ATOM   597  C C    . ASP A 1 65  ? 4.543   8.339   4.473   1.00 14.53 ? 66  ASP A C    1 
ATOM   598  O O    . ASP A 1 65  ? 4.646   8.261   5.705   1.00 16.96 ? 66  ASP A O    1 
ATOM   599  C CB   . ASP A 1 65  ? 2.160   9.060   4.673   1.00 9.65  ? 66  ASP A CB   1 
ATOM   600  C CG   . ASP A 1 65  ? 2.524   10.494  4.986   1.00 10.63 ? 66  ASP A CG   1 
ATOM   601  O OD1  . ASP A 1 65  ? 3.566   10.995  4.637   1.00 11.87 ? 66  ASP A OD1  1 
ATOM   602  O OD2  . ASP A 1 65  ? 1.772   11.182  5.624   1.00 11.22 ? 66  ASP A OD2  1 
ATOM   603  H H    . ASP A 1 65  ? 2.279   6.497   4.310   1.00 0.00  ? 66  ASP A H    1 
ATOM   604  N N    . PHE A 1 66  ? 5.647   8.432   3.766   1.00 14.65 ? 67  PHE A N    1 
ATOM   605  C CA   . PHE A 1 66  ? 6.934   8.355   4.420   1.00 15.41 ? 67  PHE A CA   1 
ATOM   606  C C    . PHE A 1 66  ? 7.509   9.718   4.719   1.00 17.30 ? 67  PHE A C    1 
ATOM   607  O O    . PHE A 1 66  ? 8.649   9.813   5.187   1.00 18.61 ? 67  PHE A O    1 
ATOM   608  C CB   . PHE A 1 66  ? 7.842   7.529   3.543   1.00 12.79 ? 67  PHE A CB   1 
ATOM   609  C CG   . PHE A 1 66  ? 8.061   7.973   2.113   1.00 13.64 ? 67  PHE A CG   1 
ATOM   610  C CD1  . PHE A 1 66  ? 8.956   8.995   1.829   1.00 14.17 ? 67  PHE A CD1  1 
ATOM   611  C CD2  . PHE A 1 66  ? 7.357   7.355   1.090   1.00 14.78 ? 67  PHE A CD2  1 
ATOM   612  C CE1  . PHE A 1 66  ? 9.110   9.435   0.525   1.00 15.77 ? 67  PHE A CE1  1 
ATOM   613  C CE2  . PHE A 1 66  ? 7.515   7.805   -0.218  1.00 14.84 ? 67  PHE A CE2  1 
ATOM   614  C CZ   . PHE A 1 66  ? 8.377   8.850   -0.503  1.00 16.27 ? 67  PHE A CZ   1 
ATOM   615  H H    . PHE A 1 66  ? 5.570   8.527   2.796   1.00 0.00  ? 67  PHE A H    1 
ATOM   616  N N    . THR A 1 67  ? 6.779   10.812  4.518   1.00 16.04 ? 68  THR A N    1 
ATOM   617  C CA   . THR A 1 67  ? 7.381   12.086  4.796   1.00 17.41 ? 68  THR A CA   1 
ATOM   618  C C    . THR A 1 67  ? 6.725   12.676  6.027   1.00 17.79 ? 68  THR A C    1 
ATOM   619  O O    . THR A 1 67  ? 7.412   13.299  6.840   1.00 18.50 ? 68  THR A O    1 
ATOM   620  C CB   . THR A 1 67  ? 7.230   13.061  3.594   1.00 18.42 ? 68  THR A CB   1 
ATOM   621  O OG1  . THR A 1 67  ? 5.849   13.299  3.359   1.00 19.07 ? 68  THR A OG1  1 
ATOM   622  C CG2  . THR A 1 67  ? 7.852   12.486  2.328   1.00 17.63 ? 68  THR A CG2  1 
ATOM   623  H H    . THR A 1 67  ? 5.836   10.779  4.235   1.00 0.00  ? 68  THR A H    1 
ATOM   624  H HG1  . THR A 1 67  ? 5.772   14.165  2.938   1.00 0.00  ? 68  THR A HG1  1 
ATOM   625  N N    . ARG A 1 68  ? 5.413   12.520  6.235   1.00 16.61 ? 69  ARG A N    1 
ATOM   626  C CA   . ARG A 1 68  ? 4.751   13.112  7.397   1.00 17.75 ? 69  ARG A CA   1 
ATOM   627  C C    . ARG A 1 68  ? 4.141   12.105  8.324   1.00 16.63 ? 69  ARG A C    1 
ATOM   628  O O    . ARG A 1 68  ? 3.752   12.443  9.435   1.00 16.17 ? 69  ARG A O    1 
ATOM   629  C CB   . ARG A 1 68  ? 3.629   14.041  7.040   1.00 19.59 ? 69  ARG A CB   1 
ATOM   630  C CG   . ARG A 1 68  ? 4.035   15.102  6.089   1.00 22.97 ? 69  ARG A CG   1 
ATOM   631  C CD   . ARG A 1 68  ? 3.190   16.321  6.356   1.00 25.89 ? 69  ARG A CD   1 
ATOM   632  N NE   . ARG A 1 68  ? 4.258   17.249  6.488   1.00 30.68 ? 69  ARG A NE   1 
ATOM   633  C CZ   . ARG A 1 68  ? 4.494   17.899  7.615   1.00 31.15 ? 69  ARG A CZ   1 
ATOM   634  N NH1  . ARG A 1 68  ? 3.544   18.089  8.546   1.00 28.72 ? 69  ARG A NH1  1 
ATOM   635  N NH2  . ARG A 1 68  ? 5.681   18.499  7.693   1.00 32.57 ? 69  ARG A NH2  1 
ATOM   636  H H    . ARG A 1 68  ? 4.859   12.130  5.527   1.00 0.00  ? 69  ARG A H    1 
ATOM   637  H HE   . ARG A 1 68  ? 4.802   17.411  5.685   1.00 0.00  ? 69  ARG A HE   1 
ATOM   638  H HH11 . ARG A 1 68  ? 2.606   17.773  8.411   1.00 0.00  ? 69  ARG A HH11 1 
ATOM   639  H HH12 . ARG A 1 68  ? 3.793   18.637  9.363   1.00 0.00  ? 69  ARG A HH12 1 
ATOM   640  H HH21 . ARG A 1 68  ? 6.371   18.561  6.965   1.00 0.00  ? 69  ARG A HH21 1 
ATOM   641  H HH22 . ARG A 1 68  ? 5.970   18.898  8.570   1.00 0.00  ? 69  ARG A HH22 1 
ATOM   642  N N    . HIS A 1 69  ? 4.067   10.842  7.910   1.00 15.40 ? 70  HIS A N    1 
ATOM   643  C CA   . HIS A 1 69  ? 3.749   9.669   8.745   1.00 15.74 ? 70  HIS A CA   1 
ATOM   644  C C    . HIS A 1 69  ? 2.329   9.671   9.306   1.00 16.87 ? 70  HIS A C    1 
ATOM   645  O O    . HIS A 1 69  ? 2.035   9.019   10.310  1.00 16.22 ? 70  HIS A O    1 
ATOM   646  C CB   . HIS A 1 69  ? 4.741   9.520   9.941   1.00 12.25 ? 70  HIS A CB   1 
ATOM   647  C CG   . HIS A 1 69  ? 6.188   9.917   9.654   1.00 11.35 ? 70  HIS A CG   1 
ATOM   648  N ND1  . HIS A 1 69  ? 6.938   9.325   8.768   1.00 9.87  ? 70  HIS A ND1  1 
ATOM   649  C CD2  . HIS A 1 69  ? 6.825   11.063  10.047  1.00 11.25 ? 70  HIS A CD2  1 
ATOM   650  C CE1  . HIS A 1 69  ? 7.967   10.092  8.542   1.00 11.35 ? 70  HIS A CE1  1 
ATOM   651  N NE2  . HIS A 1 69  ? 7.873   11.136  9.298   1.00 10.73 ? 70  HIS A NE2  1 
ATOM   652  H H    . HIS A 1 69  ? 4.085   10.710  6.933   1.00 0.00  ? 70  HIS A H    1 
ATOM   653  H HD1  . HIS A 1 69  ? 6.896   8.401   8.441   1.00 0.00  ? 70  HIS A HD1  1 
ATOM   654  H HE2  . HIS A 1 69  ? 8.546   11.852  9.312   1.00 0.00  ? 70  HIS A HE2  1 
ATOM   655  N N    . ASN A 1 70  ? 1.389   10.351  8.641   1.00 16.90 ? 71  ASN A N    1 
ATOM   656  C CA   . ASN A 1 70  ? 0.049   10.484  9.188   1.00 16.38 ? 71  ASN A CA   1 
ATOM   657  C C    . ASN A 1 70  ? -0.960  10.654  8.095   1.00 15.54 ? 71  ASN A C    1 
ATOM   658  O O    . ASN A 1 70  ? -2.139  10.793  8.365   1.00 17.56 ? 71  ASN A O    1 
ATOM   659  C CB   . ASN A 1 70  ? -0.042  11.696  10.129  1.00 15.74 ? 71  ASN A CB   1 
ATOM   660  C CG   . ASN A 1 70  ? 0.233   13.042  9.503   1.00 16.06 ? 71  ASN A CG   1 
ATOM   661  O OD1  . ASN A 1 70  ? 0.423   13.170  8.302   1.00 16.78 ? 71  ASN A OD1  1 
ATOM   662  N ND2  . ASN A 1 70  ? 0.255   14.150  10.224  1.00 16.19 ? 71  ASN A ND2  1 
ATOM   663  H H    . ASN A 1 70  ? 1.622   10.815  7.803   1.00 0.00  ? 71  ASN A H    1 
ATOM   664  H HD21 . ASN A 1 70  ? 0.383   14.986  9.739   1.00 0.00  ? 71  ASN A HD21 1 
ATOM   665  H HD22 . ASN A 1 70  ? 0.106   14.063  11.185  1.00 0.00  ? 71  ASN A HD22 1 
ATOM   666  N N    . GLY A 1 71  ? -0.603  10.607  6.847   1.00 15.54 ? 72  GLY A N    1 
ATOM   667  C CA   . GLY A 1 71  ? -1.589  10.778  5.819   1.00 17.22 ? 72  GLY A CA   1 
ATOM   668  C C    . GLY A 1 71  ? -1.451  12.069  5.066   1.00 18.15 ? 72  GLY A C    1 
ATOM   669  O O    . GLY A 1 71  ? -2.088  12.186  4.020   1.00 19.06 ? 72  GLY A O    1 
ATOM   670  H H    . GLY A 1 71  ? 0.328   10.468  6.607   1.00 0.00  ? 72  GLY A H    1 
ATOM   671  N N    . THR A 1 72  ? -0.655  13.040  5.503   1.00 18.76 ? 73  THR A N    1 
ATOM   672  C CA   . THR A 1 72  ? -0.646  14.258  4.734   1.00 18.27 ? 73  THR A CA   1 
ATOM   673  C C    . THR A 1 72  ? 0.488   14.373  3.753   1.00 19.04 ? 73  THR A C    1 
ATOM   674  O O    . THR A 1 72  ? 0.512   15.317  2.962   1.00 20.05 ? 73  THR A O    1 
ATOM   675  C CB   . THR A 1 72  ? -0.675  15.425  5.719   1.00 19.97 ? 73  THR A CB   1 
ATOM   676  O OG1  . THR A 1 72  ? 0.405   15.288  6.618   1.00 20.94 ? 73  THR A OG1  1 
ATOM   677  C CG2  . THR A 1 72  ? -1.938  15.395  6.593   1.00 18.91 ? 73  THR A CG2  1 
ATOM   678  H H    . THR A 1 72  ? 0.016   12.868  6.196   1.00 0.00  ? 73  THR A H    1 
ATOM   679  H HG1  . THR A 1 72  ? 0.326   14.439  7.054   1.00 0.00  ? 73  THR A HG1  1 
ATOM   680  N N    . GLY A 1 73  ? 1.391   13.395  3.672   1.00 18.59 ? 74  GLY A N    1 
ATOM   681  C CA   . GLY A 1 73  ? 2.493   13.489  2.739   1.00 17.18 ? 74  GLY A CA   1 
ATOM   682  C C    . GLY A 1 73  ? 2.657   12.276  1.827   1.00 16.92 ? 74  GLY A C    1 
ATOM   683  O O    . GLY A 1 73  ? 1.697   11.623  1.415   1.00 15.79 ? 74  GLY A O    1 
ATOM   684  H H    . GLY A 1 73  ? 1.306   12.576  4.203   1.00 0.00  ? 74  GLY A H    1 
ATOM   685  N N    . GLY A 1 74  ? 3.904   11.966  1.532   1.00 15.99 ? 75  GLY A N    1 
ATOM   686  C CA   . GLY A 1 74  ? 4.325   10.945  0.605   1.00 16.84 ? 75  GLY A CA   1 
ATOM   687  C C    . GLY A 1 74  ? 4.684   11.613  -0.700  1.00 16.94 ? 75  GLY A C    1 
ATOM   688  O O    . GLY A 1 74  ? 4.484   12.808  -0.863  1.00 17.88 ? 75  GLY A O    1 
ATOM   689  H H    . GLY A 1 74  ? 4.592   12.459  2.014   1.00 0.00  ? 75  GLY A H    1 
ATOM   690  N N    . LYS A 1 75  ? 5.306   10.955  -1.649  1.00 17.49 ? 76  LYS A N    1 
ATOM   691  C CA   . LYS A 1 75  ? 5.510   11.567  -2.943  1.00 19.14 ? 76  LYS A CA   1 
ATOM   692  C C    . LYS A 1 75  ? 5.803   10.464  -3.892  1.00 17.57 ? 76  LYS A C    1 
ATOM   693  O O    . LYS A 1 75  ? 6.221   9.401   -3.438  1.00 16.91 ? 76  LYS A O    1 
ATOM   694  C CB   . LYS A 1 75  ? 6.688   12.530  -2.987  1.00 22.52 ? 76  LYS A CB   1 
ATOM   695  C CG   . LYS A 1 75  ? 8.013   11.937  -2.596  1.00 27.40 ? 76  LYS A CG   1 
ATOM   696  C CD   . LYS A 1 75  ? 9.186   12.783  -3.026  1.00 33.02 ? 76  LYS A CD   1 
ATOM   697  C CE   . LYS A 1 75  ? 9.415   13.912  -2.027  1.00 38.48 ? 76  LYS A CE   1 
ATOM   698  N NZ   . LYS A 1 75  ? 8.266   14.822  -2.006  1.00 42.94 ? 76  LYS A NZ   1 
ATOM   699  H H    . LYS A 1 75  ? 5.532   10.003  -1.532  1.00 0.00  ? 76  LYS A H    1 
ATOM   700  H HZ1  . LYS A 1 75  ? 7.944   15.076  -2.973  1.00 0.00  ? 76  LYS A HZ1  1 
ATOM   701  H HZ2  . LYS A 1 75  ? 7.411   14.429  -1.571  1.00 0.00  ? 76  LYS A HZ2  1 
ATOM   702  H HZ3  . LYS A 1 75  ? 8.442   15.744  -1.561  1.00 0.00  ? 76  LYS A HZ3  1 
ATOM   703  N N    . SER A 1 76  ? 5.657   10.678  -5.195  1.00 17.04 ? 77  SER A N    1 
ATOM   704  C CA   . SER A 1 76  ? 5.907   9.603   -6.101  1.00 17.36 ? 77  SER A CA   1 
ATOM   705  C C    . SER A 1 76  ? 7.293   9.774   -6.667  1.00 17.47 ? 77  SER A C    1 
ATOM   706  O O    . SER A 1 76  ? 7.937   10.808  -6.485  1.00 17.78 ? 77  SER A O    1 
ATOM   707  C CB   . SER A 1 76  ? 4.843   9.619   -7.206  1.00 18.13 ? 77  SER A CB   1 
ATOM   708  O OG   . SER A 1 76  ? 5.053   10.575  -8.243  1.00 18.59 ? 77  SER A OG   1 
ATOM   709  H H    . SER A 1 76  ? 5.450   11.569  -5.543  1.00 0.00  ? 77  SER A H    1 
ATOM   710  H HG   . SER A 1 76  ? 4.784   11.431  -7.879  1.00 0.00  ? 77  SER A HG   1 
ATOM   711  N N    . ILE A 1 77  ? 7.745   8.759   -7.413  1.00 18.03 ? 78  ILE A N    1 
ATOM   712  C CA   . ILE A 1 77  ? 9.025   8.841   -8.077  1.00 19.01 ? 78  ILE A CA   1 
ATOM   713  C C    . ILE A 1 77  ? 8.883   9.765   -9.273  1.00 22.27 ? 78  ILE A C    1 
ATOM   714  O O    . ILE A 1 77  ? 9.893   10.082  -9.885  1.00 25.28 ? 78  ILE A O    1 
ATOM   715  C CB   . ILE A 1 77  ? 9.550   7.453   -8.582  1.00 16.16 ? 78  ILE A CB   1 
ATOM   716  C CG1  . ILE A 1 77  ? 8.652   6.862   -9.615  1.00 14.99 ? 78  ILE A CG1  1 
ATOM   717  C CG2  . ILE A 1 77  ? 9.655   6.496   -7.413  1.00 14.03 ? 78  ILE A CG2  1 
ATOM   718  C CD1  . ILE A 1 77  ? 9.284   5.679   -10.346 1.00 14.36 ? 78  ILE A CD1  1 
ATOM   719  H H    . ILE A 1 77  ? 7.221   7.927   -7.434  1.00 0.00  ? 78  ILE A H    1 
ATOM   720  N N    . TYR A 1 78  ? 7.682   10.228  -9.633  1.00 23.01 ? 79  TYR A N    1 
ATOM   721  C CA   . TYR A 1 78  ? 7.462   11.078  -10.785 1.00 22.66 ? 79  TYR A CA   1 
ATOM   722  C C    . TYR A 1 78  ? 7.243   12.509  -10.336 1.00 24.77 ? 79  TYR A C    1 
ATOM   723  O O    . TYR A 1 78  ? 7.120   13.398  -11.170 1.00 26.67 ? 79  TYR A O    1 
ATOM   724  C CB   . TYR A 1 78  ? 6.221   10.610  -11.553 1.00 20.57 ? 79  TYR A CB   1 
ATOM   725  C CG   . TYR A 1 78  ? 6.207   9.138   -11.943 1.00 19.06 ? 79  TYR A CG   1 
ATOM   726  C CD1  . TYR A 1 78  ? 7.144   8.668   -12.852 1.00 18.54 ? 79  TYR A CD1  1 
ATOM   727  C CD2  . TYR A 1 78  ? 5.275   8.261   -11.384 1.00 18.89 ? 79  TYR A CD2  1 
ATOM   728  C CE1  . TYR A 1 78  ? 7.143   7.320   -13.207 1.00 18.85 ? 79  TYR A CE1  1 
ATOM   729  C CE2  . TYR A 1 78  ? 5.281   6.905   -11.720 1.00 18.29 ? 79  TYR A CE2  1 
ATOM   730  C CZ   . TYR A 1 78  ? 6.224   6.454   -12.640 1.00 18.71 ? 79  TYR A CZ   1 
ATOM   731  O OH   . TYR A 1 78  ? 6.274   5.126   -13.016 1.00 19.97 ? 79  TYR A OH   1 
ATOM   732  H H    . TYR A 1 78  ? 6.894   10.019  -9.089  1.00 0.00  ? 79  TYR A H    1 
ATOM   733  H HH   . TYR A 1 78  ? 7.102   4.744   -12.698 1.00 0.00  ? 79  TYR A HH   1 
ATOM   734  N N    . GLY A 1 79  ? 7.149   12.818  -9.049  1.00 25.06 ? 80  GLY A N    1 
ATOM   735  C CA   . GLY A 1 79  ? 6.872   14.176  -8.601  1.00 25.18 ? 80  GLY A CA   1 
ATOM   736  C C    . GLY A 1 79  ? 5.929   14.056  -7.430  1.00 26.15 ? 80  GLY A C    1 
ATOM   737  O O    . GLY A 1 79  ? 5.729   12.923  -6.985  1.00 27.37 ? 80  GLY A O    1 
ATOM   738  H H    . GLY A 1 79  ? 7.220   12.115  -8.367  1.00 0.00  ? 80  GLY A H    1 
ATOM   739  N N    . GLU A 1 80  ? 5.353   15.151  -6.919  1.00 27.27 ? 81  GLU A N    1 
ATOM   740  C CA   . GLU A 1 80  ? 4.426   15.068  -5.800  1.00 30.13 ? 81  GLU A CA   1 
ATOM   741  C C    . GLU A 1 80  ? 3.177   14.247  -6.052  1.00 28.30 ? 81  GLU A C    1 
ATOM   742  O O    . GLU A 1 80  ? 2.788   13.470  -5.187  1.00 28.36 ? 81  GLU A O    1 
ATOM   743  C CB   . GLU A 1 80  ? 3.943   16.438  -5.351  1.00 34.88 ? 81  GLU A CB   1 
ATOM   744  C CG   . GLU A 1 80  ? 4.977   17.348  -4.707  1.00 43.06 ? 81  GLU A CG   1 
ATOM   745  C CD   . GLU A 1 80  ? 5.572   16.826  -3.399  1.00 47.33 ? 81  GLU A CD   1 
ATOM   746  O OE1  . GLU A 1 80  ? 4.898   16.853  -2.375  1.00 49.85 ? 81  GLU A OE1  1 
ATOM   747  O OE2  . GLU A 1 80  ? 6.734   16.383  -3.391  1.00 49.98 ? 81  GLU A OE2  1 
ATOM   748  H H    . GLU A 1 80  ? 5.604   16.027  -7.264  1.00 0.00  ? 81  GLU A H    1 
ATOM   749  N N    . LYS A 1 81  ? 2.554   14.372  -7.226  1.00 26.80 ? 82  LYS A N    1 
ATOM   750  C CA   . LYS A 1 81  ? 1.307   13.702  -7.557  1.00 24.81 ? 82  LYS A CA   1 
ATOM   751  C C    . LYS A 1 81  ? 1.469   13.182  -8.963  1.00 23.03 ? 82  LYS A C    1 
ATOM   752  O O    . LYS A 1 81  ? 2.331   13.681  -9.694  1.00 22.46 ? 82  LYS A O    1 
ATOM   753  C CB   . LYS A 1 81  ? 0.090   14.669  -7.513  1.00 29.21 ? 82  LYS A CB   1 
ATOM   754  C CG   . LYS A 1 81  ? -0.024  15.979  -8.396  1.00 35.35 ? 82  LYS A CG   1 
ATOM   755  C CD   . LYS A 1 81  ? -0.141  15.844  -9.961  1.00 39.11 ? 82  LYS A CD   1 
ATOM   756  C CE   . LYS A 1 81  ? -0.152  17.143  -10.817 1.00 41.33 ? 82  LYS A CE   1 
ATOM   757  N NZ   . LYS A 1 81  ? 0.120   16.919  -12.245 1.00 43.03 ? 82  LYS A NZ   1 
ATOM   758  H H    . LYS A 1 81  ? 3.017   14.812  -7.966  1.00 0.00  ? 82  LYS A H    1 
ATOM   759  H HZ1  . LYS A 1 81  ? 1.045   16.472  -12.386 1.00 0.00  ? 82  LYS A HZ1  1 
ATOM   760  H HZ2  . LYS A 1 81  ? -0.619  16.324  -12.666 1.00 0.00  ? 82  LYS A HZ2  1 
ATOM   761  H HZ3  . LYS A 1 81  ? 0.118   17.815  -12.796 1.00 0.00  ? 82  LYS A HZ3  1 
ATOM   762  N N    . PHE A 1 82  ? 0.728   12.193  -9.428  1.00 19.16 ? 83  PHE A N    1 
ATOM   763  C CA   . PHE A 1 82  ? 0.742   11.820  -10.819 1.00 17.72 ? 83  PHE A CA   1 
ATOM   764  C C    . PHE A 1 82  ? -0.679  11.327  -11.113 1.00 19.70 ? 83  PHE A C    1 
ATOM   765  O O    . PHE A 1 82  ? -1.478  11.075  -10.199 1.00 20.70 ? 83  PHE A O    1 
ATOM   766  C CB   . PHE A 1 82  ? 1.844   10.743  -11.071 1.00 15.11 ? 83  PHE A CB   1 
ATOM   767  C CG   . PHE A 1 82  ? 1.666   9.326   -10.548 1.00 13.28 ? 83  PHE A CG   1 
ATOM   768  C CD1  . PHE A 1 82  ? 2.007   9.024   -9.237  1.00 12.10 ? 83  PHE A CD1  1 
ATOM   769  C CD2  . PHE A 1 82  ? 1.211   8.330   -11.407 1.00 11.79 ? 83  PHE A CD2  1 
ATOM   770  C CE1  . PHE A 1 82  ? 1.891   7.728   -8.785  1.00 10.13 ? 83  PHE A CE1  1 
ATOM   771  C CE2  . PHE A 1 82  ? 1.079   7.028   -10.949 1.00 11.11 ? 83  PHE A CE2  1 
ATOM   772  C CZ   . PHE A 1 82  ? 1.423   6.730   -9.637  1.00 11.64 ? 83  PHE A CZ   1 
ATOM   773  H H    . PHE A 1 82  ? 0.186   11.671  -8.798  1.00 0.00  ? 83  PHE A H    1 
ATOM   774  N N    . GLU A 1 83  ? -1.051  11.266  -12.391 1.00 20.58 ? 84  GLU A N    1 
ATOM   775  C CA   . GLU A 1 83  ? -2.394  10.949  -12.840 1.00 19.62 ? 84  GLU A CA   1 
ATOM   776  C C    . GLU A 1 83  ? -2.928  9.567   -12.526 1.00 19.14 ? 84  GLU A C    1 
ATOM   777  O O    . GLU A 1 83  ? -2.180  8.645   -12.197 1.00 19.83 ? 84  GLU A O    1 
ATOM   778  C CB   . GLU A 1 83  ? -2.439  11.163  -14.318 1.00 18.26 ? 84  GLU A CB   1 
ATOM   779  C CG   . GLU A 1 83  ? -1.672  10.144  -15.161 1.00 21.24 ? 84  GLU A CG   1 
ATOM   780  C CD   . GLU A 1 83  ? -0.234  10.444  -15.521 1.00 23.70 ? 84  GLU A CD   1 
ATOM   781  O OE1  . GLU A 1 83  ? 0.469   11.182  -14.829 1.00 23.62 ? 84  GLU A OE1  1 
ATOM   782  O OE2  . GLU A 1 83  ? 0.241   9.899   -16.522 1.00 26.61 ? 84  GLU A OE2  1 
ATOM   783  H H    . GLU A 1 83  ? -0.373  11.427  -13.071 1.00 0.00  ? 84  GLU A H    1 
ATOM   784  N N    . ASP A 1 84  ? -4.230  9.367   -12.609 1.00 18.47 ? 85  ASP A N    1 
ATOM   785  C CA   . ASP A 1 84  ? -4.823  8.054   -12.447 1.00 17.58 ? 85  ASP A CA   1 
ATOM   786  C C    . ASP A 1 84  ? -4.592  7.449   -13.795 1.00 16.84 ? 85  ASP A C    1 
ATOM   787  O O    . ASP A 1 84  ? -4.978  8.024   -14.800 1.00 16.77 ? 85  ASP A O    1 
ATOM   788  C CB   . ASP A 1 84  ? -6.296  8.130   -12.196 1.00 17.62 ? 85  ASP A CB   1 
ATOM   789  C CG   . ASP A 1 84  ? -6.677  8.636   -10.824 1.00 20.19 ? 85  ASP A CG   1 
ATOM   790  O OD1  . ASP A 1 84  ? -6.167  8.155   -9.823  1.00 19.33 ? 85  ASP A OD1  1 
ATOM   791  O OD2  . ASP A 1 84  ? -7.535  9.521   -10.714 1.00 21.68 ? 85  ASP A OD2  1 
ATOM   792  H H    . ASP A 1 84  ? -4.803  10.101  -12.913 1.00 0.00  ? 85  ASP A H    1 
ATOM   793  N N    . GLU A 1 85  ? -3.905  6.325   -13.857 1.00 17.53 ? 86  GLU A N    1 
ATOM   794  C CA   . GLU A 1 85  ? -3.446  5.726   -15.089 1.00 17.19 ? 86  GLU A CA   1 
ATOM   795  C C    . GLU A 1 85  ? -4.538  4.999   -15.811 1.00 18.12 ? 86  GLU A C    1 
ATOM   796  O O    . GLU A 1 85  ? -4.651  5.091   -17.045 1.00 20.37 ? 86  GLU A O    1 
ATOM   797  C CB   . GLU A 1 85  ? -2.321  4.788   -14.769 1.00 16.75 ? 86  GLU A CB   1 
ATOM   798  C CG   . GLU A 1 85  ? -1.651  4.066   -15.920 1.00 17.10 ? 86  GLU A CG   1 
ATOM   799  C CD   . GLU A 1 85  ? -0.420  3.294   -15.539 1.00 17.67 ? 86  GLU A CD   1 
ATOM   800  O OE1  . GLU A 1 85  ? -0.189  2.974   -14.386 1.00 17.97 ? 86  GLU A OE1  1 
ATOM   801  O OE2  . GLU A 1 85  ? 0.379   2.978   -16.393 1.00 18.58 ? 86  GLU A OE2  1 
ATOM   802  H H    . GLU A 1 85  ? -3.647  5.916   -12.998 1.00 0.00  ? 86  GLU A H    1 
ATOM   803  N N    . ASN A 1 86  ? -5.312  4.191   -15.122 1.00 17.44 ? 87  ASN A N    1 
ATOM   804  C CA   . ASN A 1 86  ? -6.492  3.598   -15.723 1.00 18.24 ? 87  ASN A CA   1 
ATOM   805  C C    . ASN A 1 86  ? -7.248  2.979   -14.604 1.00 17.72 ? 87  ASN A C    1 
ATOM   806  O O    . ASN A 1 86  ? -6.746  3.056   -13.499 1.00 19.42 ? 87  ASN A O    1 
ATOM   807  C CB   . ASN A 1 86  ? -6.168  2.519   -16.741 1.00 19.26 ? 87  ASN A CB   1 
ATOM   808  C CG   . ASN A 1 86  ? -5.465  1.306   -16.240 1.00 20.92 ? 87  ASN A CG   1 
ATOM   809  O OD1  . ASN A 1 86  ? -5.943  0.534   -15.402 1.00 22.64 ? 87  ASN A OD1  1 
ATOM   810  N ND2  . ASN A 1 86  ? -4.308  1.128   -16.838 1.00 22.39 ? 87  ASN A ND2  1 
ATOM   811  H H    . ASN A 1 86  ? -5.136  4.023   -14.168 1.00 0.00  ? 87  ASN A H    1 
ATOM   812  H HD21 . ASN A 1 86  ? -3.815  0.292   -16.658 1.00 0.00  ? 87  ASN A HD21 1 
ATOM   813  H HD22 . ASN A 1 86  ? -3.966  1.804   -17.449 1.00 0.00  ? 87  ASN A HD22 1 
ATOM   814  N N    . PHE A 1 87  ? -8.435  2.406   -14.821 1.00 17.71 ? 88  PHE A N    1 
ATOM   815  C CA   . PHE A 1 87  ? -9.286  1.813   -13.803 1.00 16.72 ? 88  PHE A CA   1 
ATOM   816  C C    . PHE A 1 87  ? -9.787  0.477   -14.302 1.00 18.17 ? 88  PHE A C    1 
ATOM   817  O O    . PHE A 1 87  ? -10.915 0.086   -14.038 1.00 18.87 ? 88  PHE A O    1 
ATOM   818  C CB   . PHE A 1 87  ? -10.505 2.663   -13.495 1.00 14.54 ? 88  PHE A CB   1 
ATOM   819  C CG   . PHE A 1 87  ? -10.153 4.008   -12.890 1.00 14.82 ? 88  PHE A CG   1 
ATOM   820  C CD1  . PHE A 1 87  ? -9.815  4.086   -11.540 1.00 14.20 ? 88  PHE A CD1  1 
ATOM   821  C CD2  . PHE A 1 87  ? -10.148 5.153   -13.676 1.00 15.44 ? 88  PHE A CD2  1 
ATOM   822  C CE1  . PHE A 1 87  ? -9.482  5.298   -10.961 1.00 13.30 ? 88  PHE A CE1  1 
ATOM   823  C CE2  . PHE A 1 87  ? -9.799  6.368   -13.084 1.00 14.93 ? 88  PHE A CE2  1 
ATOM   824  C CZ   . PHE A 1 87  ? -9.498  6.440   -11.722 1.00 13.73 ? 88  PHE A CZ   1 
ATOM   825  H H    . PHE A 1 87  ? -8.787  2.424   -15.733 1.00 0.00  ? 88  PHE A H    1 
ATOM   826  N N    . ILE A 1 88  ? -8.924  -0.250  -14.997 1.00 18.03 ? 89  ILE A N    1 
ATOM   827  C CA   . ILE A 1 88  ? -9.231  -1.562  -15.531 1.00 20.47 ? 89  ILE A CA   1 
ATOM   828  C C    . ILE A 1 88  ? -9.554  -2.605  -14.465 1.00 20.63 ? 89  ILE A C    1 
ATOM   829  O O    . ILE A 1 88  ? -10.423 -3.474  -14.600 1.00 21.20 ? 89  ILE A O    1 
ATOM   830  C CB   . ILE A 1 88  ? -8.004  -1.969  -16.360 1.00 21.40 ? 89  ILE A CB   1 
ATOM   831  C CG1  . ILE A 1 88  ? -7.994  -1.156  -17.601 1.00 22.92 ? 89  ILE A CG1  1 
ATOM   832  C CG2  . ILE A 1 88  ? -8.040  -3.440  -16.740 1.00 22.36 ? 89  ILE A CG2  1 
ATOM   833  C CD1  . ILE A 1 88  ? -6.689  -1.396  -18.376 1.00 24.95 ? 89  ILE A CD1  1 
ATOM   834  H H    . ILE A 1 88  ? -8.001  0.076   -15.060 1.00 0.00  ? 89  ILE A H    1 
ATOM   835  N N    . LEU A 1 89  ? -8.717  -2.616  -13.440 1.00 20.48 ? 90  LEU A N    1 
ATOM   836  C CA   . LEU A 1 89  ? -8.855  -3.593  -12.393 1.00 18.83 ? 90  LEU A CA   1 
ATOM   837  C C    . LEU A 1 89  ? -9.721  -3.010  -11.321 1.00 17.70 ? 90  LEU A C    1 
ATOM   838  O O    . LEU A 1 89  ? -9.761  -1.802  -11.077 1.00 18.06 ? 90  LEU A O    1 
ATOM   839  C CB   . LEU A 1 89  ? -7.474  -3.920  -11.913 1.00 19.71 ? 90  LEU A CB   1 
ATOM   840  C CG   . LEU A 1 89  ? -6.580  -4.466  -13.004 1.00 20.90 ? 90  LEU A CG   1 
ATOM   841  C CD1  . LEU A 1 89  ? -5.156  -4.433  -12.549 1.00 21.92 ? 90  LEU A CD1  1 
ATOM   842  C CD2  . LEU A 1 89  ? -7.004  -5.875  -13.341 1.00 20.98 ? 90  LEU A CD2  1 
ATOM   843  H H    . LEU A 1 89  ? -8.028  -1.923  -13.352 1.00 0.00  ? 90  LEU A H    1 
ATOM   844  N N    . LYS A 1 90  ? -10.454 -3.902  -10.704 1.00 17.58 ? 91  LYS A N    1 
ATOM   845  C CA   . LYS A 1 90  ? -11.447 -3.558  -9.728  1.00 17.84 ? 91  LYS A CA   1 
ATOM   846  C C    . LYS A 1 90  ? -11.073 -4.097  -8.366  1.00 17.02 ? 91  LYS A C    1 
ATOM   847  O O    . LYS A 1 90  ? -10.254 -4.998  -8.251  1.00 15.54 ? 91  LYS A O    1 
ATOM   848  C CB   . LYS A 1 90  ? -12.769 -4.158  -10.146 1.00 22.01 ? 91  LYS A CB   1 
ATOM   849  C CG   . LYS A 1 90  ? -13.305 -3.816  -11.529 1.00 27.68 ? 91  LYS A CG   1 
ATOM   850  C CD   . LYS A 1 90  ? -13.296 -2.322  -11.859 1.00 33.23 ? 91  LYS A CD   1 
ATOM   851  C CE   . LYS A 1 90  ? -14.662 -1.870  -12.329 1.00 38.32 ? 91  LYS A CE   1 
ATOM   852  N NZ   . LYS A 1 90  ? -15.623 -2.046  -11.237 1.00 42.89 ? 91  LYS A NZ   1 
ATOM   853  H H    . LYS A 1 90  ? -10.356 -4.848  -10.947 1.00 0.00  ? 91  LYS A H    1 
ATOM   854  H HZ1  . LYS A 1 90  ? -15.295 -1.544  -10.382 1.00 0.00  ? 91  LYS A HZ1  1 
ATOM   855  H HZ2  . LYS A 1 90  ? -16.576 -1.700  -11.439 1.00 0.00  ? 91  LYS A HZ2  1 
ATOM   856  H HZ3  . LYS A 1 90  ? -15.680 -3.028  -10.892 1.00 0.00  ? 91  LYS A HZ3  1 
ATOM   857  N N    . HIS A 1 91  ? -11.711 -3.629  -7.304  1.00 16.22 ? 92  HIS A N    1 
ATOM   858  C CA   . HIS A 1 91  ? -11.420 -4.059  -5.958  1.00 17.12 ? 92  HIS A CA   1 
ATOM   859  C C    . HIS A 1 91  ? -12.355 -5.238  -5.738  1.00 18.99 ? 92  HIS A C    1 
ATOM   860  O O    . HIS A 1 91  ? -13.478 -5.087  -5.258  1.00 19.49 ? 92  HIS A O    1 
ATOM   861  C CB   . HIS A 1 91  ? -11.734 -2.967  -4.951  1.00 14.55 ? 92  HIS A CB   1 
ATOM   862  C CG   . HIS A 1 91  ? -11.042 -1.631  -5.204  1.00 13.46 ? 92  HIS A CG   1 
ATOM   863  N ND1  . HIS A 1 91  ? -11.390 -0.807  -6.160  1.00 11.24 ? 92  HIS A ND1  1 
ATOM   864  C CD2  . HIS A 1 91  ? -9.971  -1.100  -4.554  1.00 12.69 ? 92  HIS A CD2  1 
ATOM   865  C CE1  . HIS A 1 91  ? -10.571 0.206   -6.159  1.00 11.59 ? 92  HIS A CE1  1 
ATOM   866  N NE2  . HIS A 1 91  ? -9.721  0.013   -5.180  1.00 11.79 ? 92  HIS A NE2  1 
ATOM   867  H H    . HIS A 1 91  ? -12.551 -3.149  -7.455  1.00 0.00  ? 92  HIS A H    1 
ATOM   868  H HD1  . HIS A 1 91  ? -12.172 -0.861  -6.743  1.00 0.00  ? 92  HIS A HD1  1 
ATOM   869  H HE2  . HIS A 1 91  ? -8.909  0.546   -5.049  1.00 0.00  ? 92  HIS A HE2  1 
ATOM   870  N N    . THR A 1 92  ? -11.916 -6.443  -6.084  1.00 19.32 ? 93  THR A N    1 
ATOM   871  C CA   . THR A 1 92  ? -12.756 -7.611  -6.021  1.00 20.62 ? 93  THR A CA   1 
ATOM   872  C C    . THR A 1 92  ? -12.723 -8.422  -4.738  1.00 21.53 ? 93  THR A C    1 
ATOM   873  O O    . THR A 1 92  ? -13.529 -9.352  -4.566  1.00 21.96 ? 93  THR A O    1 
ATOM   874  C CB   . THR A 1 92  ? -12.364 -8.462  -7.213  1.00 21.86 ? 93  THR A CB   1 
ATOM   875  O OG1  . THR A 1 92  ? -10.961 -8.648  -7.093  1.00 22.80 ? 93  THR A OG1  1 
ATOM   876  C CG2  . THR A 1 92  ? -12.659 -7.817  -8.562  1.00 21.20 ? 93  THR A CG2  1 
ATOM   877  H H    . THR A 1 92  ? -11.025 -6.563  -6.476  1.00 0.00  ? 93  THR A H    1 
ATOM   878  H HG1  . THR A 1 92  ? -10.679 -9.249  -7.791  1.00 0.00  ? 93  THR A HG1  1 
ATOM   879  N N    . GLY A 1 93  ? -11.841 -8.122  -3.785  1.00 20.45 ? 94  GLY A N    1 
ATOM   880  C CA   . GLY A 1 93  ? -11.767 -8.963  -2.619  1.00 17.95 ? 94  GLY A CA   1 
ATOM   881  C C    . GLY A 1 93  ? -10.571 -8.603  -1.764  1.00 18.25 ? 94  GLY A C    1 
ATOM   882  O O    . GLY A 1 93  ? -9.897  -7.602  -2.003  1.00 16.89 ? 94  GLY A O    1 
ATOM   883  H H    . GLY A 1 93  ? -11.197 -7.388  -3.870  1.00 0.00  ? 94  GLY A H    1 
ATOM   884  N N    . PRO A 1 94  ? -10.336 -9.344  -0.706  1.00 17.68 ? 95  PRO A N    1 
ATOM   885  C CA   . PRO A 1 94  ? -9.206  -9.166  0.176   1.00 17.46 ? 95  PRO A CA   1 
ATOM   886  C C    . PRO A 1 94  ? -7.893  -9.327  -0.559  1.00 16.15 ? 95  PRO A C    1 
ATOM   887  O O    . PRO A 1 94  ? -7.812  -10.157 -1.457  1.00 15.26 ? 95  PRO A O    1 
ATOM   888  C CB   . PRO A 1 94  ? -9.387  -10.209 1.259   1.00 18.82 ? 95  PRO A CB   1 
ATOM   889  C CG   . PRO A 1 94  ? -10.858 -10.505 1.235   1.00 20.59 ? 95  PRO A CG   1 
ATOM   890  C CD   . PRO A 1 94  ? -11.241 -10.387 -0.241  1.00 18.79 ? 95  PRO A CD   1 
ATOM   891  N N    . GLY A 1 95  ? -6.856  -8.569  -0.203  1.00 16.02 ? 96  GLY A N    1 
ATOM   892  C CA   . GLY A 1 95  ? -5.571  -8.705  -0.841  1.00 13.97 ? 96  GLY A CA   1 
ATOM   893  C C    . GLY A 1 95  ? -5.321  -7.716  -1.956  1.00 15.78 ? 96  GLY A C    1 
ATOM   894  O O    . GLY A 1 95  ? -4.209  -7.652  -2.465  1.00 15.50 ? 96  GLY A O    1 
ATOM   895  H H    . GLY A 1 95  ? -6.948  -7.933  0.528   1.00 0.00  ? 96  GLY A H    1 
ATOM   896  N N    . ILE A 1 96  ? -6.305  -6.923  -2.381  1.00 15.09 ? 97  ILE A N    1 
ATOM   897  C CA   . ILE A 1 96  ? -6.117  -5.984  -3.464  1.00 13.67 ? 97  ILE A CA   1 
ATOM   898  C C    . ILE A 1 96  ? -5.322  -4.811  -2.950  1.00 12.24 ? 97  ILE A C    1 
ATOM   899  O O    . ILE A 1 96  ? -5.590  -4.308  -1.868  1.00 9.69  ? 97  ILE A O    1 
ATOM   900  C CB   . ILE A 1 96  ? -7.512  -5.580  -3.977  1.00 14.30 ? 97  ILE A CB   1 
ATOM   901  C CG1  . ILE A 1 96  ? -8.143  -6.773  -4.639  1.00 13.78 ? 97  ILE A CG1  1 
ATOM   902  C CG2  . ILE A 1 96  ? -7.444  -4.439  -4.966  1.00 14.62 ? 97  ILE A CG2  1 
ATOM   903  C CD1  . ILE A 1 96  ? -7.462  -7.201  -5.954  1.00 15.77 ? 97  ILE A CD1  1 
ATOM   904  H H    . ILE A 1 96  ? -7.186  -6.999  -1.960  1.00 0.00  ? 97  ILE A H    1 
ATOM   905  N N    . LEU A 1 97  ? -4.340  -4.409  -3.755  1.00 12.14 ? 98  LEU A N    1 
ATOM   906  C CA   . LEU A 1 97  ? -3.513  -3.284  -3.415  1.00 12.53 ? 98  LEU A CA   1 
ATOM   907  C C    . LEU A 1 97  ? -3.924  -2.134  -4.286  1.00 11.45 ? 98  LEU A C    1 
ATOM   908  O O    . LEU A 1 97  ? -3.898  -2.225  -5.510  1.00 11.69 ? 98  LEU A O    1 
ATOM   909  C CB   . LEU A 1 97  ? -2.068  -3.719  -3.647  1.00 12.72 ? 98  LEU A CB   1 
ATOM   910  C CG   . LEU A 1 97  ? -0.901  -2.804  -3.395  1.00 13.57 ? 98  LEU A CG   1 
ATOM   911  C CD1  . LEU A 1 97  ? -0.819  -2.462  -1.929  1.00 13.33 ? 98  LEU A CD1  1 
ATOM   912  C CD2  . LEU A 1 97  ? 0.378   -3.524  -3.852  1.00 15.17 ? 98  LEU A CD2  1 
ATOM   913  H H    . LEU A 1 97  ? -4.198  -4.869  -4.609  1.00 0.00  ? 98  LEU A H    1 
ATOM   914  N N    . SER A 1 98  ? -4.292  -1.004  -3.719  1.00 13.48 ? 99  SER A N    1 
ATOM   915  C CA   . SER A 1 98  ? -4.812  0.045   -4.537  1.00 14.29 ? 99  SER A CA   1 
ATOM   916  C C    . SER A 1 98  ? -4.229  1.344   -4.057  1.00 14.06 ? 99  SER A C    1 
ATOM   917  O O    . SER A 1 98  ? -3.737  1.447   -2.949  1.00 14.71 ? 99  SER A O    1 
ATOM   918  C CB   . SER A 1 98  ? -6.306  -0.098  -4.388  1.00 15.19 ? 99  SER A CB   1 
ATOM   919  O OG   . SER A 1 98  ? -7.067  0.905   -5.023  1.00 15.47 ? 99  SER A OG   1 
ATOM   920  H H    . SER A 1 98  ? -4.187  -0.866  -2.751  1.00 0.00  ? 99  SER A H    1 
ATOM   921  H HG   . SER A 1 98  ? -6.599  1.736   -4.869  1.00 0.00  ? 99  SER A HG   1 
ATOM   922  N N    . MET A 1 99  ? -4.225  2.359   -4.895  1.00 14.02 ? 100 MET A N    1 
ATOM   923  C CA   . MET A 1 99  ? -3.711  3.660   -4.534  1.00 13.59 ? 100 MET A CA   1 
ATOM   924  C C    . MET A 1 99  ? -4.613  4.550   -3.738  1.00 13.78 ? 100 MET A C    1 
ATOM   925  O O    . MET A 1 99  ? -5.775  4.745   -4.106  1.00 15.91 ? 100 MET A O    1 
ATOM   926  C CB   . MET A 1 99  ? -3.337  4.428   -5.757  1.00 13.34 ? 100 MET A CB   1 
ATOM   927  C CG   . MET A 1 99  ? -2.091  3.985   -6.508  1.00 14.54 ? 100 MET A CG   1 
ATOM   928  S SD   . MET A 1 99  ? -0.548  3.939   -5.561  1.00 14.94 ? 100 MET A SD   1 
ATOM   929  C CE   . MET A 1 99  ? -0.156  5.648   -5.325  1.00 10.80 ? 100 MET A CE   1 
ATOM   930  H H    . MET A 1 99  ? -4.502  2.207   -5.824  1.00 0.00  ? 100 MET A H    1 
ATOM   931  N N    . ALA A 1 100 ? -4.154  5.139   -2.649  1.00 13.01 ? 101 ALA A N    1 
ATOM   932  C CA   . ALA A 1 100 ? -4.970  6.060   -1.902  1.00 13.73 ? 101 ALA A CA   1 
ATOM   933  C C    . ALA A 1 100 ? -4.746  7.383   -2.604  1.00 15.16 ? 101 ALA A C    1 
ATOM   934  O O    . ALA A 1 100 ? -3.714  7.601   -3.253  1.00 15.18 ? 101 ALA A O    1 
ATOM   935  C CB   . ALA A 1 100 ? -4.474  6.185   -0.486  1.00 12.31 ? 101 ALA A CB   1 
ATOM   936  H H    . ALA A 1 100 ? -3.198  5.072   -2.440  1.00 0.00  ? 101 ALA A H    1 
ATOM   937  N N    . ASN A 1 101 ? -5.629  8.343   -2.488  1.00 16.26 ? 102 ASN A N    1 
ATOM   938  C CA   . ASN A 1 101 ? -5.426  9.596   -3.200  1.00 18.08 ? 102 ASN A CA   1 
ATOM   939  C C    . ASN A 1 101 ? -6.200  10.671  -2.504  1.00 17.58 ? 102 ASN A C    1 
ATOM   940  O O    . ASN A 1 101 ? -6.868  10.436  -1.476  1.00 18.07 ? 102 ASN A O    1 
ATOM   941  C CB   . ASN A 1 101 ? -5.880  9.494   -4.703  1.00 17.67 ? 102 ASN A CB   1 
ATOM   942  C CG   . ASN A 1 101 ? -7.315  9.081   -4.977  1.00 17.75 ? 102 ASN A CG   1 
ATOM   943  O OD1  . ASN A 1 101 ? -8.238  9.603   -4.348  1.00 16.72 ? 102 ASN A OD1  1 
ATOM   944  N ND2  . ASN A 1 101 ? -7.583  8.141   -5.885  1.00 16.14 ? 102 ASN A ND2  1 
ATOM   945  H H    . ASN A 1 101 ? -6.378  8.257   -1.867  1.00 0.00  ? 102 ASN A H    1 
ATOM   946  H HD21 . ASN A 1 101 ? -8.508  7.927   -6.118  1.00 0.00  ? 102 ASN A HD21 1 
ATOM   947  H HD22 . ASN A 1 101 ? -6.816  7.731   -6.348  1.00 0.00  ? 102 ASN A HD22 1 
ATOM   948  N N    . ALA A 1 102 ? -6.093  11.858  -3.058  1.00 20.48 ? 103 ALA A N    1 
ATOM   949  C CA   . ALA A 1 102 ? -6.777  13.010  -2.508  1.00 21.60 ? 103 ALA A CA   1 
ATOM   950  C C    . ALA A 1 102 ? -7.809  13.502  -3.503  1.00 22.53 ? 103 ALA A C    1 
ATOM   951  O O    . ALA A 1 102 ? -8.193  14.663  -3.474  1.00 24.46 ? 103 ALA A O    1 
ATOM   952  C CB   . ALA A 1 102 ? -5.779  14.120  -2.246  1.00 20.98 ? 103 ALA A CB   1 
ATOM   953  H H    . ALA A 1 102 ? -5.541  11.995  -3.863  1.00 0.00  ? 103 ALA A H    1 
ATOM   954  N N    . GLY A 1 103 ? -8.344  12.654  -4.364  1.00 22.56 ? 104 GLY A N    1 
ATOM   955  C CA   . GLY A 1 103 ? -9.269  13.116  -5.371  1.00 22.50 ? 104 GLY A CA   1 
ATOM   956  C C    . GLY A 1 103 ? -8.714  12.786  -6.736  1.00 23.60 ? 104 GLY A C    1 
ATOM   957  O O    . GLY A 1 103 ? -7.718  12.052  -6.813  1.00 24.60 ? 104 GLY A O    1 
ATOM   958  H H    . GLY A 1 103 ? -8.012  11.734  -4.418  1.00 0.00  ? 104 GLY A H    1 
ATOM   959  N N    . PRO A 1 104 ? -9.272  13.219  -7.859  1.00 22.93 ? 105 PRO A N    1 
ATOM   960  C CA   . PRO A 1 104 ? -8.818  12.833  -9.184  1.00 22.87 ? 105 PRO A CA   1 
ATOM   961  C C    . PRO A 1 104 ? -7.379  13.226  -9.476  1.00 22.13 ? 105 PRO A C    1 
ATOM   962  O O    . PRO A 1 104 ? -6.975  14.348  -9.201  1.00 23.59 ? 105 PRO A O    1 
ATOM   963  C CB   . PRO A 1 104 ? -9.807  13.485  -10.114 1.00 22.68 ? 105 PRO A CB   1 
ATOM   964  C CG   . PRO A 1 104 ? -11.040 13.471  -9.253  1.00 23.63 ? 105 PRO A CG   1 
ATOM   965  C CD   . PRO A 1 104 ? -10.486 13.997  -7.956  1.00 23.38 ? 105 PRO A CD   1 
ATOM   966  N N    . ASN A 1 105 ? -6.593  12.284  -9.989  1.00 20.95 ? 106 ASN A N    1 
ATOM   967  C CA   . ASN A 1 105 ? -5.223  12.493  -10.429 1.00 20.15 ? 106 ASN A CA   1 
ATOM   968  C C    . ASN A 1 105 ? -4.260  13.072  -9.405  1.00 18.71 ? 106 ASN A C    1 
ATOM   969  O O    . ASN A 1 105 ? -3.431  13.922  -9.726  1.00 19.58 ? 106 ASN A O    1 
ATOM   970  C CB   . ASN A 1 105 ? -5.267  13.367  -11.677 1.00 19.78 ? 106 ASN A CB   1 
ATOM   971  C CG   . ASN A 1 105 ? -6.142  12.774  -12.762 1.00 20.73 ? 106 ASN A CG   1 
ATOM   972  O OD1  . ASN A 1 105 ? -5.892  11.693  -13.290 1.00 20.48 ? 106 ASN A OD1  1 
ATOM   973  N ND2  . ASN A 1 105 ? -7.207  13.440  -13.134 1.00 19.83 ? 106 ASN A ND2  1 
ATOM   974  H H    . ASN A 1 105 ? -6.963  11.379  -10.087 1.00 0.00  ? 106 ASN A H    1 
ATOM   975  H HD21 . ASN A 1 105 ? -7.782  13.034  -13.815 1.00 0.00  ? 106 ASN A HD21 1 
ATOM   976  H HD22 . ASN A 1 105 ? -7.383  14.322  -12.718 1.00 0.00  ? 106 ASN A HD22 1 
ATOM   977  N N    . THR A 1 106 ? -4.328  12.588  -8.153  1.00 17.88 ? 107 THR A N    1 
ATOM   978  C CA   . THR A 1 106 ? -3.459  13.034  -7.071  1.00 14.66 ? 107 THR A CA   1 
ATOM   979  C C    . THR A 1 106 ? -2.711  11.867  -6.432  1.00 15.63 ? 107 THR A C    1 
ATOM   980  O O    . THR A 1 106 ? -2.542  11.782  -5.223  1.00 15.80 ? 107 THR A O    1 
ATOM   981  C CB   . THR A 1 106 ? -4.272  13.761  -5.984  1.00 12.73 ? 107 THR A CB   1 
ATOM   982  O OG1  . THR A 1 106 ? -5.321  12.921  -5.577  1.00 11.29 ? 107 THR A OG1  1 
ATOM   983  C CG2  . THR A 1 106 ? -4.927  14.986  -6.449  1.00 12.32 ? 107 THR A CG2  1 
ATOM   984  H H    . THR A 1 106 ? -4.950  11.853  -7.969  1.00 0.00  ? 107 THR A H    1 
ATOM   985  H HG1  . THR A 1 106 ? -5.908  12.768  -6.332  1.00 0.00  ? 107 THR A HG1  1 
ATOM   986  N N    . ASN A 1 107 ? -2.248  10.882  -7.189  1.00 15.98 ? 108 ASN A N    1 
ATOM   987  C CA   . ASN A 1 107 ? -1.528  9.758   -6.633  1.00 14.98 ? 108 ASN A CA   1 
ATOM   988  C C    . ASN A 1 107 ? -0.147  10.167  -6.144  1.00 16.62 ? 108 ASN A C    1 
ATOM   989  O O    . ASN A 1 107 ? 0.535   10.890  -6.857  1.00 17.50 ? 108 ASN A O    1 
ATOM   990  C CB   . ASN A 1 107 ? -1.361  8.703   -7.668  1.00 11.93 ? 108 ASN A CB   1 
ATOM   991  C CG   . ASN A 1 107 ? -2.660  8.060   -8.021  1.00 13.32 ? 108 ASN A CG   1 
ATOM   992  O OD1  . ASN A 1 107 ? -3.314  7.368   -7.229  1.00 14.06 ? 108 ASN A OD1  1 
ATOM   993  N ND2  . ASN A 1 107 ? -3.080  8.315   -9.237  1.00 12.16 ? 108 ASN A ND2  1 
ATOM   994  H H    . ASN A 1 107 ? -2.329  10.973  -8.162  1.00 0.00  ? 108 ASN A H    1 
ATOM   995  H HD21 . ASN A 1 107 ? -3.918  7.899   -9.544  1.00 0.00  ? 108 ASN A HD21 1 
ATOM   996  H HD22 . ASN A 1 107 ? -2.539  8.886   -9.825  1.00 0.00  ? 108 ASN A HD22 1 
ATOM   997  N N    . GLY A 1 108 ? 0.345   9.694   -4.996  1.00 15.75 ? 109 GLY A N    1 
ATOM   998  C CA   . GLY A 1 108 ? 1.621   10.076  -4.454  1.00 13.56 ? 109 GLY A CA   1 
ATOM   999  C C    . GLY A 1 108 ? 2.214   8.761   -4.101  1.00 13.68 ? 109 GLY A C    1 
ATOM   1000 O O    . GLY A 1 108 ? 2.516   8.012   -5.010  1.00 13.81 ? 109 GLY A O    1 
ATOM   1001 H H    . GLY A 1 108 ? -0.187  9.040   -4.497  1.00 0.00  ? 109 GLY A H    1 
ATOM   1002 N N    . SER A 1 109 ? 2.370   8.421   -2.824  1.00 14.41 ? 110 SER A N    1 
ATOM   1003 C CA   . SER A 1 109 ? 2.965   7.142   -2.427  1.00 12.32 ? 110 SER A CA   1 
ATOM   1004 C C    . SER A 1 109 ? 2.060   6.331   -1.545  1.00 11.93 ? 110 SER A C    1 
ATOM   1005 O O    . SER A 1 109 ? 2.344   5.183   -1.285  1.00 11.24 ? 110 SER A O    1 
ATOM   1006 C CB   . SER A 1 109 ? 4.248   7.385   -1.684  1.00 11.04 ? 110 SER A CB   1 
ATOM   1007 O OG   . SER A 1 109 ? 4.031   8.365   -0.675  1.00 10.37 ? 110 SER A OG   1 
ATOM   1008 H H    . SER A 1 109 ? 2.142   9.071   -2.122  1.00 0.00  ? 110 SER A H    1 
ATOM   1009 H HG   . SER A 1 109 ? 3.796   7.886   0.128   1.00 0.00  ? 110 SER A HG   1 
ATOM   1010 N N    . GLN A 1 110 ? 0.948   6.875   -1.059  1.00 12.08 ? 111 GLN A N    1 
ATOM   1011 C CA   . GLN A 1 110 ? 0.058   6.163   -0.175  1.00 12.31 ? 111 GLN A CA   1 
ATOM   1012 C C    . GLN A 1 110 ? -0.760  5.109   -0.869  1.00 12.48 ? 111 GLN A C    1 
ATOM   1013 O O    . GLN A 1 110 ? -1.234  5.337   -1.979  1.00 11.63 ? 111 GLN A O    1 
ATOM   1014 C CB   . GLN A 1 110 ? -0.850  7.162   0.499   1.00 12.60 ? 111 GLN A CB   1 
ATOM   1015 C CG   . GLN A 1 110 ? -0.035  8.139   1.325   1.00 13.31 ? 111 GLN A CG   1 
ATOM   1016 C CD   . GLN A 1 110 ? -0.904  9.045   2.181   1.00 14.49 ? 111 GLN A CD   1 
ATOM   1017 O OE1  . GLN A 1 110 ? -1.868  8.622   2.818   1.00 14.79 ? 111 GLN A OE1  1 
ATOM   1018 N NE2  . GLN A 1 110 ? -0.598  10.324  2.268   1.00 13.98 ? 111 GLN A NE2  1 
ATOM   1019 H H    . GLN A 1 110 ? 0.675   7.754   -1.390  1.00 0.00  ? 111 GLN A H    1 
ATOM   1020 H HE21 . GLN A 1 110 ? -1.218  10.924  2.731   1.00 0.00  ? 111 GLN A HE21 1 
ATOM   1021 H HE22 . GLN A 1 110 ? 0.218   10.629  1.829   1.00 0.00  ? 111 GLN A HE22 1 
ATOM   1022 N N    . PHE A 1 111 ? -0.993  3.986   -0.181  1.00 12.03 ? 112 PHE A N    1 
ATOM   1023 C CA   . PHE A 1 111 ? -1.598  2.832   -0.779  1.00 11.19 ? 112 PHE A CA   1 
ATOM   1024 C C    . PHE A 1 111 ? -2.453  2.220   0.289   1.00 11.58 ? 112 PHE A C    1 
ATOM   1025 O O    . PHE A 1 111 ? -2.305  2.558   1.463   1.00 11.01 ? 112 PHE A O    1 
ATOM   1026 C CB   . PHE A 1 111 ? -0.480  1.816   -1.245  1.00 10.33 ? 112 PHE A CB   1 
ATOM   1027 C CG   . PHE A 1 111 ? 0.464   1.233   -0.179  1.00 9.66  ? 112 PHE A CG   1 
ATOM   1028 C CD1  . PHE A 1 111 ? 0.072   0.156   0.630   1.00 9.59  ? 112 PHE A CD1  1 
ATOM   1029 C CD2  . PHE A 1 111 ? 1.665   1.893   0.094   1.00 11.23 ? 112 PHE A CD2  1 
ATOM   1030 C CE1  . PHE A 1 111 ? 0.739   -0.118  1.801   1.00 8.39  ? 112 PHE A CE1  1 
ATOM   1031 C CE2  . PHE A 1 111 ? 2.374   1.585   1.236   1.00 9.63  ? 112 PHE A CE2  1 
ATOM   1032 C CZ   . PHE A 1 111 ? 1.873   0.637   2.122   1.00 10.14 ? 112 PHE A CZ   1 
ATOM   1033 H H    . PHE A 1 111 ? -0.791  3.945   0.780   1.00 0.00  ? 112 PHE A H    1 
ATOM   1034 N N    . PHE A 1 112 ? -3.341  1.296   -0.052  1.00 11.53 ? 113 PHE A N    1 
ATOM   1035 C CA   . PHE A 1 112 ? -4.012  0.534   0.964   1.00 11.44 ? 113 PHE A CA   1 
ATOM   1036 C C    . PHE A 1 112 ? -4.145  -0.878  0.449   1.00 11.47 ? 113 PHE A C    1 
ATOM   1037 O O    . PHE A 1 112 ? -4.079  -1.147  -0.744  1.00 10.70 ? 113 PHE A O    1 
ATOM   1038 C CB   . PHE A 1 112 ? -5.404  1.111   1.302   1.00 12.09 ? 113 PHE A CB   1 
ATOM   1039 C CG   . PHE A 1 112 ? -6.394  1.324   0.169   1.00 12.38 ? 113 PHE A CG   1 
ATOM   1040 C CD1  . PHE A 1 112 ? -6.278  2.454   -0.619  1.00 11.44 ? 113 PHE A CD1  1 
ATOM   1041 C CD2  . PHE A 1 112 ? -7.380  0.376   -0.063  1.00 11.38 ? 113 PHE A CD2  1 
ATOM   1042 C CE1  . PHE A 1 112 ? -7.156  2.630   -1.666  1.00 13.37 ? 113 PHE A CE1  1 
ATOM   1043 C CE2  . PHE A 1 112 ? -8.271  0.577   -1.095  1.00 14.50 ? 113 PHE A CE2  1 
ATOM   1044 C CZ   . PHE A 1 112 ? -8.164  1.705   -1.900  1.00 13.89 ? 113 PHE A CZ   1 
ATOM   1045 H H    . PHE A 1 112 ? -3.503  1.074   -0.995  1.00 0.00  ? 113 PHE A H    1 
ATOM   1046 N N    . ILE A 1 113 ? -4.308  -1.788  1.385   1.00 12.35 ? 114 ILE A N    1 
ATOM   1047 C CA   . ILE A 1 113 ? -4.459  -3.199  1.112   1.00 13.83 ? 114 ILE A CA   1 
ATOM   1048 C C    . ILE A 1 113 ? -5.854  -3.480  1.599   1.00 14.53 ? 114 ILE A C    1 
ATOM   1049 O O    . ILE A 1 113 ? -6.159  -3.226  2.771   1.00 13.46 ? 114 ILE A O    1 
ATOM   1050 C CB   . ILE A 1 113 ? -3.456  -4.039  1.944   1.00 13.81 ? 114 ILE A CB   1 
ATOM   1051 C CG1  . ILE A 1 113 ? -1.995  -3.638  1.655   1.00 14.42 ? 114 ILE A CG1  1 
ATOM   1052 C CG2  . ILE A 1 113 ? -3.714  -5.502  1.593   1.00 12.99 ? 114 ILE A CG2  1 
ATOM   1053 C CD1  . ILE A 1 113 ? -1.023  -3.906  2.830   1.00 13.35 ? 114 ILE A CD1  1 
ATOM   1054 H H    . ILE A 1 113 ? -4.346  -1.490  2.317   1.00 0.00  ? 114 ILE A H    1 
ATOM   1055 N N    . CYS A 1 114 ? -6.698  -4.026  0.743   1.00 15.98 ? 115 CYS A N    1 
ATOM   1056 C CA   . CYS A 1 114 ? -8.072  -4.299  1.127   1.00 17.08 ? 115 CYS A CA   1 
ATOM   1057 C C    . CYS A 1 114 ? -8.223  -5.563  1.933   1.00 18.02 ? 115 CYS A C    1 
ATOM   1058 O O    . CYS A 1 114 ? -7.606  -6.579  1.580   1.00 17.39 ? 115 CYS A O    1 
ATOM   1059 C CB   . CYS A 1 114 ? -8.970  -4.479  -0.070  1.00 18.06 ? 115 CYS A CB   1 
ATOM   1060 S SG   . CYS A 1 114 ? -9.123  -3.046  -1.130  1.00 20.80 ? 115 CYS A SG   1 
ATOM   1061 H H    . CYS A 1 114 ? -6.387  -4.257  -0.154  1.00 0.00  ? 115 CYS A H    1 
ATOM   1062 N N    . THR A 1 115 ? -9.025  -5.562  2.997   1.00 17.67 ? 116 THR A N    1 
ATOM   1063 C CA   . THR A 1 115 ? -9.270  -6.813  3.670   1.00 19.68 ? 116 THR A CA   1 
ATOM   1064 C C    . THR A 1 115 ? -10.698 -7.308  3.441   1.00 19.96 ? 116 THR A C    1 
ATOM   1065 O O    . THR A 1 115 ? -11.134 -8.270  4.051   1.00 19.39 ? 116 THR A O    1 
ATOM   1066 C CB   . THR A 1 115 ? -8.923  -6.614  5.164   1.00 20.72 ? 116 THR A CB   1 
ATOM   1067 O OG1  . THR A 1 115 ? -9.592  -5.471  5.682   1.00 21.18 ? 116 THR A OG1  1 
ATOM   1068 C CG2  . THR A 1 115 ? -7.402  -6.409  5.327   1.00 19.31 ? 116 THR A CG2  1 
ATOM   1069 H H    . THR A 1 115 ? -9.417  -4.748  3.381   1.00 0.00  ? 116 THR A H    1 
ATOM   1070 H HG1  . THR A 1 115 ? -9.436  -5.546  6.640   1.00 0.00  ? 116 THR A HG1  1 
ATOM   1071 N N    . ALA A 1 116 ? -11.424 -6.723  2.477   1.00 19.79 ? 117 ALA A N    1 
ATOM   1072 C CA   . ALA A 1 116 ? -12.791 -7.064  2.124   1.00 18.91 ? 117 ALA A CA   1 
ATOM   1073 C C    . ALA A 1 116 ? -12.990 -6.568  0.730   1.00 19.28 ? 117 ALA A C    1 
ATOM   1074 O O    . ALA A 1 116 ? -12.127 -5.869  0.194   1.00 19.47 ? 117 ALA A O    1 
ATOM   1075 C CB   . ALA A 1 116 ? -13.836 -6.332  2.911   1.00 18.45 ? 117 ALA A CB   1 
ATOM   1076 H H    . ALA A 1 116 ? -11.029 -5.982  1.973   1.00 0.00  ? 117 ALA A H    1 
ATOM   1077 N N    . LYS A 1 117 ? -14.060 -6.999  0.078   1.00 20.11 ? 118 LYS A N    1 
ATOM   1078 C CA   . LYS A 1 117 ? -14.406 -6.529  -1.247  1.00 20.55 ? 118 LYS A CA   1 
ATOM   1079 C C    . LYS A 1 117 ? -14.828 -5.094  -1.077  1.00 19.17 ? 118 LYS A C    1 
ATOM   1080 O O    . LYS A 1 117 ? -15.669 -4.828  -0.222  1.00 20.11 ? 118 LYS A O    1 
ATOM   1081 C CB   . LYS A 1 117 ? -15.544 -7.364  -1.785  1.00 22.44 ? 118 LYS A CB   1 
ATOM   1082 C CG   . LYS A 1 117 ? -15.826 -7.062  -3.249  1.00 27.90 ? 118 LYS A CG   1 
ATOM   1083 C CD   . LYS A 1 117 ? -16.908 -7.965  -3.857  1.00 32.68 ? 118 LYS A CD   1 
ATOM   1084 C CE   . LYS A 1 117 ? -18.265 -7.286  -4.103  1.00 37.10 ? 118 LYS A CE   1 
ATOM   1085 N NZ   . LYS A 1 117 ? -18.887 -6.788  -2.882  1.00 40.52 ? 118 LYS A NZ   1 
ATOM   1086 H H    . LYS A 1 117 ? -14.628 -7.670  0.516   1.00 0.00  ? 118 LYS A H    1 
ATOM   1087 H HZ1  . LYS A 1 117 ? -19.088 -7.508  -2.172  1.00 0.00  ? 118 LYS A HZ1  1 
ATOM   1088 H HZ2  . LYS A 1 117 ? -18.243 -6.078  -2.462  1.00 0.00  ? 118 LYS A HZ2  1 
ATOM   1089 H HZ3  . LYS A 1 117 ? -19.726 -6.204  -3.086  1.00 0.00  ? 118 LYS A HZ3  1 
ATOM   1090 N N    . THR A 1 118 ? -14.269 -4.138  -1.798  1.00 17.27 ? 119 THR A N    1 
ATOM   1091 C CA   . THR A 1 118 ? -14.653 -2.765  -1.609  1.00 17.03 ? 119 THR A CA   1 
ATOM   1092 C C    . THR A 1 118 ? -15.064 -2.173  -2.948  1.00 15.15 ? 119 THR A C    1 
ATOM   1093 O O    . THR A 1 118 ? -14.520 -1.193  -3.422  1.00 13.07 ? 119 THR A O    1 
ATOM   1094 C CB   . THR A 1 118 ? -13.448 -2.048  -0.949  1.00 15.79 ? 119 THR A CB   1 
ATOM   1095 O OG1  . THR A 1 118 ? -12.325 -2.224  -1.792  1.00 18.55 ? 119 THR A OG1  1 
ATOM   1096 C CG2  . THR A 1 118 ? -13.065 -2.661  0.378   1.00 16.81 ? 119 THR A CG2  1 
ATOM   1097 H H    . THR A 1 118 ? -13.532 -4.326  -2.411  1.00 0.00  ? 119 THR A H    1 
ATOM   1098 H HG1  . THR A 1 118 ? -11.540 -2.169  -1.236  1.00 0.00  ? 119 THR A HG1  1 
ATOM   1099 N N    . GLU A 1 119 ? -16.081 -2.734  -3.580  1.00 15.25 ? 120 GLU A N    1 
ATOM   1100 C CA   . GLU A 1 119 ? -16.539 -2.315  -4.878  1.00 16.93 ? 120 GLU A CA   1 
ATOM   1101 C C    . GLU A 1 119 ? -16.951 -0.849  -4.938  1.00 15.85 ? 120 GLU A C    1 
ATOM   1102 O O    . GLU A 1 119 ? -16.794 -0.186  -5.950  1.00 16.89 ? 120 GLU A O    1 
ATOM   1103 C CB   . GLU A 1 119 ? -17.667 -3.272  -5.265  1.00 20.91 ? 120 GLU A CB   1 
ATOM   1104 C CG   . GLU A 1 119 ? -19.047 -3.195  -4.572  1.00 25.77 ? 120 GLU A CG   1 
ATOM   1105 C CD   . GLU A 1 119 ? -19.228 -3.634  -3.137  1.00 28.98 ? 120 GLU A CD   1 
ATOM   1106 O OE1  . GLU A 1 119 ? -18.365 -4.309  -2.584  1.00 28.89 ? 120 GLU A OE1  1 
ATOM   1107 O OE2  . GLU A 1 119 ? -20.267 -3.321  -2.549  1.00 32.97 ? 120 GLU A OE2  1 
ATOM   1108 H H    . GLU A 1 119 ? -16.584 -3.432  -3.112  1.00 0.00  ? 120 GLU A H    1 
ATOM   1109 N N    . TRP A 1 120 ? -17.413 -0.168  -3.910  1.00 13.99 ? 121 TRP A N    1 
ATOM   1110 C CA   . TRP A 1 120 ? -17.679 1.254   -3.982  1.00 14.30 ? 121 TRP A CA   1 
ATOM   1111 C C    . TRP A 1 120 ? -16.454 2.100   -4.314  1.00 16.36 ? 121 TRP A C    1 
ATOM   1112 O O    . TRP A 1 120 ? -16.587 3.309   -4.573  1.00 16.69 ? 121 TRP A O    1 
ATOM   1113 C CB   . TRP A 1 120 ? -18.258 1.677   -2.649  1.00 14.37 ? 121 TRP A CB   1 
ATOM   1114 C CG   . TRP A 1 120 ? -17.424 1.402   -1.385  1.00 14.05 ? 121 TRP A CG   1 
ATOM   1115 C CD1  . TRP A 1 120 ? -16.558 2.338   -0.870  1.00 13.28 ? 121 TRP A CD1  1 
ATOM   1116 C CD2  . TRP A 1 120 ? -17.444 0.262   -0.632  1.00 14.18 ? 121 TRP A CD2  1 
ATOM   1117 N NE1  . TRP A 1 120 ? -16.014 1.781   0.194   1.00 12.97 ? 121 TRP A NE1  1 
ATOM   1118 C CE2  . TRP A 1 120 ? -16.518 0.556   0.363   1.00 13.47 ? 121 TRP A CE2  1 
ATOM   1119 C CE3  . TRP A 1 120 ? -18.106 -0.963  -0.620  1.00 15.37 ? 121 TRP A CE3  1 
ATOM   1120 C CZ2  . TRP A 1 120 ? -16.277 -0.351  1.375   1.00 14.06 ? 121 TRP A CZ2  1 
ATOM   1121 C CZ3  . TRP A 1 120 ? -17.819 -1.893  0.383   1.00 14.70 ? 121 TRP A CZ3  1 
ATOM   1122 C CH2  . TRP A 1 120 ? -16.917 -1.585  1.382   1.00 13.78 ? 121 TRP A CH2  1 
ATOM   1123 H H    . TRP A 1 120 ? -17.614 -0.676  -3.101  1.00 0.00  ? 121 TRP A H    1 
ATOM   1124 H HE1  . TRP A 1 120 ? -15.441 2.278   0.835   1.00 0.00  ? 121 TRP A HE1  1 
ATOM   1125 N N    . LEU A 1 121 ? -15.232 1.552   -4.289  1.00 16.15 ? 122 LEU A N    1 
ATOM   1126 C CA   . LEU A 1 121 ? -14.061 2.353   -4.596  1.00 14.80 ? 122 LEU A CA   1 
ATOM   1127 C C    . LEU A 1 121 ? -13.647 2.183   -6.020  1.00 14.69 ? 122 LEU A C    1 
ATOM   1128 O O    . LEU A 1 121 ? -12.721 2.876   -6.451  1.00 13.98 ? 122 LEU A O    1 
ATOM   1129 C CB   . LEU A 1 121 ? -12.895 1.978   -3.708  1.00 15.88 ? 122 LEU A CB   1 
ATOM   1130 C CG   . LEU A 1 121 ? -13.030 2.134   -2.203  1.00 17.21 ? 122 LEU A CG   1 
ATOM   1131 C CD1  . LEU A 1 121 ? -11.860 1.449   -1.566  1.00 16.90 ? 122 LEU A CD1  1 
ATOM   1132 C CD2  . LEU A 1 121 ? -13.109 3.601   -1.808  1.00 14.92 ? 122 LEU A CD2  1 
ATOM   1133 H H    . LEU A 1 121 ? -15.116 0.593   -4.119  1.00 0.00  ? 122 LEU A H    1 
ATOM   1134 N N    . ASP A 1 122 ? -14.295 1.320   -6.804  1.00 14.14 ? 123 ASP A N    1 
ATOM   1135 C CA   . ASP A 1 122 ? -13.915 1.120   -8.197  1.00 13.70 ? 123 ASP A CA   1 
ATOM   1136 C C    . ASP A 1 122 ? -14.114 2.371   -8.990  1.00 15.18 ? 123 ASP A C    1 
ATOM   1137 O O    . ASP A 1 122 ? -15.076 3.121   -8.753  1.00 17.00 ? 123 ASP A O    1 
ATOM   1138 C CB   . ASP A 1 122 ? -14.750 0.072   -8.848  1.00 13.82 ? 123 ASP A CB   1 
ATOM   1139 C CG   . ASP A 1 122 ? -14.599 -1.295  -8.284  1.00 14.37 ? 123 ASP A CG   1 
ATOM   1140 O OD1  . ASP A 1 122 ? -13.620 -1.574  -7.629  1.00 15.75 ? 123 ASP A OD1  1 
ATOM   1141 O OD2  . ASP A 1 122 ? -15.376 -2.176  -8.627  1.00 14.80 ? 123 ASP A OD2  1 
ATOM   1142 H H    . ASP A 1 122 ? -15.098 0.857   -6.483  1.00 0.00  ? 123 ASP A H    1 
ATOM   1143 N N    . GLY A 1 123 ? -13.184 2.652   -9.897  1.00 14.56 ? 124 GLY A N    1 
ATOM   1144 C CA   . GLY A 1 123 ? -13.277 3.860   -10.674 1.00 14.74 ? 124 GLY A CA   1 
ATOM   1145 C C    . GLY A 1 123 ? -12.789 5.068   -9.907  1.00 16.69 ? 124 GLY A C    1 
ATOM   1146 O O    . GLY A 1 123 ? -12.698 6.136   -10.503 1.00 17.84 ? 124 GLY A O    1 
ATOM   1147 H H    . GLY A 1 123 ? -12.408 2.047   -9.979  1.00 0.00  ? 124 GLY A H    1 
ATOM   1148 N N    . LYS A 1 124 ? -12.504 4.988   -8.605  1.00 16.70 ? 125 LYS A N    1 
ATOM   1149 C CA   . LYS A 1 124 ? -12.035 6.137   -7.838  1.00 18.22 ? 125 LYS A CA   1 
ATOM   1150 C C    . LYS A 1 124 ? -10.589 5.869   -7.398  1.00 18.43 ? 125 LYS A C    1 
ATOM   1151 O O    . LYS A 1 124 ? -9.852  6.812   -7.098  1.00 18.65 ? 125 LYS A O    1 
ATOM   1152 C CB   . LYS A 1 124 ? -12.881 6.372   -6.559  1.00 20.28 ? 125 LYS A CB   1 
ATOM   1153 C CG   . LYS A 1 124 ? -14.411 6.555   -6.614  1.00 22.61 ? 125 LYS A CG   1 
ATOM   1154 C CD   . LYS A 1 124 ? -15.093 6.473   -5.245  1.00 24.84 ? 125 LYS A CD   1 
ATOM   1155 C CE   . LYS A 1 124 ? -16.642 6.467   -5.362  1.00 27.82 ? 125 LYS A CE   1 
ATOM   1156 N NZ   . LYS A 1 124 ? -17.313 5.892   -4.187  1.00 31.23 ? 125 LYS A NZ   1 
ATOM   1157 H H    . LYS A 1 124 ? -12.666 4.146   -8.131  1.00 0.00  ? 125 LYS A H    1 
ATOM   1158 H HZ1  . LYS A 1 124 ? -17.052 6.320   -3.280  1.00 0.00  ? 125 LYS A HZ1  1 
ATOM   1159 H HZ2  . LYS A 1 124 ? -18.352 5.931   -4.225  1.00 0.00  ? 125 LYS A HZ2  1 
ATOM   1160 H HZ3  . LYS A 1 124 ? -17.064 4.879   -4.147  1.00 0.00  ? 125 LYS A HZ3  1 
ATOM   1161 N N    . HIS A 1 125 ? -10.107 4.613   -7.308  1.00 16.12 ? 126 HIS A N    1 
ATOM   1162 C CA   . HIS A 1 125 ? -8.754  4.335   -6.879  1.00 14.83 ? 126 HIS A CA   1 
ATOM   1163 C C    . HIS A 1 125 ? -8.157  3.337   -7.820  1.00 14.70 ? 126 HIS A C    1 
ATOM   1164 O O    . HIS A 1 125 ? -8.832  2.355   -8.149  1.00 12.52 ? 126 HIS A O    1 
ATOM   1165 C CB   . HIS A 1 125 ? -8.729  3.736   -5.502  1.00 16.25 ? 126 HIS A CB   1 
ATOM   1166 C CG   . HIS A 1 125 ? -9.186  4.670   -4.413  1.00 15.76 ? 126 HIS A CG   1 
ATOM   1167 N ND1  . HIS A 1 125 ? -8.376  5.550   -3.873  1.00 15.92 ? 126 HIS A ND1  1 
ATOM   1168 C CD2  . HIS A 1 125 ? -10.450 4.833   -3.919  1.00 15.92 ? 126 HIS A CD2  1 
ATOM   1169 C CE1  . HIS A 1 125 ? -9.109  6.293   -3.075  1.00 15.99 ? 126 HIS A CE1  1 
ATOM   1170 N NE2  . HIS A 1 125 ? -10.348 5.859   -3.120  1.00 16.42 ? 126 HIS A NE2  1 
ATOM   1171 H H    . HIS A 1 125 ? -10.649 3.851   -7.611  1.00 0.00  ? 126 HIS A H    1 
ATOM   1172 H HD1  . HIS A 1 125 ? -7.411  5.645   -4.046  1.00 0.00  ? 126 HIS A HD1  1 
ATOM   1173 H HE2  . HIS A 1 125 ? -11.108 6.296   -2.698  1.00 0.00  ? 126 HIS A HE2  1 
ATOM   1174 N N    . VAL A 1 126 ? -6.902  3.573   -8.202  1.00 12.52 ? 127 VAL A N    1 
ATOM   1175 C CA   . VAL A 1 126 ? -6.238  2.684   -9.144  1.00 11.64 ? 127 VAL A CA   1 
ATOM   1176 C C    . VAL A 1 126 ? -5.707  1.424   -8.489  1.00 12.10 ? 127 VAL A C    1 
ATOM   1177 O O    . VAL A 1 126 ? -4.874  1.500   -7.595  1.00 11.61 ? 127 VAL A O    1 
ATOM   1178 C CB   . VAL A 1 126 ? -5.075  3.431   -9.825  1.00 10.05 ? 127 VAL A CB   1 
ATOM   1179 C CG1  . VAL A 1 126 ? -4.403  2.541   -10.871 1.00 10.71 ? 127 VAL A CG1  1 
ATOM   1180 C CG2  . VAL A 1 126 ? -5.608  4.615   -10.553 1.00 10.67 ? 127 VAL A CG2  1 
ATOM   1181 H H    . VAL A 1 126 ? -6.436  4.383   -7.897  1.00 0.00  ? 127 VAL A H    1 
ATOM   1182 N N    . VAL A 1 127 ? -6.182  0.258   -8.922  1.00 12.62 ? 128 VAL A N    1 
ATOM   1183 C CA   . VAL A 1 127 ? -5.756  -1.031  -8.438  1.00 11.62 ? 128 VAL A CA   1 
ATOM   1184 C C    . VAL A 1 127 ? -4.554  -1.375  -9.271  1.00 13.14 ? 128 VAL A C    1 
ATOM   1185 O O    . VAL A 1 127 ? -4.530  -1.210  -10.498 1.00 12.95 ? 128 VAL A O    1 
ATOM   1186 C CB   . VAL A 1 127 ? -6.863  -2.074  -8.640  1.00 10.77 ? 128 VAL A CB   1 
ATOM   1187 C CG1  . VAL A 1 127 ? -6.420  -3.449  -8.178  1.00 9.27  ? 128 VAL A CG1  1 
ATOM   1188 C CG2  . VAL A 1 127 ? -8.040  -1.692  -7.809  1.00 9.14  ? 128 VAL A CG2  1 
ATOM   1189 H H    . VAL A 1 127 ? -6.813  0.277   -9.677  1.00 0.00  ? 128 VAL A H    1 
ATOM   1190 N N    . PHE A 1 128 ? -3.515  -1.851  -8.576  1.00 14.78 ? 129 PHE A N    1 
ATOM   1191 C CA   . PHE A 1 128 ? -2.277  -2.169  -9.221  1.00 12.84 ? 129 PHE A CA   1 
ATOM   1192 C C    . PHE A 1 128 ? -1.571  -3.409  -8.732  1.00 12.07 ? 129 PHE A C    1 
ATOM   1193 O O    . PHE A 1 128 ? -0.525  -3.739  -9.283  1.00 11.26 ? 129 PHE A O    1 
ATOM   1194 C CB   . PHE A 1 128 ? -1.398  -0.912  -9.100  1.00 12.62 ? 129 PHE A CB   1 
ATOM   1195 C CG   . PHE A 1 128 ? -0.896  -0.608  -7.709  1.00 12.00 ? 129 PHE A CG   1 
ATOM   1196 C CD1  . PHE A 1 128 ? -1.667  0.089   -6.822  1.00 9.59  ? 129 PHE A CD1  1 
ATOM   1197 C CD2  . PHE A 1 128 ? 0.387   -1.005  -7.368  1.00 12.12 ? 129 PHE A CD2  1 
ATOM   1198 C CE1  . PHE A 1 128 ? -1.153  0.457   -5.603  1.00 10.18 ? 129 PHE A CE1  1 
ATOM   1199 C CE2  . PHE A 1 128 ? 0.875   -0.648  -6.134  1.00 10.36 ? 129 PHE A CE2  1 
ATOM   1200 C CZ   . PHE A 1 128 ? 0.121   0.112   -5.253  1.00 10.39 ? 129 PHE A CZ   1 
ATOM   1201 H H    . PHE A 1 128 ? -3.592  -1.941  -7.600  1.00 0.00  ? 129 PHE A H    1 
ATOM   1202 N N    . GLY A 1 129 ? -2.069  -4.159  -7.773  1.00 9.92  ? 130 GLY A N    1 
ATOM   1203 C CA   . GLY A 1 129 ? -1.362  -5.317  -7.361  1.00 11.81 ? 130 GLY A CA   1 
ATOM   1204 C C    . GLY A 1 129 ? -2.229  -6.102  -6.446  1.00 13.60 ? 130 GLY A C    1 
ATOM   1205 O O    . GLY A 1 129 ? -3.393  -5.747  -6.284  1.00 12.57 ? 130 GLY A O    1 
ATOM   1206 H H    . GLY A 1 129 ? -2.928  -3.963  -7.344  1.00 0.00  ? 130 GLY A H    1 
ATOM   1207 N N    . LYS A 1 130 ? -1.697  -7.155  -5.845  1.00 15.89 ? 131 LYS A N    1 
ATOM   1208 C CA   . LYS A 1 130 ? -2.430  -7.977  -4.903  1.00 18.67 ? 131 LYS A CA   1 
ATOM   1209 C C    . LYS A 1 130 ? -1.443  -8.765  -4.052  1.00 16.58 ? 131 LYS A C    1 
ATOM   1210 O O    . LYS A 1 130 ? -0.390  -9.126  -4.533  1.00 16.17 ? 131 LYS A O    1 
ATOM   1211 C CB   . LYS A 1 130 ? -3.372  -9.005  -5.595  1.00 23.11 ? 131 LYS A CB   1 
ATOM   1212 C CG   . LYS A 1 130 ? -2.606  -9.896  -6.560  1.00 29.12 ? 131 LYS A CG   1 
ATOM   1213 C CD   . LYS A 1 130 ? -3.297  -11.178 -6.936  1.00 33.23 ? 131 LYS A CD   1 
ATOM   1214 C CE   . LYS A 1 130 ? -2.326  -12.339 -6.699  1.00 37.69 ? 131 LYS A CE   1 
ATOM   1215 N NZ   . LYS A 1 130 ? -1.051  -12.208 -7.395  1.00 40.49 ? 131 LYS A NZ   1 
ATOM   1216 H H    . LYS A 1 130 ? -0.758  -7.386  -6.029  1.00 0.00  ? 131 LYS A H    1 
ATOM   1217 H HZ1  . LYS A 1 130 ? -1.117  -12.128 -8.439  1.00 0.00  ? 131 LYS A HZ1  1 
ATOM   1218 H HZ2  . LYS A 1 130 ? -0.534  -11.364 -7.102  1.00 0.00  ? 131 LYS A HZ2  1 
ATOM   1219 H HZ3  . LYS A 1 130 ? -0.447  -13.035 -7.253  1.00 0.00  ? 131 LYS A HZ3  1 
ATOM   1220 N N    . VAL A 1 131 ? -1.804  -9.108  -2.840  1.00 15.04 ? 132 VAL A N    1 
ATOM   1221 C CA   . VAL A 1 131 ? -1.026  -9.842  -1.881  1.00 16.62 ? 132 VAL A CA   1 
ATOM   1222 C C    . VAL A 1 131 ? -0.824  -11.220 -2.495  1.00 19.79 ? 132 VAL A C    1 
ATOM   1223 O O    . VAL A 1 131 ? -1.773  -11.756 -3.079  1.00 21.70 ? 132 VAL A O    1 
ATOM   1224 C CB   . VAL A 1 131 ? -1.837  -9.886  -0.555  1.00 14.83 ? 132 VAL A CB   1 
ATOM   1225 C CG1  . VAL A 1 131 ? -1.269  -10.879 0.428   1.00 13.16 ? 132 VAL A CG1  1 
ATOM   1226 C CG2  . VAL A 1 131 ? -1.710  -8.598  0.160   1.00 10.71 ? 132 VAL A CG2  1 
ATOM   1227 H H    . VAL A 1 131 ? -2.722  -8.878  -2.594  1.00 0.00  ? 132 VAL A H    1 
ATOM   1228 N N    . LYS A 1 132 ? 0.390   -11.773 -2.414  1.00 20.70 ? 133 LYS A N    1 
ATOM   1229 C CA   . LYS A 1 132 ? 0.751   -13.043 -3.016  1.00 23.23 ? 133 LYS A CA   1 
ATOM   1230 C C    . LYS A 1 132 ? 0.947   -13.964 -1.821  1.00 23.67 ? 133 LYS A C    1 
ATOM   1231 O O    . LYS A 1 132 ? 0.212   -14.944 -1.709  1.00 23.73 ? 133 LYS A O    1 
ATOM   1232 C CB   . LYS A 1 132 ? 1.997   -12.721 -3.841  1.00 25.81 ? 133 LYS A CB   1 
ATOM   1233 C CG   . LYS A 1 132 ? 2.513   -13.673 -4.901  1.00 29.93 ? 133 LYS A CG   1 
ATOM   1234 C CD   . LYS A 1 132 ? 3.397   -12.838 -5.828  1.00 33.46 ? 133 LYS A CD   1 
ATOM   1235 C CE   . LYS A 1 132 ? 4.133   -13.637 -6.915  1.00 37.49 ? 133 LYS A CE   1 
ATOM   1236 N NZ   . LYS A 1 132 ? 4.519   -12.824 -8.075  1.00 40.51 ? 133 LYS A NZ   1 
ATOM   1237 H H    . LYS A 1 132 ? 1.065   -11.314 -1.872  1.00 0.00  ? 133 LYS A H    1 
ATOM   1238 H HZ1  . LYS A 1 132 ? 4.995   -11.956 -7.771  1.00 0.00  ? 133 LYS A HZ1  1 
ATOM   1239 H HZ2  . LYS A 1 132 ? 5.257   -13.283 -8.664  1.00 0.00  ? 133 LYS A HZ2  1 
ATOM   1240 H HZ3  . LYS A 1 132 ? 3.744   -12.551 -8.708  1.00 0.00  ? 133 LYS A HZ3  1 
ATOM   1241 N N    . GLU A 1 133 ? 1.855   -13.699 -0.871  1.00 22.21 ? 134 GLU A N    1 
ATOM   1242 C CA   . GLU A 1 133 ? 1.900   -14.497 0.345   1.00 21.10 ? 134 GLU A CA   1 
ATOM   1243 C C    . GLU A 1 133 ? 1.729   -13.609 1.537   1.00 18.01 ? 134 GLU A C    1 
ATOM   1244 O O    . GLU A 1 133 ? 2.043   -12.433 1.470   1.00 17.78 ? 134 GLU A O    1 
ATOM   1245 C CB   . GLU A 1 133 ? 3.210   -15.203 0.512   1.00 24.94 ? 134 GLU A CB   1 
ATOM   1246 C CG   . GLU A 1 133 ? 3.354   -16.337 -0.467  1.00 30.16 ? 134 GLU A CG   1 
ATOM   1247 C CD   . GLU A 1 133 ? 4.751   -16.351 -0.992  1.00 33.88 ? 134 GLU A CD   1 
ATOM   1248 O OE1  . GLU A 1 133 ? 5.601   -16.961 -0.332  1.00 38.26 ? 134 GLU A OE1  1 
ATOM   1249 O OE2  . GLU A 1 133 ? 5.015   -15.757 -2.034  1.00 34.50 ? 134 GLU A OE2  1 
ATOM   1250 H H    . GLU A 1 133 ? 2.525   -12.995 -0.993  1.00 0.00  ? 134 GLU A H    1 
ATOM   1251 N N    . GLY A 1 134 ? 1.237   -14.091 2.653   1.00 15.99 ? 135 GLY A N    1 
ATOM   1252 C CA   . GLY A 1 134 ? 1.170   -13.251 3.832   1.00 16.84 ? 135 GLY A CA   1 
ATOM   1253 C C    . GLY A 1 134 ? -0.140  -12.527 4.047   1.00 16.28 ? 135 GLY A C    1 
ATOM   1254 O O    . GLY A 1 134 ? -0.186  -11.508 4.738   1.00 15.51 ? 135 GLY A O    1 
ATOM   1255 H H    . GLY A 1 134 ? 0.963   -15.039 2.681   1.00 0.00  ? 135 GLY A H    1 
ATOM   1256 N N    . MET A 1 135 ? -1.259  -13.069 3.548   1.00 16.98 ? 136 MET A N    1 
ATOM   1257 C CA   . MET A 1 135 ? -2.542  -12.423 3.748   1.00 16.62 ? 136 MET A CA   1 
ATOM   1258 C C    . MET A 1 135 ? -2.893  -12.489 5.214   1.00 16.18 ? 136 MET A C    1 
ATOM   1259 O O    . MET A 1 135 ? -3.393  -11.539 5.834   1.00 15.04 ? 136 MET A O    1 
ATOM   1260 C CB   . MET A 1 135 ? -3.606  -13.109 2.900   1.00 17.36 ? 136 MET A CB   1 
ATOM   1261 C CG   . MET A 1 135 ? -4.966  -12.341 2.865   1.00 19.18 ? 136 MET A CG   1 
ATOM   1262 S SD   . MET A 1 135 ? -4.864  -10.637 2.246   1.00 21.39 ? 136 MET A SD   1 
ATOM   1263 C CE   . MET A 1 135 ? -5.833  -9.714  3.402   1.00 19.19 ? 136 MET A CE   1 
ATOM   1264 H H    . MET A 1 135 ? -1.183  -13.875 3.000   1.00 0.00  ? 136 MET A H    1 
ATOM   1265 N N    . ASN A 1 136 ? -2.454  -13.584 5.810   1.00 16.15 ? 137 ASN A N    1 
ATOM   1266 C CA   . ASN A 1 136 ? -2.640  -13.771 7.225   1.00 15.67 ? 137 ASN A CA   1 
ATOM   1267 C C    . ASN A 1 136 ? -1.847  -12.751 8.012   1.00 15.35 ? 137 ASN A C    1 
ATOM   1268 O O    . ASN A 1 136 ? -2.207  -12.497 9.159   1.00 17.00 ? 137 ASN A O    1 
ATOM   1269 C CB   . ASN A 1 136 ? -2.214  -15.179 7.602   1.00 17.08 ? 137 ASN A CB   1 
ATOM   1270 C CG   . ASN A 1 136 ? -0.738  -15.483 7.413   1.00 19.12 ? 137 ASN A CG   1 
ATOM   1271 O OD1  . ASN A 1 136 ? -0.180  -15.295 6.335   1.00 18.66 ? 137 ASN A OD1  1 
ATOM   1272 N ND2  . ASN A 1 136 ? -0.033  -15.998 8.399   1.00 19.99 ? 137 ASN A ND2  1 
ATOM   1273 H H    . ASN A 1 136 ? -1.997  -14.279 5.296   1.00 0.00  ? 137 ASN A H    1 
ATOM   1274 H HD21 . ASN A 1 136 ? 0.922   -16.173 8.252   1.00 0.00  ? 137 ASN A HD21 1 
ATOM   1275 H HD22 . ASN A 1 136 ? -0.483  -16.223 9.243   1.00 0.00  ? 137 ASN A HD22 1 
ATOM   1276 N N    . ILE A 1 137 ? -0.791  -12.112 7.484   1.00 14.98 ? 138 ILE A N    1 
ATOM   1277 C CA   . ILE A 1 137 ? -0.051  -11.102 8.235   1.00 13.95 ? 138 ILE A CA   1 
ATOM   1278 C C    . ILE A 1 137 ? -0.879  -9.813  8.089   1.00 14.86 ? 138 ILE A C    1 
ATOM   1279 O O    . ILE A 1 137 ? -1.046  -9.070  9.055   1.00 16.36 ? 138 ILE A O    1 
ATOM   1280 C CB   . ILE A 1 137 ? 1.413   -10.980 7.648   1.00 12.69 ? 138 ILE A CB   1 
ATOM   1281 C CG1  . ILE A 1 137 ? 2.175   -12.274 7.847   1.00 12.95 ? 138 ILE A CG1  1 
ATOM   1282 C CG2  . ILE A 1 137 ? 2.157   -9.813  8.308   1.00 9.77  ? 138 ILE A CG2  1 
ATOM   1283 C CD1  . ILE A 1 137 ? 2.237   -12.819 9.270   1.00 12.85 ? 138 ILE A CD1  1 
ATOM   1284 H H    . ILE A 1 137 ? -0.522  -12.286 6.561   1.00 0.00  ? 138 ILE A H    1 
ATOM   1285 N N    . VAL A 1 138 ? -1.532  -9.511  6.968   1.00 15.92 ? 139 VAL A N    1 
ATOM   1286 C CA   . VAL A 1 138 ? -2.431  -8.347  6.877   1.00 16.46 ? 139 VAL A CA   1 
ATOM   1287 C C    . VAL A 1 138 ? -3.621  -8.537  7.840   1.00 18.15 ? 139 VAL A C    1 
ATOM   1288 O O    . VAL A 1 138 ? -3.980  -7.609  8.565   1.00 19.60 ? 139 VAL A O    1 
ATOM   1289 C CB   . VAL A 1 138 ? -2.899  -8.207  5.401   1.00 16.38 ? 139 VAL A CB   1 
ATOM   1290 C CG1  . VAL A 1 138 ? -3.739  -6.947  5.310   1.00 17.55 ? 139 VAL A CG1  1 
ATOM   1291 C CG2  . VAL A 1 138 ? -1.728  -8.035  4.401   1.00 12.01 ? 139 VAL A CG2  1 
ATOM   1292 H H    . VAL A 1 138 ? -1.395  -10.080 6.179   1.00 0.00  ? 139 VAL A H    1 
ATOM   1293 N N    . GLU A 1 139 ? -4.283  -9.694  7.963   1.00 19.27 ? 140 GLU A N    1 
ATOM   1294 C CA   . GLU A 1 139 ? -5.313  -9.874  8.974   1.00 22.06 ? 140 GLU A CA   1 
ATOM   1295 C C    . GLU A 1 139 ? -4.776  -9.633  10.368  1.00 22.20 ? 140 GLU A C    1 
ATOM   1296 O O    . GLU A 1 139 ? -5.457  -9.093  11.235  1.00 21.78 ? 140 GLU A O    1 
ATOM   1297 C CB   . GLU A 1 139 ? -5.851  -11.256 8.978   1.00 25.40 ? 140 GLU A CB   1 
ATOM   1298 C CG   . GLU A 1 139 ? -6.553  -11.705 7.719   1.00 31.50 ? 140 GLU A CG   1 
ATOM   1299 C CD   . GLU A 1 139 ? -6.796  -13.212 7.737   1.00 36.56 ? 140 GLU A CD   1 
ATOM   1300 O OE1  . GLU A 1 139 ? -7.120  -13.765 8.809   1.00 40.04 ? 140 GLU A OE1  1 
ATOM   1301 O OE2  . GLU A 1 139 ? -6.600  -13.830 6.688   1.00 37.95 ? 140 GLU A OE2  1 
ATOM   1302 H H    . GLU A 1 139 ? -4.126  -10.413 7.313   1.00 0.00  ? 140 GLU A H    1 
ATOM   1303 N N    . ALA A 1 140 ? -3.546  -10.052 10.658  1.00 20.75 ? 141 ALA A N    1 
ATOM   1304 C CA   . ALA A 1 140 ? -2.962  -9.798  11.957  1.00 21.19 ? 141 ALA A CA   1 
ATOM   1305 C C    . ALA A 1 140 ? -2.764  -8.297  12.204  1.00 20.39 ? 141 ALA A C    1 
ATOM   1306 O O    . ALA A 1 140 ? -2.981  -7.796  13.306  1.00 19.63 ? 141 ALA A O    1 
ATOM   1307 C CB   . ALA A 1 140 ? -1.628  -10.532 12.027  1.00 20.40 ? 141 ALA A CB   1 
ATOM   1308 H H    . ALA A 1 140 ? -3.019  -10.511 9.971   1.00 0.00  ? 141 ALA A H    1 
ATOM   1309 N N    . MET A 1 141 ? -2.416  -7.528  11.180  1.00 19.77 ? 142 MET A N    1 
ATOM   1310 C CA   . MET A 1 141 ? -2.213  -6.087  11.276  1.00 21.07 ? 142 MET A CA   1 
ATOM   1311 C C    . MET A 1 141 ? -3.521  -5.399  11.520  1.00 22.60 ? 142 MET A C    1 
ATOM   1312 O O    . MET A 1 141 ? -3.572  -4.402  12.239  1.00 22.82 ? 142 MET A O    1 
ATOM   1313 C CB   . MET A 1 141 ? -1.658  -5.490  9.983   1.00 21.41 ? 142 MET A CB   1 
ATOM   1314 C CG   . MET A 1 141 ? -0.248  -5.855  9.629   1.00 22.17 ? 142 MET A CG   1 
ATOM   1315 S SD   . MET A 1 141 ? 0.092   -5.473  7.910   1.00 24.27 ? 142 MET A SD   1 
ATOM   1316 C CE   . MET A 1 141 ? -0.186  -3.756  8.155   1.00 21.23 ? 142 MET A CE   1 
ATOM   1317 H H    . MET A 1 141 ? -2.289  -7.957  10.306  1.00 0.00  ? 142 MET A H    1 
ATOM   1318 N N    . GLU A 1 142 ? -4.595  -5.895  10.903  1.00 23.49 ? 143 GLU A N    1 
ATOM   1319 C CA   . GLU A 1 142 ? -5.915  -5.323  11.063  1.00 24.21 ? 143 GLU A CA   1 
ATOM   1320 C C    . GLU A 1 142 ? -6.370  -5.184  12.474  1.00 24.64 ? 143 GLU A C    1 
ATOM   1321 O O    . GLU A 1 142 ? -7.050  -4.231  12.828  1.00 23.24 ? 143 GLU A O    1 
ATOM   1322 C CB   . GLU A 1 142 ? -7.009  -6.122  10.493  1.00 25.52 ? 143 GLU A CB   1 
ATOM   1323 C CG   . GLU A 1 142 ? -7.145  -6.263  9.033   1.00 26.14 ? 143 GLU A CG   1 
ATOM   1324 C CD   . GLU A 1 142 ? -8.519  -6.840  8.835   1.00 26.81 ? 143 GLU A CD   1 
ATOM   1325 O OE1  . GLU A 1 142 ? -8.747  -8.035  8.954   1.00 27.06 ? 143 GLU A OE1  1 
ATOM   1326 O OE2  . GLU A 1 142 ? -9.409  -6.066  8.551   1.00 28.00 ? 143 GLU A OE2  1 
ATOM   1327 H H    . GLU A 1 142 ? -4.495  -6.634  10.263  1.00 0.00  ? 143 GLU A H    1 
ATOM   1328 N N    . ARG A 1 143 ? -5.941  -6.117  13.306  1.00 27.44 ? 144 ARG A N    1 
ATOM   1329 C CA   . ARG A 1 143 ? -6.381  -6.189  14.665  1.00 29.94 ? 144 ARG A CA   1 
ATOM   1330 C C    . ARG A 1 143 ? -5.834  -5.033  15.472  1.00 28.74 ? 144 ARG A C    1 
ATOM   1331 O O    . ARG A 1 143 ? -6.307  -4.797  16.580  1.00 30.55 ? 144 ARG A O    1 
ATOM   1332 C CB   . ARG A 1 143 ? -5.967  -7.570  15.237  1.00 35.33 ? 144 ARG A CB   1 
ATOM   1333 C CG   . ARG A 1 143 ? -6.459  -8.744  14.337  1.00 41.88 ? 144 ARG A CG   1 
ATOM   1334 C CD   . ARG A 1 143 ? -6.481  -10.155 14.972  1.00 48.74 ? 144 ARG A CD   1 
ATOM   1335 N NE   . ARG A 1 143 ? -6.156  -11.308 14.103  1.00 54.19 ? 144 ARG A NE   1 
ATOM   1336 C CZ   . ARG A 1 143 ? -6.880  -11.734 13.041  1.00 56.94 ? 144 ARG A CZ   1 
ATOM   1337 N NH1  . ARG A 1 143 ? -8.003  -11.092 12.694  1.00 58.65 ? 144 ARG A NH1  1 
ATOM   1338 N NH2  . ARG A 1 143 ? -6.481  -12.816 12.331  1.00 58.62 ? 144 ARG A NH2  1 
ATOM   1339 H H    . ARG A 1 143 ? -5.300  -6.780  12.970  1.00 0.00  ? 144 ARG A H    1 
ATOM   1340 H HE   . ARG A 1 143 ? -5.318  -11.772 14.329  1.00 0.00  ? 144 ARG A HE   1 
ATOM   1341 H HH11 . ARG A 1 143 ? -8.290  -10.258 13.162  1.00 0.00  ? 144 ARG A HH11 1 
ATOM   1342 H HH12 . ARG A 1 143 ? -8.494  -11.261 11.823  1.00 0.00  ? 144 ARG A HH12 1 
ATOM   1343 H HH21 . ARG A 1 143 ? -5.654  -13.350 12.551  1.00 0.00  ? 144 ARG A HH21 1 
ATOM   1344 H HH22 . ARG A 1 143 ? -6.965  -13.104 11.489  1.00 0.00  ? 144 ARG A HH22 1 
ATOM   1345 N N    . PHE A 1 144 ? -4.897  -4.244  14.968  1.00 24.93 ? 145 PHE A N    1 
ATOM   1346 C CA   . PHE A 1 144 ? -4.397  -3.118  15.734  1.00 21.90 ? 145 PHE A CA   1 
ATOM   1347 C C    . PHE A 1 144 ? -5.006  -1.816  15.301  1.00 19.66 ? 145 PHE A C    1 
ATOM   1348 O O    . PHE A 1 144 ? -4.583  -0.790  15.806  1.00 20.00 ? 145 PHE A O    1 
ATOM   1349 C CB   . PHE A 1 144 ? -2.874  -2.972  15.616  1.00 21.07 ? 145 PHE A CB   1 
ATOM   1350 C CG   . PHE A 1 144 ? -2.136  -4.164  16.156  1.00 19.42 ? 145 PHE A CG   1 
ATOM   1351 C CD1  . PHE A 1 144 ? -2.027  -4.336  17.525  1.00 19.68 ? 145 PHE A CD1  1 
ATOM   1352 C CD2  . PHE A 1 144 ? -1.626  -5.096  15.265  1.00 19.72 ? 145 PHE A CD2  1 
ATOM   1353 C CE1  . PHE A 1 144 ? -1.368  -5.470  18.002  1.00 20.18 ? 145 PHE A CE1  1 
ATOM   1354 C CE2  . PHE A 1 144 ? -0.993  -6.229  15.747  1.00 20.14 ? 145 PHE A CE2  1 
ATOM   1355 C CZ   . PHE A 1 144 ? -0.849  -6.412  17.120  1.00 19.21 ? 145 PHE A CZ   1 
ATOM   1356 H H    . PHE A 1 144 ? -4.542  -4.403  14.067  1.00 0.00  ? 145 PHE A H    1 
ATOM   1357 N N    . GLY A 1 145 ? -5.944  -1.781  14.377  1.00 21.22 ? 146 GLY A N    1 
ATOM   1358 C CA   . GLY A 1 145 ? -6.561  -0.535  13.933  1.00 21.69 ? 146 GLY A CA   1 
ATOM   1359 C C    . GLY A 1 145 ? -7.913  -0.357  14.587  1.00 22.09 ? 146 GLY A C    1 
ATOM   1360 O O    . GLY A 1 145 ? -8.270  -1.125  15.467  1.00 21.13 ? 146 GLY A O    1 
ATOM   1361 H H    . GLY A 1 145 ? -6.344  -2.621  14.069  1.00 0.00  ? 146 GLY A H    1 
ATOM   1362 N N    . SER A 1 146 ? -8.714  0.605   14.158  1.00 23.30 ? 147 SER A N    1 
ATOM   1363 C CA   . SER A 1 146 ? -9.990  0.896   14.794  1.00 24.42 ? 147 SER A CA   1 
ATOM   1364 C C    . SER A 1 146 ? -11.007 1.574   13.888  1.00 24.80 ? 147 SER A C    1 
ATOM   1365 O O    . SER A 1 146 ? -10.666 1.943   12.771  1.00 24.12 ? 147 SER A O    1 
ATOM   1366 C CB   . SER A 1 146 ? -9.747  1.771   16.002  1.00 23.90 ? 147 SER A CB   1 
ATOM   1367 O OG   . SER A 1 146 ? -9.041  2.961   15.700  1.00 26.44 ? 147 SER A OG   1 
ATOM   1368 H H    . SER A 1 146 ? -8.423  1.160   13.401  1.00 0.00  ? 147 SER A H    1 
ATOM   1369 H HG   . SER A 1 146 ? -9.592  3.737   15.563  1.00 0.00  ? 147 SER A HG   1 
ATOM   1370 N N    . ARG A 1 147 ? -12.249 1.815   14.334  1.00 26.71 ? 148 ARG A N    1 
ATOM   1371 C CA   . ARG A 1 147 ? -13.308 2.428   13.538  1.00 27.66 ? 148 ARG A CA   1 
ATOM   1372 C C    . ARG A 1 147 ? -12.855 3.718   12.871  1.00 26.67 ? 148 ARG A C    1 
ATOM   1373 O O    . ARG A 1 147 ? -13.195 3.960   11.720  1.00 26.39 ? 148 ARG A O    1 
ATOM   1374 C CB   . ARG A 1 147 ? -14.543 2.667   14.445  1.00 31.80 ? 148 ARG A CB   1 
ATOM   1375 C CG   . ARG A 1 147 ? -15.719 1.671   14.239  1.00 36.43 ? 148 ARG A CG   1 
ATOM   1376 C CD   . ARG A 1 147 ? -16.940 1.855   15.171  1.00 41.16 ? 148 ARG A CD   1 
ATOM   1377 N NE   . ARG A 1 147 ? -16.720 1.236   16.482  1.00 46.80 ? 148 ARG A NE   1 
ATOM   1378 C CZ   . ARG A 1 147 ? -17.299 1.620   17.641  1.00 48.68 ? 148 ARG A CZ   1 
ATOM   1379 N NH1  . ARG A 1 147 ? -18.158 2.647   17.666  1.00 49.30 ? 148 ARG A NH1  1 
ATOM   1380 N NH2  . ARG A 1 147 ? -16.991 0.980   18.791  1.00 49.58 ? 148 ARG A NH2  1 
ATOM   1381 H H    . ARG A 1 147 ? -12.473 1.480   15.222  1.00 0.00  ? 148 ARG A H    1 
ATOM   1382 H HE   . ARG A 1 147 ? -16.102 0.470   16.473  1.00 0.00  ? 148 ARG A HE   1 
ATOM   1383 H HH11 . ARG A 1 147 ? -18.310 3.172   16.825  1.00 0.00  ? 148 ARG A HH11 1 
ATOM   1384 H HH12 . ARG A 1 147 ? -18.554 2.970   18.535  1.00 0.00  ? 148 ARG A HH12 1 
ATOM   1385 H HH21 . ARG A 1 147 ? -16.272 0.275   18.851  1.00 0.00  ? 148 ARG A HH21 1 
ATOM   1386 H HH22 . ARG A 1 147 ? -17.373 1.273   19.685  1.00 0.00  ? 148 ARG A HH22 1 
ATOM   1387 N N    . ASN A 1 148 ? -12.002 4.523   13.516  1.00 25.59 ? 149 ASN A N    1 
ATOM   1388 C CA   . ASN A 1 148 ? -11.514 5.747   12.899  1.00 25.09 ? 149 ASN A CA   1 
ATOM   1389 C C    . ASN A 1 148 ? -10.126 5.629   12.274  1.00 24.31 ? 149 ASN A C    1 
ATOM   1390 O O    . ASN A 1 148 ? -9.517  6.614   11.842  1.00 22.51 ? 149 ASN A O    1 
ATOM   1391 C CB   . ASN A 1 148 ? -11.486 6.877   13.928  1.00 29.35 ? 149 ASN A CB   1 
ATOM   1392 C CG   . ASN A 1 148 ? -10.509 6.689   15.081  1.00 31.81 ? 149 ASN A CG   1 
ATOM   1393 O OD1  . ASN A 1 148 ? -10.107 5.580   15.429  1.00 33.86 ? 149 ASN A OD1  1 
ATOM   1394 N ND2  . ASN A 1 148 ? -10.113 7.737   15.766  1.00 33.57 ? 149 ASN A ND2  1 
ATOM   1395 H H    . ASN A 1 148 ? -11.634 4.255   14.378  1.00 0.00  ? 149 ASN A H    1 
ATOM   1396 H HD21 . ASN A 1 148 ? -9.465  7.607   16.485  1.00 0.00  ? 149 ASN A HD21 1 
ATOM   1397 H HD22 . ASN A 1 148 ? -10.478 8.615   15.511  1.00 0.00  ? 149 ASN A HD22 1 
ATOM   1398 N N    . GLY A 1 149 ? -9.535  4.449   12.222  1.00 22.30 ? 150 GLY A N    1 
ATOM   1399 C CA   . GLY A 1 149 ? -8.261  4.312   11.586  1.00 21.36 ? 150 GLY A CA   1 
ATOM   1400 C C    . GLY A 1 149 ? -7.071  4.416   12.493  1.00 21.50 ? 150 GLY A C    1 
ATOM   1401 O O    . GLY A 1 149 ? -6.039  3.933   12.049  1.00 21.29 ? 150 GLY A O    1 
ATOM   1402 H H    . GLY A 1 149 ? -9.963  3.661   12.598  1.00 0.00  ? 150 GLY A H    1 
ATOM   1403 N N    . LYS A 1 150 ? -7.162  4.971   13.707  1.00 22.09 ? 151 LYS A N    1 
ATOM   1404 C CA   . LYS A 1 150 ? -6.014  5.124   14.582  1.00 24.10 ? 151 LYS A CA   1 
ATOM   1405 C C    . LYS A 1 150 ? -5.464  3.763   14.960  1.00 23.59 ? 151 LYS A C    1 
ATOM   1406 O O    . LYS A 1 150 ? -6.248  2.844   15.216  1.00 23.18 ? 151 LYS A O    1 
ATOM   1407 C CB   . LYS A 1 150 ? -6.435  5.902   15.833  1.00 28.38 ? 151 LYS A CB   1 
ATOM   1408 C CG   . LYS A 1 150 ? -6.123  5.387   17.291  1.00 35.90 ? 151 LYS A CG   1 
ATOM   1409 C CD   . LYS A 1 150 ? -6.968  4.177   17.893  1.00 39.98 ? 151 LYS A CD   1 
ATOM   1410 C CE   . LYS A 1 150 ? -6.646  3.616   19.319  1.00 41.24 ? 151 LYS A CE   1 
ATOM   1411 N NZ   . LYS A 1 150 ? -7.206  2.278   19.540  1.00 42.93 ? 151 LYS A NZ   1 
ATOM   1412 H H    . LYS A 1 150 ? -8.047  5.170   14.061  1.00 0.00  ? 151 LYS A H    1 
ATOM   1413 H HZ1  . LYS A 1 150 ? -8.228  2.257   19.383  1.00 0.00  ? 151 LYS A HZ1  1 
ATOM   1414 H HZ2  . LYS A 1 150 ? -6.759  1.626   18.857  1.00 0.00  ? 151 LYS A HZ2  1 
ATOM   1415 H HZ3  . LYS A 1 150 ? -6.969  1.915   20.494  1.00 0.00  ? 151 LYS A HZ3  1 
ATOM   1416 N N    . THR A 1 151 ? -4.152  3.586   15.084  1.00 23.25 ? 152 THR A N    1 
ATOM   1417 C CA   . THR A 1 151 ? -3.624  2.274   15.408  1.00 22.74 ? 152 THR A CA   1 
ATOM   1418 C C    . THR A 1 151 ? -3.201  2.289   16.858  1.00 24.24 ? 152 THR A C    1 
ATOM   1419 O O    . THR A 1 151 ? -2.806  3.313   17.407  1.00 23.98 ? 152 THR A O    1 
ATOM   1420 C CB   . THR A 1 151 ? -2.432  1.901   14.461  1.00 20.52 ? 152 THR A CB   1 
ATOM   1421 O OG1  . THR A 1 151 ? -1.456  2.935   14.472  1.00 21.37 ? 152 THR A OG1  1 
ATOM   1422 C CG2  . THR A 1 151 ? -2.896  1.717   13.045  1.00 17.94 ? 152 THR A CG2  1 
ATOM   1423 H H    . THR A 1 151 ? -3.524  4.333   14.984  1.00 0.00  ? 152 THR A H    1 
ATOM   1424 H HG1  . THR A 1 151 ? -1.880  3.758   14.189  1.00 0.00  ? 152 THR A HG1  1 
ATOM   1425 N N    . SER A 1 152 ? -3.406  1.162   17.510  1.00 25.95 ? 153 SER A N    1 
ATOM   1426 C CA   . SER A 1 152 ? -3.047  0.933   18.908  1.00 28.82 ? 153 SER A CA   1 
ATOM   1427 C C    . SER A 1 152 ? -1.553  0.745   19.176  1.00 28.89 ? 153 SER A C    1 
ATOM   1428 O O    . SER A 1 152 ? -1.047  0.899   20.297  1.00 29.85 ? 153 SER A O    1 
ATOM   1429 C CB   . SER A 1 152 ? -3.782  -0.298  19.364  1.00 29.13 ? 153 SER A CB   1 
ATOM   1430 O OG   . SER A 1 152 ? -5.073  -0.261  18.764  1.00 35.54 ? 153 SER A OG   1 
ATOM   1431 H H    . SER A 1 152 ? -3.867  0.448   17.032  1.00 0.00  ? 153 SER A H    1 
ATOM   1432 H HG   . SER A 1 152 ? -5.095  -0.881  18.018  1.00 0.00  ? 153 SER A HG   1 
ATOM   1433 N N    . LYS A 1 153 ? -0.823  0.334   18.146  1.00 28.15 ? 154 LYS A N    1 
ATOM   1434 C CA   . LYS A 1 153 ? 0.588   -0.013  18.198  1.00 27.22 ? 154 LYS A CA   1 
ATOM   1435 C C    . LYS A 1 153 ? 1.182   0.608   16.959  1.00 24.67 ? 154 LYS A C    1 
ATOM   1436 O O    . LYS A 1 153 ? 0.428   0.724   16.010  1.00 24.11 ? 154 LYS A O    1 
ATOM   1437 C CB   . LYS A 1 153 ? 0.728   -1.519  18.111  1.00 30.52 ? 154 LYS A CB   1 
ATOM   1438 C CG   . LYS A 1 153 ? 1.132   -2.296  19.345  1.00 34.56 ? 154 LYS A CG   1 
ATOM   1439 C CD   . LYS A 1 153 ? 0.206   -2.185  20.534  1.00 38.68 ? 154 LYS A CD   1 
ATOM   1440 C CE   . LYS A 1 153 ? 0.986   -1.764  21.809  1.00 42.13 ? 154 LYS A CE   1 
ATOM   1441 N NZ   . LYS A 1 153 ? 1.645   -0.469  21.657  1.00 43.84 ? 154 LYS A NZ   1 
ATOM   1442 H H    . LYS A 1 153 ? -1.206  0.384   17.243  1.00 0.00  ? 154 LYS A H    1 
ATOM   1443 H HZ1  . LYS A 1 153 ? 2.302   -0.531  20.840  1.00 0.00  ? 154 LYS A HZ1  1 
ATOM   1444 H HZ2  . LYS A 1 153 ? 0.972   0.305   21.488  1.00 0.00  ? 154 LYS A HZ2  1 
ATOM   1445 H HZ3  . LYS A 1 153 ? 2.290   -0.277  22.443  1.00 0.00  ? 154 LYS A HZ3  1 
ATOM   1446 N N    . LYS A 1 154 ? 2.453   0.939   16.846  1.00 23.64 ? 155 LYS A N    1 
ATOM   1447 C CA   . LYS A 1 154 ? 3.031   1.480   15.624  1.00 24.41 ? 155 LYS A CA   1 
ATOM   1448 C C    . LYS A 1 154 ? 3.372   0.304   14.710  1.00 22.83 ? 155 LYS A C    1 
ATOM   1449 O O    . LYS A 1 154 ? 4.143   -0.588  15.080  1.00 20.12 ? 155 LYS A O    1 
ATOM   1450 C CB   . LYS A 1 154 ? 4.315   2.279   15.947  1.00 26.48 ? 155 LYS A CB   1 
ATOM   1451 C CG   . LYS A 1 154 ? 4.778   3.331   14.907  1.00 30.55 ? 155 LYS A CG   1 
ATOM   1452 C CD   . LYS A 1 154 ? 3.973   4.665   14.988  1.00 34.26 ? 155 LYS A CD   1 
ATOM   1453 C CE   . LYS A 1 154 ? 3.153   5.092   13.721  1.00 36.46 ? 155 LYS A CE   1 
ATOM   1454 N NZ   . LYS A 1 154 ? 3.305   6.493   13.312  1.00 35.80 ? 155 LYS A NZ   1 
ATOM   1455 H H    . LYS A 1 154 ? 3.059   0.749   17.598  1.00 0.00  ? 155 LYS A H    1 
ATOM   1456 H HZ1  . LYS A 1 154 ? 4.302   6.806   13.342  1.00 0.00  ? 155 LYS A HZ1  1 
ATOM   1457 H HZ2  . LYS A 1 154 ? 2.940   6.676   12.361  1.00 0.00  ? 155 LYS A HZ2  1 
ATOM   1458 H HZ3  . LYS A 1 154 ? 2.793   7.162   13.923  1.00 0.00  ? 155 LYS A HZ3  1 
ATOM   1459 N N    . ILE A 1 155 ? 2.854   0.271   13.484  1.00 20.63 ? 156 ILE A N    1 
ATOM   1460 C CA   . ILE A 1 155 ? 3.058   -0.838  12.564  1.00 18.81 ? 156 ILE A CA   1 
ATOM   1461 C C    . ILE A 1 155 ? 4.012   -0.284  11.546  1.00 17.88 ? 156 ILE A C    1 
ATOM   1462 O O    . ILE A 1 155 ? 3.675   0.749   10.956  1.00 16.34 ? 156 ILE A O    1 
ATOM   1463 C CB   . ILE A 1 155 ? 1.752   -1.222  11.865  1.00 19.08 ? 156 ILE A CB   1 
ATOM   1464 C CG1  . ILE A 1 155 ? 0.648   -1.476  12.872  1.00 19.96 ? 156 ILE A CG1  1 
ATOM   1465 C CG2  . ILE A 1 155 ? 1.995   -2.439  10.994  1.00 17.04 ? 156 ILE A CG2  1 
ATOM   1466 C CD1  . ILE A 1 155 ? 0.788   -2.730  13.712  1.00 20.61 ? 156 ILE A CD1  1 
ATOM   1467 H H    . ILE A 1 155 ? 2.307   1.031   13.189  1.00 0.00  ? 156 ILE A H    1 
ATOM   1468 N N    . THR A 1 156 ? 5.185   -0.867  11.300  1.00 16.08 ? 157 THR A N    1 
ATOM   1469 C CA   . THR A 1 156 ? 6.137   -0.287  10.376  1.00 15.49 ? 157 THR A CA   1 
ATOM   1470 C C    . THR A 1 156 ? 6.559   -1.314  9.374   1.00 14.60 ? 157 THR A C    1 
ATOM   1471 O O    . THR A 1 156 ? 6.367   -2.527  9.535   1.00 14.77 ? 157 THR A O    1 
ATOM   1472 C CB   . THR A 1 156 ? 7.376   0.231   11.127  1.00 15.78 ? 157 THR A CB   1 
ATOM   1473 O OG1  . THR A 1 156 ? 7.820   -0.829  11.960  1.00 18.47 ? 157 THR A OG1  1 
ATOM   1474 C CG2  . THR A 1 156 ? 7.081   1.410   12.023  1.00 16.16 ? 157 THR A CG2  1 
ATOM   1475 H H    . THR A 1 156 ? 5.408   -1.736  11.696  1.00 0.00  ? 157 THR A H    1 
ATOM   1476 H HG1  . THR A 1 156 ? 8.533   -0.473  12.506  1.00 0.00  ? 157 THR A HG1  1 
ATOM   1477 N N    . ILE A 1 157 ? 7.104   -0.777  8.296   1.00 13.69 ? 158 ILE A N    1 
ATOM   1478 C CA   . ILE A 1 157 ? 7.665   -1.599  7.258   1.00 13.24 ? 158 ILE A CA   1 
ATOM   1479 C C    . ILE A 1 157 ? 9.099   -1.570  7.673   1.00 15.25 ? 158 ILE A C    1 
ATOM   1480 O O    . ILE A 1 157 ? 9.829   -0.607  7.411   1.00 14.50 ? 158 ILE A O    1 
ATOM   1481 C CB   . ILE A 1 157 ? 7.451   -0.912  5.939   1.00 13.07 ? 158 ILE A CB   1 
ATOM   1482 C CG1  . ILE A 1 157 ? 5.970   -0.828  5.629   1.00 11.19 ? 158 ILE A CG1  1 
ATOM   1483 C CG2  . ILE A 1 157 ? 8.211   -1.673  4.877   1.00 12.61 ? 158 ILE A CG2  1 
ATOM   1484 C CD1  . ILE A 1 157 ? 5.646   -0.108  4.305   1.00 11.33 ? 158 ILE A CD1  1 
ATOM   1485 H H    . ILE A 1 157 ? 7.146   0.197   8.203   1.00 0.00  ? 158 ILE A H    1 
ATOM   1486 N N    . ALA A 1 158 ? 9.505   -2.626  8.360   1.00 16.59 ? 159 ALA A N    1 
ATOM   1487 C CA   . ALA A 1 158 ? 10.859  -2.739  8.862   1.00 18.48 ? 159 ALA A CA   1 
ATOM   1488 C C    . ALA A 1 158 ? 11.798  -2.942  7.688   1.00 18.60 ? 159 ALA A C    1 
ATOM   1489 O O    . ALA A 1 158 ? 12.909  -2.396  7.653   1.00 20.82 ? 159 ALA A O    1 
ATOM   1490 C CB   . ALA A 1 158 ? 10.916  -3.934  9.830   1.00 16.84 ? 159 ALA A CB   1 
ATOM   1491 H H    . ALA A 1 158 ? 8.875   -3.366  8.484   1.00 0.00  ? 159 ALA A H    1 
ATOM   1492 N N    . ASP A 1 159 ? 11.393  -3.701  6.681   1.00 18.80 ? 160 ASP A N    1 
ATOM   1493 C CA   . ASP A 1 159 ? 12.224  -3.856  5.525   1.00 17.77 ? 160 ASP A CA   1 
ATOM   1494 C C    . ASP A 1 159 ? 11.315  -4.111  4.363   1.00 16.01 ? 160 ASP A C    1 
ATOM   1495 O O    . ASP A 1 159 ? 10.143  -4.412  4.548   1.00 14.75 ? 160 ASP A O    1 
ATOM   1496 C CB   . ASP A 1 159 ? 13.183  -5.014  5.747   1.00 22.01 ? 160 ASP A CB   1 
ATOM   1497 C CG   . ASP A 1 159 ? 14.358  -5.005  4.788   1.00 26.15 ? 160 ASP A CG   1 
ATOM   1498 O OD1  . ASP A 1 159 ? 14.606  -4.013  4.099   1.00 28.17 ? 160 ASP A OD1  1 
ATOM   1499 O OD2  . ASP A 1 159 ? 15.094  -5.968  4.763   1.00 29.28 ? 160 ASP A OD2  1 
ATOM   1500 H H    . ASP A 1 159 ? 10.514  -4.139  6.682   1.00 0.00  ? 160 ASP A H    1 
ATOM   1501 N N    . CYS A 1 160 ? 11.797  -3.917  3.154   1.00 17.05 ? 161 CYS A N    1 
ATOM   1502 C CA   . CYS A 1 160 ? 11.039  -4.112  1.924   1.00 16.54 ? 161 CYS A CA   1 
ATOM   1503 C C    . CYS A 1 160 ? 11.989  -4.179  0.745   1.00 16.78 ? 161 CYS A C    1 
ATOM   1504 O O    . CYS A 1 160 ? 13.138  -3.746  0.845   1.00 18.61 ? 161 CYS A O    1 
ATOM   1505 C CB   . CYS A 1 160 ? 10.070  -2.966  1.691   1.00 15.19 ? 161 CYS A CB   1 
ATOM   1506 S SG   . CYS A 1 160 ? 10.696  -1.284  1.806   1.00 15.15 ? 161 CYS A SG   1 
ATOM   1507 H H    . CYS A 1 160 ? 12.760  -3.733  3.047   1.00 0.00  ? 161 CYS A H    1 
ATOM   1508 N N    . GLY A 1 161 ? 11.582  -4.699  -0.392  1.00 15.55 ? 162 GLY A N    1 
ATOM   1509 C CA   . GLY A 1 161 ? 12.437  -4.731  -1.538  1.00 15.89 ? 162 GLY A CA   1 
ATOM   1510 C C    . GLY A 1 161 ? 11.782  -5.606  -2.568  1.00 18.55 ? 162 GLY A C    1 
ATOM   1511 O O    . GLY A 1 161 ? 10.622  -5.967  -2.410  1.00 16.54 ? 162 GLY A O    1 
ATOM   1512 H H    . GLY A 1 161 ? 10.684  -5.094  -0.457  1.00 0.00  ? 162 GLY A H    1 
ATOM   1513 N N    . GLN A 1 162 ? 12.526  -6.047  -3.572  1.00 21.56 ? 163 GLN A N    1 
ATOM   1514 C CA   . GLN A 1 162 ? 11.960  -6.810  -4.646  1.00 25.47 ? 163 GLN A CA   1 
ATOM   1515 C C    . GLN A 1 162 ? 12.367  -8.255  -4.496  1.00 29.05 ? 163 GLN A C    1 
ATOM   1516 O O    . GLN A 1 162 ? 13.456  -8.520  -3.998  1.00 30.68 ? 163 GLN A O    1 
ATOM   1517 C CB   . GLN A 1 162 ? 12.465  -6.218  -5.943  1.00 24.88 ? 163 GLN A CB   1 
ATOM   1518 C CG   . GLN A 1 162 ? 11.798  -6.812  -7.181  1.00 24.68 ? 163 GLN A CG   1 
ATOM   1519 C CD   . GLN A 1 162 ? 11.963  -5.961  -8.422  1.00 25.11 ? 163 GLN A CD   1 
ATOM   1520 O OE1  . GLN A 1 162 ? 12.459  -4.829  -8.392  1.00 25.76 ? 163 GLN A OE1  1 
ATOM   1521 N NE2  . GLN A 1 162 ? 11.555  -6.436  -9.579  1.00 25.77 ? 163 GLN A NE2  1 
ATOM   1522 H H    . GLN A 1 162 ? 13.501  -6.019  -3.495  1.00 0.00  ? 163 GLN A H    1 
ATOM   1523 H HE21 . GLN A 1 162 ? 11.659  -5.898  -10.382 1.00 0.00  ? 163 GLN A HE21 1 
ATOM   1524 H HE22 . GLN A 1 162 ? 11.183  -7.348  -9.604  1.00 0.00  ? 163 GLN A HE22 1 
ATOM   1525 N N    . LEU A 1 163 ? 11.500  -9.172  -4.885  1.00 33.23 ? 164 LEU A N    1 
ATOM   1526 C CA   . LEU A 1 163 ? 11.757  -10.596 -4.871  1.00 39.34 ? 164 LEU A CA   1 
ATOM   1527 C C    . LEU A 1 163 ? 11.853  -11.203 -6.274  1.00 44.98 ? 164 LEU A C    1 
ATOM   1528 O O    . LEU A 1 163 ? 12.592  -12.170 -6.437  1.00 48.13 ? 164 LEU A O    1 
ATOM   1529 C CB   . LEU A 1 163 ? 10.655  -11.376 -4.139  1.00 36.69 ? 164 LEU A CB   1 
ATOM   1530 C CG   . LEU A 1 163 ? 10.388  -11.294 -2.649  1.00 35.83 ? 164 LEU A CG   1 
ATOM   1531 C CD1  . LEU A 1 163 ? 9.333   -12.312 -2.266  1.00 35.38 ? 164 LEU A CD1  1 
ATOM   1532 C CD2  . LEU A 1 163 ? 11.607  -11.678 -1.865  1.00 35.55 ? 164 LEU A CD2  1 
ATOM   1533 H H    . LEU A 1 163 ? 10.669  -8.861  -5.271  1.00 0.00  ? 164 LEU A H    1 
ATOM   1534 N N    . GLU A 1 164 ? 11.159  -10.672 -7.289  1.00 51.35 ? 165 GLU A N    1 
ATOM   1535 C CA   . GLU A 1 164 ? 10.990  -11.243 -8.636  1.00 56.84 ? 165 GLU A CA   1 
ATOM   1536 C C    . GLU A 1 164 ? 10.758  -10.043 -9.579  1.00 57.71 ? 165 GLU A C    1 
ATOM   1537 O O    . GLU A 1 164 ? 10.971  -10.126 -10.787 1.00 58.80 ? 165 GLU A O    1 
ATOM   1538 C CB   . GLU A 1 164 ? 9.747   -12.199 -8.624  1.00 60.66 ? 165 GLU A CB   1 
ATOM   1539 C CG   . GLU A 1 164 ? 9.310   -13.003 -9.878  1.00 65.12 ? 165 GLU A CG   1 
ATOM   1540 C CD   . GLU A 1 164 ? 7.814   -13.076 -10.239 1.00 67.64 ? 165 GLU A CD   1 
ATOM   1541 O OE1  . GLU A 1 164 ? 6.928   -13.043 -9.378  1.00 68.94 ? 165 GLU A OE1  1 
ATOM   1542 O OE2  . GLU A 1 164 ? 7.497   -13.181 -11.430 1.00 69.30 ? 165 GLU A OE2  1 
ATOM   1543 O OXT  . GLU A 1 164 ? 10.341  -8.992  -9.094  1.00 58.64 ? 165 GLU A OXT  1 
ATOM   1544 H H    . GLU A 1 164 ? 10.780  -9.776  -7.196  1.00 0.00  ? 165 GLU A H    1 
HETATM 1545 N N    . HIS B 2 .   ? -7.896  9.572   0.971   1.00 40.37 ? 201 HIS A N    1 
HETATM 1546 C CA   . HIS B 2 .   ? -9.064  8.730   0.837   1.00 39.64 ? 201 HIS A CA   1 
HETATM 1547 C C    . HIS B 2 .   ? -8.425  7.414   0.440   1.00 38.62 ? 201 HIS A C    1 
HETATM 1548 O O    . HIS B 2 .   ? -7.489  7.484   -0.369  1.00 36.33 ? 201 HIS A O    1 
HETATM 1549 C CB   . HIS B 2 .   ? -10.014 9.080   -0.325  1.00 41.79 ? 201 HIS A CB   1 
HETATM 1550 C CG   . HIS B 2 .   ? -10.698 10.435  -0.329  1.00 44.12 ? 201 HIS A CG   1 
HETATM 1551 N ND1  . HIS B 2 .   ? -11.588 10.841  0.585   1.00 45.88 ? 201 HIS A ND1  1 
HETATM 1552 C CD2  . HIS B 2 .   ? -10.420 11.450  -1.202  1.00 44.04 ? 201 HIS A CD2  1 
HETATM 1553 C CE1  . HIS B 2 .   ? -11.826 12.101  0.300   1.00 46.31 ? 201 HIS A CE1  1 
HETATM 1554 N NE2  . HIS B 2 .   ? -11.112 12.448  -0.754  1.00 45.53 ? 201 HIS A NE2  1 
HETATM 1555 H H1   . HIS B 2 .   ? -7.346  9.569   0.082   1.00 0.00  ? 201 HIS A H1   1 
HETATM 1556 H H2   . HIS B 2 .   ? -8.071  10.516  1.332   1.00 0.00  ? 201 HIS A H2   1 
HETATM 1557 H H3   . HIS B 2 .   ? -7.294  9.084   1.675   1.00 0.00  ? 201 HIS A H3   1 
HETATM 1558 H HD1  . HIS B 2 .   ? -11.812 10.441  1.472   1.00 0.00  ? 201 HIS A HD1  1 
HETATM 1559 H HE2  . HIS B 2 .   ? -11.039 13.365  -1.109  1.00 0.00  ? 201 HIS A HE2  1 
HETATM 1560 N N    . PRO C 3 .   ? -8.915  6.237   0.842   1.00 38.17 ? 202 PRO A N    1 
HETATM 1561 C CA   . PRO C 3 .   ? -10.110 6.066   1.665   1.00 38.38 ? 202 PRO A CA   1 
HETATM 1562 C C    . PRO C 3 .   ? -9.989  6.334   3.173   1.00 38.90 ? 202 PRO A C    1 
HETATM 1563 O O    . PRO C 3 .   ? -10.920 6.026   3.908   1.00 39.32 ? 202 PRO A O    1 
HETATM 1564 C CB   . PRO C 3 .   ? -10.527 4.658   1.291   1.00 37.29 ? 202 PRO A CB   1 
HETATM 1565 C CG   . PRO C 3 .   ? -9.233  3.936   1.123   1.00 36.63 ? 202 PRO A CG   1 
HETATM 1566 C CD   . PRO C 3 .   ? -8.376  4.955   0.424   1.00 36.66 ? 202 PRO A CD   1 
HETATM 1567 O OXT  . PRO C 3 .   ? -9.006  6.930   3.617   1.00 38.96 ? 202 PRO A OXT  1 
HETATM 1568 O O    . HOH D 4 .   ? -10.634 0.905   -9.555  1.00 15.46 ? 203 HOH A O    1 
HETATM 1569 H H1   . HOH D 4 .   ? -9.756  1.317   -9.528  1.00 0.00  ? 203 HOH A H1   1 
HETATM 1570 H H2   . HOH D 4 .   ? -10.428 0.108   -10.066 1.00 0.00  ? 203 HOH A H2   1 
HETATM 1571 O O    . HOH D 4 .   ? -1.217  8.202   -3.161  1.00 16.76 ? 204 HOH A O    1 
HETATM 1572 H H1   . HOH D 4 .   ? -2.092  8.551   -3.386  1.00 0.00  ? 204 HOH A H1   1 
HETATM 1573 H H2   . HOH D 4 .   ? -1.445  7.273   -3.012  1.00 0.00  ? 204 HOH A H2   1 
HETATM 1574 O O    . HOH D 4 .   ? -8.053  0.219   -11.274 1.00 13.60 ? 205 HOH A O    1 
HETATM 1575 H H1   . HOH D 4 .   ? -8.797  -0.319  -11.556 1.00 0.00  ? 205 HOH A H1   1 
HETATM 1576 H H2   . HOH D 4 .   ? -7.344  -0.087  -11.874 1.00 0.00  ? 205 HOH A H2   1 
HETATM 1577 O O    . HOH D 4 .   ? 2.117   3.320   -7.171  1.00 14.72 ? 206 HOH A O    1 
HETATM 1578 H H1   . HOH D 4 .   ? 2.045   2.510   -7.683  1.00 0.00  ? 206 HOH A H1   1 
HETATM 1579 H H2   . HOH D 4 .   ? 1.451   3.221   -6.482  1.00 0.00  ? 206 HOH A H2   1 
HETATM 1580 O O    . HOH D 4 .   ? 12.776  4.998   -4.673  1.00 16.58 ? 207 HOH A O    1 
HETATM 1581 H H1   . HOH D 4 .   ? 12.700  4.992   -3.716  1.00 0.00  ? 207 HOH A H1   1 
HETATM 1582 H H2   . HOH D 4 .   ? 11.982  4.513   -4.914  1.00 0.00  ? 207 HOH A H2   1 
HETATM 1583 O O    . HOH D 4 .   ? -5.929  6.320   -7.462  1.00 19.03 ? 208 HOH A O    1 
HETATM 1584 H H1   . HOH D 4 .   ? -4.997  6.509   -7.276  1.00 0.00  ? 208 HOH A H1   1 
HETATM 1585 H H2   . HOH D 4 .   ? -6.038  6.846   -8.275  1.00 0.00  ? 208 HOH A H2   1 
HETATM 1586 O O    . HOH D 4 .   ? -6.198  -0.813  -12.905 1.00 15.72 ? 209 HOH A O    1 
HETATM 1587 H H1   . HOH D 4 .   ? -5.751  -0.447  -13.686 1.00 0.00  ? 209 HOH A H1   1 
HETATM 1588 H H2   . HOH D 4 .   ? -5.451  -0.920  -12.287 1.00 0.00  ? 209 HOH A H2   1 
HETATM 1589 O O    . HOH D 4 .   ? -3.698  -14.202 11.070  1.00 41.08 ? 210 HOH A O    1 
HETATM 1590 H H1   . HOH D 4 .   ? -3.101  -13.611 10.593  1.00 0.00  ? 210 HOH A H1   1 
HETATM 1591 H H2   . HOH D 4 .   ? -4.418  -14.312 10.430  1.00 0.00  ? 210 HOH A H2   1 
HETATM 1592 O O    . HOH D 4 .   ? 1.909   6.256   6.419   1.00 16.52 ? 211 HOH A O    1 
HETATM 1593 H H1   . HOH D 4 .   ? 2.582   6.956   6.364   1.00 0.00  ? 211 HOH A H1   1 
HETATM 1594 H H2   . HOH D 4 .   ? 2.461   5.495   6.669   1.00 0.00  ? 211 HOH A H2   1 
HETATM 1595 O O    . HOH D 4 .   ? 1.117   2.636   13.077  1.00 15.24 ? 212 HOH A O    1 
HETATM 1596 H H1   . HOH D 4 .   ? 0.605   2.548   12.263  1.00 0.00  ? 212 HOH A H1   1 
HETATM 1597 H H2   . HOH D 4 .   ? 0.401   2.597   13.737  1.00 0.00  ? 212 HOH A H2   1 
HETATM 1598 O O    . HOH D 4 .   ? -9.773  9.139   -8.742  1.00 22.65 ? 213 HOH A O    1 
HETATM 1599 H H1   . HOH D 4 .   ? -9.573  8.290   -8.333  1.00 0.00  ? 213 HOH A H1   1 
HETATM 1600 H H2   . HOH D 4 .   ? -9.046  9.201   -9.389  1.00 0.00  ? 213 HOH A H2   1 
HETATM 1601 O O    . HOH D 4 .   ? -2.323  5.882   -11.383 1.00 19.61 ? 214 HOH A O    1 
HETATM 1602 H H1   . HOH D 4 .   ? -1.550  5.299   -11.392 1.00 0.00  ? 214 HOH A H1   1 
HETATM 1603 H H2   . HOH D 4 .   ? -1.946  6.757   -11.540 1.00 0.00  ? 214 HOH A H2   1 
HETATM 1604 O O    . HOH D 4 .   ? 7.045   -0.938  14.641  1.00 19.73 ? 215 HOH A O    1 
HETATM 1605 H H1   . HOH D 4 .   ? 6.939   -1.220  13.721  1.00 0.00  ? 215 HOH A H1   1 
HETATM 1606 H H2   . HOH D 4 .   ? 6.137   -0.677  14.866  1.00 0.00  ? 215 HOH A H2   1 
HETATM 1607 O O    . HOH D 4 .   ? -15.043 4.140   2.014   1.00 19.34 ? 216 HOH A O    1 
HETATM 1608 H H1   . HOH D 4 .   ? -15.907 4.324   2.404   1.00 0.00  ? 216 HOH A H1   1 
HETATM 1609 H H2   . HOH D 4 .   ? -14.480 4.674   2.598   1.00 0.00  ? 216 HOH A H2   1 
HETATM 1610 O O    . HOH D 4 .   ? 12.600  1.831   0.660   1.00 20.26 ? 217 HOH A O    1 
HETATM 1611 H H1   . HOH D 4 .   ? 12.199  1.504   -0.151  1.00 0.00  ? 217 HOH A H1   1 
HETATM 1612 H H2   . HOH D 4 .   ? 13.176  1.072   0.900   1.00 0.00  ? 217 HOH A H2   1 
HETATM 1613 O O    . HOH D 4 .   ? 1.169   10.513  -1.250  1.00 19.93 ? 218 HOH A O    1 
HETATM 1614 H H1   . HOH D 4 .   ? 0.748   11.222  -1.757  1.00 0.00  ? 218 HOH A H1   1 
HETATM 1615 H H2   . HOH D 4 .   ? 1.346   10.951  -0.400  1.00 0.00  ? 218 HOH A H2   1 
HETATM 1616 O O    . HOH D 4 .   ? -9.598  4.735   -18.059 1.00 44.19 ? 219 HOH A O    1 
HETATM 1617 H H1   . HOH D 4 .   ? -9.216  5.449   -17.490 1.00 0.00  ? 219 HOH A H1   1 
HETATM 1618 H H2   . HOH D 4 .   ? -10.486 4.673   -17.643 1.00 0.00  ? 219 HOH A H2   1 
HETATM 1619 O O    . HOH D 4 .   ? -10.578 -6.624  -11.761 1.00 28.64 ? 220 HOH A O    1 
HETATM 1620 H H1   . HOH D 4 .   ? -10.376 -7.033  -12.606 1.00 0.00  ? 220 HOH A H1   1 
HETATM 1621 H H2   . HOH D 4 .   ? -9.884  -6.974  -11.169 1.00 0.00  ? 220 HOH A H2   1 
HETATM 1622 O O    . HOH D 4 .   ? 0.912   -17.737 5.331   1.00 28.71 ? 221 HOH A O    1 
HETATM 1623 H H1   . HOH D 4 .   ? 0.849   -16.998 5.956   1.00 0.00  ? 221 HOH A H1   1 
HETATM 1624 H H2   . HOH D 4 .   ? 0.287   -18.344 5.790   1.00 0.00  ? 221 HOH A H2   1 
HETATM 1625 O O    . HOH D 4 .   ? -14.180 5.064   9.223   1.00 31.35 ? 222 HOH A O    1 
HETATM 1626 H H1   . HOH D 4 .   ? -15.109 5.101   9.514   1.00 0.00  ? 222 HOH A H1   1 
HETATM 1627 H H2   . HOH D 4 .   ? -13.795 4.586   9.981   1.00 0.00  ? 222 HOH A H2   1 
HETATM 1628 O O    . HOH D 4 .   ? -8.677  -7.033  -9.709  1.00 41.58 ? 223 HOH A O    1 
HETATM 1629 H H1   . HOH D 4 .   ? -7.961  -7.224  -9.095  1.00 0.00  ? 223 HOH A H1   1 
HETATM 1630 H H2   . HOH D 4 .   ? -9.186  -6.371  -9.215  1.00 0.00  ? 223 HOH A H2   1 
HETATM 1631 O O    . HOH D 4 .   ? -7.710  16.164  -12.023 1.00 28.05 ? 224 HOH A O    1 
HETATM 1632 H H1   . HOH D 4 .   ? -7.579  16.464  -11.119 1.00 0.00  ? 224 HOH A H1   1 
HETATM 1633 H H2   . HOH D 4 .   ? -7.542  16.991  -12.533 1.00 0.00  ? 224 HOH A H2   1 
HETATM 1634 O O    . HOH D 4 .   ? -15.236 -4.695  -7.460  1.00 27.24 ? 225 HOH A O    1 
HETATM 1635 H H1   . HOH D 4 .   ? -15.412 -3.748  -7.539  1.00 0.00  ? 225 HOH A H1   1 
HETATM 1636 H H2   . HOH D 4 .   ? -14.859 -4.741  -6.579  1.00 0.00  ? 225 HOH A H2   1 
HETATM 1637 O O    . HOH D 4 .   ? -10.060 10.099  5.849   1.00 40.36 ? 226 HOH A O    1 
HETATM 1638 H H1   . HOH D 4 .   ? -9.435  10.748  6.182   1.00 0.00  ? 226 HOH A H1   1 
HETATM 1639 H H2   . HOH D 4 .   ? -9.514  9.343   5.604   1.00 0.00  ? 226 HOH A H2   1 
HETATM 1640 O O    . HOH D 4 .   ? -12.794 7.305   -13.037 1.00 33.13 ? 227 HOH A O    1 
HETATM 1641 H H1   . HOH D 4 .   ? -12.340 7.948   -12.438 1.00 0.00  ? 227 HOH A H1   1 
HETATM 1642 H H2   . HOH D 4 .   ? -12.908 6.598   -12.379 1.00 0.00  ? 227 HOH A H2   1 
HETATM 1643 O O    . HOH D 4 .   ? -9.409  10.402  -12.784 1.00 26.24 ? 228 HOH A O    1 
HETATM 1644 H H1   . HOH D 4 .   ? -10.130 10.014  -12.256 1.00 0.00  ? 228 HOH A H1   1 
HETATM 1645 H H2   . HOH D 4 .   ? -8.640  10.127  -12.258 1.00 0.00  ? 228 HOH A H2   1 
HETATM 1646 O O    . HOH D 4 .   ? -2.604  5.306   13.442  1.00 29.40 ? 229 HOH A O    1 
HETATM 1647 H H1   . HOH D 4 .   ? -2.070  6.022   13.085  1.00 0.00  ? 229 HOH A H1   1 
HETATM 1648 H H2   . HOH D 4 .   ? -3.222  5.173   12.705  1.00 0.00  ? 229 HOH A H2   1 
HETATM 1649 O O    . HOH D 4 .   ? 1.910   8.554   13.308  1.00 38.72 ? 230 HOH A O    1 
HETATM 1650 H H1   . HOH D 4 .   ? 2.436   9.121   12.716  1.00 0.00  ? 230 HOH A H1   1 
HETATM 1651 H H2   . HOH D 4 .   ? 1.179   9.148   13.517  1.00 0.00  ? 230 HOH A H2   1 
HETATM 1652 O O    . HOH D 4 .   ? 4.078   2.917   5.160   1.00 26.69 ? 231 HOH A O    1 
HETATM 1653 H H1   . HOH D 4 .   ? 4.265   2.038   5.503   1.00 0.00  ? 231 HOH A H1   1 
HETATM 1654 H H2   . HOH D 4 .   ? 4.960   3.199   4.872   1.00 0.00  ? 231 HOH A H2   1 
HETATM 1655 O O    . HOH D 4 .   ? 12.757  7.950   2.366   1.00 39.72 ? 232 HOH A O    1 
HETATM 1656 H H1   . HOH D 4 .   ? 13.532  8.449   2.060   1.00 0.00  ? 232 HOH A H1   1 
HETATM 1657 H H2   . HOH D 4 .   ? 13.138  7.138   2.716   1.00 0.00  ? 232 HOH A H2   1 
HETATM 1658 O O    . HOH D 4 .   ? 7.405   4.360   -15.653 1.00 37.10 ? 233 HOH A O    1 
HETATM 1659 H H1   . HOH D 4 .   ? 7.963   3.609   -15.391 1.00 0.00  ? 233 HOH A H1   1 
HETATM 1660 H H2   . HOH D 4 .   ? 6.894   4.484   -14.834 1.00 0.00  ? 233 HOH A H2   1 
HETATM 1661 O O    . HOH D 4 .   ? -9.070  -10.254 10.575  1.00 44.35 ? 234 HOH A O    1 
HETATM 1662 H H1   . HOH D 4 .   ? -9.023  -9.283  10.457  1.00 0.00  ? 234 HOH A H1   1 
HETATM 1663 H H2   . HOH D 4 .   ? -8.990  -10.466 9.631   1.00 0.00  ? 234 HOH A H2   1 
HETATM 1664 O O    . HOH D 4 .   ? 3.220   12.837  12.388  1.00 28.18 ? 235 HOH A O    1 
HETATM 1665 H H1   . HOH D 4 .   ? 3.355   12.592  11.457  1.00 0.00  ? 235 HOH A H1   1 
HETATM 1666 H H2   . HOH D 4 .   ? 3.911   12.272  12.811  1.00 0.00  ? 235 HOH A H2   1 
HETATM 1667 O O    . HOH D 4 .   ? 9.536   6.843   9.719   1.00 25.40 ? 236 HOH A O    1 
HETATM 1668 H H1   . HOH D 4 .   ? 9.571   6.814   8.738   1.00 0.00  ? 236 HOH A H1   1 
HETATM 1669 H H2   . HOH D 4 .   ? 9.513   5.897   9.941   1.00 0.00  ? 236 HOH A H2   1 
HETATM 1670 O O    . HOH D 4 .   ? 10.505  5.684   4.964   1.00 27.76 ? 237 HOH A O    1 
HETATM 1671 H H1   . HOH D 4 .   ? 11.231  5.049   5.038   1.00 0.00  ? 237 HOH A H1   1 
HETATM 1672 H H2   . HOH D 4 .   ? 10.378  5.724   4.003   1.00 0.00  ? 237 HOH A H2   1 
HETATM 1673 O O    . HOH D 4 .   ? 14.120  -0.650  0.988   1.00 42.12 ? 238 HOH A O    1 
HETATM 1674 H H1   . HOH D 4 .   ? 13.660  -1.503  1.035   1.00 0.00  ? 238 HOH A H1   1 
HETATM 1675 H H2   . HOH D 4 .   ? 14.701  -0.806  0.237   1.00 0.00  ? 238 HOH A H2   1 
HETATM 1676 O O    . HOH D 4 .   ? 7.557   20.067  6.580   1.00 20.98 ? 239 HOH A O    1 
HETATM 1677 H H1   . HOH D 4 .   ? 7.332   20.831  7.127   1.00 0.00  ? 239 HOH A H1   1 
HETATM 1678 H H2   . HOH D 4 .   ? 8.523   20.119  6.561   1.00 0.00  ? 239 HOH A H2   1 
HETATM 1679 O O    . HOH D 4 .   ? -5.842  10.167  -7.776  1.00 11.56 ? 240 HOH A O    1 
HETATM 1680 H H1   . HOH D 4 .   ? -6.800  10.235  -7.693  1.00 0.00  ? 240 HOH A H1   1 
HETATM 1681 H H2   . HOH D 4 .   ? -5.759  9.410   -8.378  1.00 0.00  ? 240 HOH A H2   1 
HETATM 1682 O O    . HOH D 4 .   ? -15.122 -9.513  1.147   1.00 42.02 ? 241 HOH A O    1 
HETATM 1683 H H1   . HOH D 4 .   ? -15.964 -9.974  1.188   1.00 0.00  ? 241 HOH A H1   1 
HETATM 1684 H H2   . HOH D 4 .   ? -14.575 -10.036 1.745   1.00 0.00  ? 241 HOH A H2   1 
HETATM 1685 O O    . HOH D 4 .   ? 5.266   11.366  13.384  1.00 35.63 ? 242 HOH A O    1 
HETATM 1686 H H1   . HOH D 4 .   ? 5.260   10.389  13.338  1.00 0.00  ? 242 HOH A H1   1 
HETATM 1687 H H2   . HOH D 4 .   ? 5.813   11.476  14.167  1.00 0.00  ? 242 HOH A H2   1 
HETATM 1688 O O    . HOH D 4 .   ? -13.948 -1.540  12.099  1.00 48.89 ? 243 HOH A O    1 
HETATM 1689 H H1   . HOH D 4 .   ? -14.112 -2.356  11.612  1.00 0.00  ? 243 HOH A H1   1 
HETATM 1690 H H2   . HOH D 4 .   ? -13.533 -1.006  11.418  1.00 0.00  ? 243 HOH A H2   1 
HETATM 1691 O O    . HOH D 4 .   ? 16.533  -2.454  -8.188  1.00 45.00 ? 244 HOH A O    1 
HETATM 1692 H H1   . HOH D 4 .   ? 16.064  -1.674  -8.515  1.00 0.00  ? 244 HOH A H1   1 
HETATM 1693 H H2   . HOH D 4 .   ? 17.168  -2.056  -7.597  1.00 0.00  ? 244 HOH A H2   1 
HETATM 1694 O O    . HOH D 4 .   ? -7.470  18.494  -13.322 1.00 37.35 ? 245 HOH A O    1 
HETATM 1695 H H1   . HOH D 4 .   ? -8.335  18.925  -13.217 1.00 0.00  ? 245 HOH A H1   1 
HETATM 1696 H H2   . HOH D 4 .   ? -6.950  19.144  -13.808 1.00 0.00  ? 245 HOH A H2   1 
HETATM 1697 O O    . HOH D 4 .   ? -5.201  9.394   5.753   1.00 41.61 ? 246 HOH A O    1 
HETATM 1698 H H1   . HOH D 4 .   ? -5.326  9.661   6.671   1.00 0.00  ? 246 HOH A H1   1 
HETATM 1699 H H2   . HOH D 4 .   ? -4.789  10.187  5.377   1.00 0.00  ? 246 HOH A H2   1 
HETATM 1700 O O    . HOH D 4 .   ? -10.987 9.687   -5.233  1.00 41.43 ? 247 HOH A O    1 
HETATM 1701 H H1   . HOH D 4 .   ? -10.991 9.513   -6.186  1.00 0.00  ? 247 HOH A H1   1 
HETATM 1702 H H2   . HOH D 4 .   ? -10.045 9.805   -5.055  1.00 0.00  ? 247 HOH A H2   1 
HETATM 1703 O O    . HOH D 4 .   ? -6.779  8.822   3.245   1.00 31.17 ? 248 HOH A O    1 
HETATM 1704 H H1   . HOH D 4 .   ? -6.269  8.994   4.060   1.00 0.00  ? 248 HOH A H1   1 
HETATM 1705 H H2   . HOH D 4 .   ? -7.303  8.042   3.542   1.00 0.00  ? 248 HOH A H2   1 
HETATM 1706 O O    . HOH D 4 .   ? -13.682 5.567   4.220   1.00 27.24 ? 249 HOH A O    1 
HETATM 1707 H H1   . HOH D 4 .   ? -14.078 5.064   4.962   1.00 0.00  ? 249 HOH A H1   1 
HETATM 1708 H H2   . HOH D 4 .   ? -12.752 5.302   4.241   1.00 0.00  ? 249 HOH A H2   1 
HETATM 1709 O O    . HOH D 4 .   ? -13.086 8.445   3.201   1.00 36.78 ? 250 HOH A O    1 
HETATM 1710 H H1   . HOH D 4 .   ? -13.909 7.937   3.274   1.00 0.00  ? 250 HOH A H1   1 
HETATM 1711 H H2   . HOH D 4 .   ? -12.470 7.717   3.415   1.00 0.00  ? 250 HOH A H2   1 
# 
